data_7YTJ
#
_entry.id   7YTJ
#
_cell.length_a   1.00
_cell.length_b   1.00
_cell.length_c   1.00
_cell.angle_alpha   90.00
_cell.angle_beta   90.00
_cell.angle_gamma   90.00
#
_symmetry.space_group_name_H-M   'P 1'
#
loop_
_entity.id
_entity.type
_entity.pdbx_description
1 polymer 'Vacuolar transporter chaperone 4'
2 polymer 'Vacuolar transporter chaperone 1'
3 polymer 'Vacuolar transporter chaperone 3'
4 non-polymer 'INOSITOL HEXAKISPHOSPHATE'
5 non-polymer 1,2-DIACYL-SN-GLYCERO-3-PHOSPHOCHOLINE
6 non-polymer 'PHOSPHATE ION'
#
loop_
_entity_poly.entity_id
_entity_poly.type
_entity_poly.pdbx_seq_one_letter_code
_entity_poly.pdbx_strand_id
1 'polypeptide(L)'
;MAKFGEHLSKSLIRQYSYYYISYDDLKTELEDNLSKNNGQWTQELETDFLESLEIELDKVYTFCKVKHSEVFRRVKEVQE
QVQHTVRLLDSNNPPTQLDFEILEEELSDIIADVHDLAKFSRLNYTGFQKIIKKHDKKTGFILKPVFQVRLDSKPFFKEN
YDELVVKISQLYDIARTSGRPIKGDSSAGGKQQNFVRQTTKYWVHPDNITELKLIILKHLPVLVFNTNKEFEREDSAITS
IYFDNENLDLYYGRLRKDEGAEAHALAWYGGMSTDTIFVERKTHREDWTGEKSVKARFALKERHVNDFLKGKYTVDQVFA
KMRKEGKKPMNEIENLEALASEIQYVMLKKKLRPVVRSFYNRTAFQLPGDARVRISLDTELTMVREDNFDGVDRTHKNWR
RTDIGVDWPFKQLDDKDICRFPYAVLNVKLQTQLGQEPPEWVRELVGSHLVEPVPKFSKFIHGVATLLNDKVDSIPFWLP
QMDVDIRKPPLPTNIEITRPGRSDNEDNDFDEDDEDDAALVAAMTNAPGNSLDIEESVGYGATSAPTSNTNHVVESANAA
YYQRKIRNAENPISKKYYEIVAFFDHYFNGDQISKIPKGTTFDTQIRAPPGKTICVPVRVEPKVYFATERTYLSWLSISI
LLGGVSTTLLTYGSPTAMIGSIGFFITSLAVLIRTVMVYAKRVVNIRLKRAVDYEDKIGPGMVSVFLILSILFSFFCNLV
AKLESAWSHPQFEKGGGSGGGSGGSAWSHPQFEK
;
D
2 'polypeptide(L)'
;MASSAPLLQRTPGKKIALPTRVEPKVFFANERTFLSWLNFTVMLGGLGVGLLNFGDKIGRVSAGLFTFVAMGTMIYALVT
YHWRAAAIRRRGSGPYDDRLGPTLLCFFLLVAVIINFILRLKYNDANTKLLESAYPYDVPDYA
;
A,B,C
3 'polypeptide(L)'
;MDYKDDDDKGDYKDDDDKIDYKDDDDKGSMLFGIKLANDVYPPWKDSYIDYERLKKLLKESVIHDGRSSVDSWSERNESD
FVEALDKELEKVYTFQISKYNAVLRKLDDLEENTKSAEKIQKINSEQFKNTLEECLDEAQRLDNFDRLNFTGFIKIVKKH
DKLHPNYPSVKSLLQVRLKELPFNNSEEYSPLLYRISYLYEFLRSNYDHPNTVSKSLASTSKLSHFSNLEDASFKSYKFW
VHDDNIMEVKARILRHLPALVYASVPNENDDFVDNLESDVRVQPEARLNIGSKSNSLSSDGNSNQDVEIGKSKSVIFPQS
YDPTITTLYFDNDFFDLYNNRLLKISGAPTLRLRWIGKLLDKPDIFLEKRTFTENTETGNSSFEEIRLQMKAKFINNFIF
KNDPSYKNYLINQLRERGTQKEELEKLSRDFDNIQNFIVEEKLQPVLRATYNRTAFQIPGDQSIRVTIDSNIMYIREDSL
DKNRPIRNPENWHRDDIDSNIPNPLRFLRAGEYSKFPYSVMEIKVINQDNSQMPNYEWIKDLTNSHLVNEVPKFSLYLQG
VASLFGEDDKYVNILPFWLPDLETDIRKNPQEAYEEEKKTLQKQKSIHDKLDNMRRLSKISVPDGKTTERQGQKDQNTRH
VIADLEDHESSDEEGTALPKKSAVKKGKKFKTNAAFLKILAGKNISENGNDPYSDDTDSASSFQLPPGVKKPVHLLKNAG
PVKVEAKVWLANERTFNRWLSVTTLLSVLTFSIYNSVQKAEFPQLADLLAYVYFFLTLFCGVWAYRTYLKRLTLIKGRSG
KHLDAPVGPILVAVVLIVTLVVNFSVAFKEAARRERGLVNVSSQPSLPRTLKPIQDFIFNLVGE
;
E
#
loop_
_chem_comp.id
_chem_comp.type
_chem_comp.name
_chem_comp.formula
IHP non-polymer 'INOSITOL HEXAKISPHOSPHATE' 'C6 H18 O24 P6'
PC1 non-polymer 1,2-DIACYL-SN-GLYCERO-3-PHOSPHOCHOLINE 'C44 H88 N O8 P'
PO4 non-polymer 'PHOSPHATE ION' 'O4 P -3'
#
# COMPACT_ATOMS: atom_id res chain seq x y z
N MET A 1 -12.02 -6.57 22.39
CA MET A 1 -11.87 -5.92 21.10
C MET A 1 -12.62 -6.69 20.01
N ALA A 2 -12.35 -7.99 19.92
CA ALA A 2 -13.01 -8.85 18.95
C ALA A 2 -12.86 -10.29 19.39
N LYS A 3 -13.88 -11.10 19.10
CA LYS A 3 -13.86 -12.51 19.43
C LYS A 3 -13.08 -13.29 18.37
N PHE A 4 -12.68 -14.51 18.73
CA PHE A 4 -11.82 -15.29 17.84
C PHE A 4 -12.53 -15.68 16.55
N GLY A 5 -13.83 -15.99 16.63
CA GLY A 5 -14.58 -16.31 15.42
C GLY A 5 -14.58 -15.16 14.44
N GLU A 6 -14.72 -13.93 14.94
CA GLU A 6 -14.63 -12.76 14.07
C GLU A 6 -13.24 -12.62 13.47
N HIS A 7 -12.19 -12.91 14.26
CA HIS A 7 -10.84 -12.85 13.73
C HIS A 7 -10.65 -13.84 12.59
N LEU A 8 -11.16 -15.05 12.76
CA LEU A 8 -11.07 -16.06 11.70
C LEU A 8 -11.86 -15.63 10.47
N SER A 9 -13.06 -15.08 10.67
CA SER A 9 -13.85 -14.59 9.53
C SER A 9 -13.16 -13.42 8.84
N LYS A 10 -12.35 -12.66 9.56
CA LYS A 10 -11.69 -11.48 9.01
C LYS A 10 -10.36 -11.79 8.35
N SER A 11 -9.71 -12.90 8.71
CA SER A 11 -8.39 -13.22 8.17
C SER A 11 -8.44 -14.11 6.93
N LEU A 12 -9.62 -14.44 6.43
CA LEU A 12 -9.75 -15.31 5.27
C LEU A 12 -9.86 -14.51 3.98
N ILE A 13 -9.65 -15.21 2.86
CA ILE A 13 -9.75 -14.59 1.54
C ILE A 13 -10.71 -15.43 0.68
N ARG A 14 -11.68 -16.06 1.33
CA ARG A 14 -12.74 -16.86 0.70
C ARG A 14 -12.22 -18.18 0.15
N GLN A 15 -10.91 -18.39 0.21
CA GLN A 15 -10.33 -19.67 -0.18
C GLN A 15 -10.03 -20.56 1.01
N TYR A 16 -9.73 -19.96 2.17
CA TYR A 16 -9.54 -20.68 3.42
C TYR A 16 -10.74 -20.50 4.35
N SER A 17 -11.81 -19.86 3.88
CA SER A 17 -12.95 -19.53 4.74
C SER A 17 -13.63 -20.79 5.25
N TYR A 18 -14.00 -21.70 4.36
CA TYR A 18 -14.73 -22.90 4.75
C TYR A 18 -13.89 -23.82 5.62
N TYR A 19 -12.57 -23.83 5.43
CA TYR A 19 -11.70 -24.81 6.06
C TYR A 19 -11.14 -24.35 7.40
N TYR A 20 -11.47 -23.15 7.86
CA TYR A 20 -11.09 -22.73 9.19
C TYR A 20 -11.81 -23.58 10.24
N ILE A 21 -11.23 -23.62 11.44
CA ILE A 21 -11.89 -24.29 12.55
C ILE A 21 -13.25 -23.66 12.82
N SER A 22 -14.23 -24.50 13.13
CA SER A 22 -15.55 -24.04 13.52
C SER A 22 -15.57 -23.72 15.01
N TYR A 23 -14.79 -22.70 15.37
CA TYR A 23 -14.62 -22.33 16.77
C TYR A 23 -15.95 -21.96 17.42
N ASP A 24 -16.75 -21.15 16.72
CA ASP A 24 -18.06 -20.77 17.24
C ASP A 24 -18.96 -21.99 17.39
N ASP A 25 -18.91 -22.92 16.43
CA ASP A 25 -19.74 -24.11 16.50
C ASP A 25 -19.37 -24.98 17.69
N LEU A 26 -18.07 -25.21 17.91
CA LEU A 26 -17.65 -26.00 19.06
C LEU A 26 -18.00 -25.30 20.38
N LYS A 27 -17.80 -23.97 20.43
CA LYS A 27 -18.15 -23.23 21.64
C LYS A 27 -19.64 -23.35 21.95
N THR A 28 -20.47 -23.18 20.92
CA THR A 28 -21.92 -23.29 21.11
C THR A 28 -22.31 -24.69 21.54
N GLU A 29 -21.71 -25.71 20.93
CA GLU A 29 -22.03 -27.09 21.30
C GLU A 29 -21.65 -27.35 22.75
N LEU A 30 -20.46 -26.90 23.17
CA LEU A 30 -20.03 -27.09 24.55
C LEU A 30 -20.97 -26.40 25.52
N GLU A 31 -21.29 -25.13 25.26
CA GLU A 31 -22.15 -24.38 26.16
C GLU A 31 -23.54 -24.98 26.24
N ASP A 32 -24.11 -25.36 25.08
CA ASP A 32 -25.44 -25.94 25.07
C ASP A 32 -25.49 -27.28 25.78
N ASN A 33 -24.49 -28.13 25.56
CA ASN A 33 -24.46 -29.43 26.23
C ASN A 33 -24.29 -29.27 27.73
N LEU A 34 -23.48 -28.30 28.16
CA LEU A 34 -23.34 -28.04 29.59
C LEU A 34 -24.66 -27.53 30.18
N SER A 35 -25.36 -26.66 29.44
CA SER A 35 -26.61 -26.11 29.95
C SER A 35 -27.69 -27.17 30.04
N LYS A 36 -27.79 -28.05 29.04
CA LYS A 36 -28.88 -29.01 28.99
C LYS A 36 -28.75 -30.09 30.06
N ASN A 37 -27.54 -30.34 30.54
CA ASN A 37 -27.29 -31.35 31.56
C ASN A 37 -27.12 -30.75 32.94
N ASN A 38 -27.62 -29.53 33.16
CA ASN A 38 -27.50 -28.83 34.44
C ASN A 38 -26.01 -28.70 34.79
N GLY A 39 -25.29 -27.95 33.97
CA GLY A 39 -23.89 -27.66 34.22
C GLY A 39 -22.97 -28.85 34.31
N GLN A 40 -23.46 -30.06 34.10
CA GLN A 40 -22.70 -31.28 34.31
C GLN A 40 -22.21 -31.85 32.99
N TRP A 41 -21.15 -32.65 33.08
CA TRP A 41 -20.54 -33.29 31.92
C TRP A 41 -20.42 -34.78 32.18
N THR A 42 -20.73 -35.57 31.15
CA THR A 42 -20.71 -37.01 31.26
C THR A 42 -19.89 -37.59 30.12
N GLN A 43 -19.68 -38.92 30.16
CA GLN A 43 -18.84 -39.57 29.17
C GLN A 43 -19.43 -39.46 27.76
N GLU A 44 -20.75 -39.58 27.63
CA GLU A 44 -21.37 -39.49 26.30
C GLU A 44 -21.16 -38.10 25.69
N LEU A 45 -21.32 -37.05 26.50
CA LEU A 45 -21.05 -35.70 26.02
C LEU A 45 -19.58 -35.55 25.62
N GLU A 46 -18.68 -36.15 26.41
CA GLU A 46 -17.26 -36.10 26.07
C GLU A 46 -16.98 -36.77 24.73
N THR A 47 -17.60 -37.92 24.48
CA THR A 47 -17.41 -38.61 23.21
C THR A 47 -17.97 -37.79 22.05
N ASP A 48 -19.15 -37.18 22.25
CA ASP A 48 -19.73 -36.36 21.19
C ASP A 48 -18.83 -35.17 20.87
N PHE A 49 -18.35 -34.48 21.91
CA PHE A 49 -17.48 -33.33 21.68
C PHE A 49 -16.16 -33.74 21.05
N LEU A 50 -15.63 -34.90 21.45
CA LEU A 50 -14.40 -35.39 20.85
C LEU A 50 -14.61 -35.75 19.38
N GLU A 51 -15.78 -36.27 19.04
CA GLU A 51 -16.09 -36.53 17.64
C GLU A 51 -16.15 -35.23 16.84
N SER A 52 -16.77 -34.19 17.41
CA SER A 52 -16.80 -32.90 16.72
C SER A 52 -15.38 -32.36 16.51
N LEU A 53 -14.57 -32.42 17.56
CA LEU A 53 -13.19 -31.95 17.47
C LEU A 53 -12.39 -32.75 16.46
N GLU A 54 -12.59 -34.07 16.43
CA GLU A 54 -11.87 -34.91 15.49
C GLU A 54 -12.27 -34.61 14.05
N ILE A 55 -13.56 -34.37 13.80
CA ILE A 55 -14.00 -34.00 12.46
C ILE A 55 -13.36 -32.68 12.04
N GLU A 56 -13.36 -31.69 12.93
CA GLU A 56 -12.73 -30.41 12.61
C GLU A 56 -11.24 -30.59 12.34
N LEU A 57 -10.57 -31.39 13.17
CA LEU A 57 -9.13 -31.62 13.01
C LEU A 57 -8.82 -32.32 11.70
N ASP A 58 -9.62 -33.33 11.34
CA ASP A 58 -9.41 -34.03 10.09
C ASP A 58 -9.61 -33.10 8.89
N LYS A 59 -10.65 -32.26 8.93
CA LYS A 59 -10.86 -31.30 7.85
C LYS A 59 -9.68 -30.36 7.71
N VAL A 60 -9.22 -29.79 8.82
CA VAL A 60 -8.12 -28.84 8.77
C VAL A 60 -6.85 -29.52 8.28
N TYR A 61 -6.56 -30.72 8.79
CA TYR A 61 -5.36 -31.44 8.39
C TYR A 61 -5.40 -31.78 6.90
N THR A 62 -6.55 -32.24 6.41
CA THR A 62 -6.65 -32.58 4.99
C THR A 62 -6.43 -31.35 4.11
N PHE A 63 -7.07 -30.24 4.45
CA PHE A 63 -6.88 -29.03 3.65
C PHE A 63 -5.44 -28.55 3.70
N CYS A 64 -4.83 -28.58 4.89
CA CYS A 64 -3.44 -28.14 5.02
C CYS A 64 -2.50 -29.03 4.21
N LYS A 65 -2.72 -30.35 4.24
CA LYS A 65 -1.87 -31.25 3.48
C LYS A 65 -2.04 -31.02 1.97
N VAL A 66 -3.27 -30.83 1.52
CA VAL A 66 -3.50 -30.59 0.09
C VAL A 66 -2.80 -29.32 -0.35
N LYS A 67 -2.97 -28.23 0.42
CA LYS A 67 -2.34 -26.97 0.05
C LYS A 67 -0.81 -27.05 0.15
N HIS A 68 -0.28 -27.80 1.12
CA HIS A 68 1.16 -27.97 1.24
C HIS A 68 1.72 -28.69 0.02
N SER A 69 1.07 -29.77 -0.41
CA SER A 69 1.52 -30.48 -1.60
C SER A 69 1.43 -29.60 -2.83
N GLU A 70 0.35 -28.83 -2.97
CA GLU A 70 0.21 -27.95 -4.11
C GLU A 70 1.31 -26.89 -4.13
N VAL A 71 1.62 -26.31 -2.97
CA VAL A 71 2.64 -25.27 -2.90
C VAL A 71 4.02 -25.86 -3.21
N PHE A 72 4.30 -27.07 -2.71
CA PHE A 72 5.57 -27.71 -3.05
C PHE A 72 5.68 -27.96 -4.55
N ARG A 73 4.60 -28.42 -5.17
CA ARG A 73 4.61 -28.65 -6.62
C ARG A 73 4.88 -27.35 -7.37
N ARG A 74 4.20 -26.27 -6.97
CA ARG A 74 4.41 -24.99 -7.64
C ARG A 74 5.84 -24.48 -7.44
N VAL A 75 6.39 -24.64 -6.24
CA VAL A 75 7.75 -24.18 -5.99
C VAL A 75 8.74 -24.95 -6.84
N LYS A 76 8.58 -26.28 -6.92
CA LYS A 76 9.49 -27.08 -7.74
C LYS A 76 9.39 -26.70 -9.21
N GLU A 77 8.16 -26.56 -9.72
CA GLU A 77 7.99 -26.22 -11.13
C GLU A 77 8.58 -24.86 -11.45
N VAL A 78 8.35 -23.87 -10.59
CA VAL A 78 8.84 -22.53 -10.85
C VAL A 78 10.36 -22.47 -10.71
N GLN A 79 10.93 -23.25 -9.80
CA GLN A 79 12.39 -23.31 -9.70
C GLN A 79 12.99 -23.88 -10.98
N GLU A 80 12.41 -24.96 -11.49
CA GLU A 80 12.90 -25.52 -12.74
C GLU A 80 12.74 -24.54 -13.89
N GLN A 81 11.60 -23.83 -13.95
CA GLN A 81 11.39 -22.87 -15.01
C GLN A 81 12.36 -21.70 -14.93
N VAL A 82 12.66 -21.23 -13.71
CA VAL A 82 13.61 -20.13 -13.55
C VAL A 82 15.00 -20.58 -13.95
N GLN A 83 15.39 -21.80 -13.58
CA GLN A 83 16.69 -22.31 -14.00
C GLN A 83 16.77 -22.42 -15.52
N HIS A 84 15.71 -22.91 -16.16
CA HIS A 84 15.69 -22.99 -17.61
C HIS A 84 15.77 -21.60 -18.25
N THR A 85 15.05 -20.62 -17.68
CA THR A 85 15.08 -19.27 -18.20
C THR A 85 16.48 -18.66 -18.08
N VAL A 86 17.14 -18.90 -16.96
CA VAL A 86 18.52 -18.42 -16.79
C VAL A 86 19.43 -19.08 -17.82
N ARG A 87 19.24 -20.40 -18.04
CA ARG A 87 20.06 -21.10 -19.02
C ARG A 87 19.84 -20.53 -20.42
N LEU A 88 18.61 -20.13 -20.74
CA LEU A 88 18.30 -19.67 -22.08
C LEU A 88 18.96 -18.34 -22.43
N LEU A 89 19.55 -17.65 -21.44
CA LEU A 89 20.19 -16.37 -21.73
C LEU A 89 21.40 -16.54 -22.65
N ASP A 90 22.03 -17.71 -22.64
CA ASP A 90 23.15 -17.99 -23.52
C ASP A 90 22.72 -18.43 -24.90
N SER A 91 21.42 -18.63 -25.14
CA SER A 91 20.93 -19.09 -26.42
C SER A 91 20.79 -17.92 -27.39
N ASN A 92 20.28 -18.23 -28.58
CA ASN A 92 20.08 -17.22 -29.61
C ASN A 92 18.80 -16.40 -29.41
N ASN A 93 17.97 -16.77 -28.46
CA ASN A 93 16.73 -16.03 -28.17
C ASN A 93 16.60 -15.89 -26.65
N PRO A 94 17.02 -14.75 -26.10
CA PRO A 94 16.88 -14.55 -24.67
C PRO A 94 15.43 -14.56 -24.26
N PRO A 95 15.12 -15.06 -23.06
CA PRO A 95 13.71 -15.07 -22.61
C PRO A 95 13.10 -13.69 -22.49
N THR A 96 13.90 -12.69 -22.15
CA THR A 96 13.54 -11.26 -22.13
C THR A 96 12.70 -10.86 -20.92
N GLN A 97 12.49 -9.54 -20.79
CA GLN A 97 11.87 -8.98 -19.62
C GLN A 97 10.45 -9.49 -19.41
N LEU A 98 9.74 -9.82 -20.49
CA LEU A 98 8.40 -10.38 -20.34
C LEU A 98 8.44 -11.70 -19.58
N ASP A 99 9.31 -12.61 -20.00
CA ASP A 99 9.42 -13.90 -19.31
C ASP A 99 9.91 -13.70 -17.88
N PHE A 100 10.89 -12.80 -17.67
CA PHE A 100 11.39 -12.60 -16.32
C PHE A 100 10.32 -12.02 -15.40
N GLU A 101 9.50 -11.10 -15.91
CA GLU A 101 8.45 -10.52 -15.08
C GLU A 101 7.31 -11.52 -14.84
N ILE A 102 7.07 -12.41 -15.80
CA ILE A 102 6.11 -13.49 -15.56
C ILE A 102 6.59 -14.39 -14.43
N LEU A 103 7.88 -14.72 -14.44
CA LEU A 103 8.45 -15.51 -13.36
C LEU A 103 8.34 -14.78 -12.03
N GLU A 104 8.62 -13.48 -12.03
CA GLU A 104 8.50 -12.69 -10.80
C GLU A 104 7.08 -12.67 -10.28
N GLU A 105 6.10 -12.52 -11.16
CA GLU A 105 4.70 -12.50 -10.75
C GLU A 105 4.30 -13.85 -10.15
N GLU A 106 4.74 -14.95 -10.78
CA GLU A 106 4.41 -16.26 -10.24
C GLU A 106 5.06 -16.48 -8.88
N LEU A 107 6.30 -16.01 -8.72
CA LEU A 107 6.98 -16.14 -7.42
C LEU A 107 6.27 -15.31 -6.36
N SER A 108 5.79 -14.12 -6.71
CA SER A 108 5.03 -13.32 -5.76
C SER A 108 3.74 -14.02 -5.35
N ASP A 109 3.05 -14.64 -6.31
CA ASP A 109 1.84 -15.39 -6.00
C ASP A 109 2.17 -16.55 -5.05
N ILE A 110 3.28 -17.23 -5.28
CA ILE A 110 3.66 -18.34 -4.41
C ILE A 110 3.98 -17.84 -3.00
N ILE A 111 4.66 -16.70 -2.90
CA ILE A 111 4.94 -16.12 -1.59
C ILE A 111 3.64 -15.80 -0.86
N ALA A 112 2.68 -15.19 -1.56
CA ALA A 112 1.40 -14.88 -0.94
C ALA A 112 0.70 -16.14 -0.46
N ASP A 113 0.70 -17.19 -1.28
CA ASP A 113 0.06 -18.44 -0.88
C ASP A 113 0.74 -19.04 0.33
N VAL A 114 2.07 -19.02 0.38
CA VAL A 114 2.81 -19.60 1.50
C VAL A 114 2.46 -18.85 2.78
N HIS A 115 2.47 -17.51 2.72
CA HIS A 115 2.18 -16.72 3.91
C HIS A 115 0.75 -16.97 4.39
N ASP A 116 -0.20 -17.00 3.45
CA ASP A 116 -1.60 -17.25 3.83
C ASP A 116 -1.77 -18.62 4.45
N LEU A 117 -1.11 -19.64 3.89
CA LEU A 117 -1.23 -20.99 4.42
C LEU A 117 -0.62 -21.08 5.82
N ALA A 118 0.53 -20.45 6.03
CA ALA A 118 1.14 -20.46 7.36
C ALA A 118 0.24 -19.77 8.38
N LYS A 119 -0.33 -18.62 8.01
CA LYS A 119 -1.25 -17.93 8.90
C LYS A 119 -2.47 -18.78 9.21
N PHE A 120 -3.00 -19.46 8.19
CA PHE A 120 -4.17 -20.32 8.37
C PHE A 120 -3.88 -21.45 9.35
N SER A 121 -2.74 -22.12 9.19
CA SER A 121 -2.38 -23.21 10.09
C SER A 121 -2.17 -22.70 11.51
N ARG A 122 -1.49 -21.56 11.66
CA ARG A 122 -1.26 -21.02 12.99
C ARG A 122 -2.57 -20.65 13.69
N LEU A 123 -3.48 -20.00 12.96
CA LEU A 123 -4.76 -19.62 13.54
C LEU A 123 -5.57 -20.85 13.93
N ASN A 124 -5.53 -21.90 13.12
CA ASN A 124 -6.26 -23.11 13.47
C ASN A 124 -5.67 -23.77 14.72
N TYR A 125 -4.35 -23.77 14.85
CA TYR A 125 -3.74 -24.30 16.07
C TYR A 125 -4.17 -23.49 17.28
N THR A 126 -4.20 -22.16 17.13
CA THR A 126 -4.66 -21.29 18.21
C THR A 126 -6.09 -21.63 18.61
N GLY A 127 -6.97 -21.82 17.61
CA GLY A 127 -8.35 -22.16 17.91
C GLY A 127 -8.49 -23.49 18.61
N PHE A 128 -7.72 -24.49 18.19
CA PHE A 128 -7.74 -25.78 18.87
C PHE A 128 -7.33 -25.63 20.33
N GLN A 129 -6.26 -24.88 20.58
CA GLN A 129 -5.79 -24.70 21.96
C GLN A 129 -6.84 -23.96 22.79
N LYS A 130 -7.47 -22.93 22.21
CA LYS A 130 -8.51 -22.20 22.93
C LYS A 130 -9.67 -23.12 23.29
N ILE A 131 -10.11 -23.94 22.34
CA ILE A 131 -11.24 -24.84 22.60
C ILE A 131 -10.89 -25.85 23.69
N ILE A 132 -9.68 -26.42 23.64
CA ILE A 132 -9.29 -27.39 24.66
C ILE A 132 -9.21 -26.73 26.03
N LYS A 133 -8.65 -25.51 26.10
CA LYS A 133 -8.58 -24.80 27.37
C LYS A 133 -9.97 -24.52 27.93
N LYS A 134 -10.88 -24.07 27.06
CA LYS A 134 -12.25 -23.80 27.51
C LYS A 134 -12.92 -25.08 28.00
N HIS A 135 -12.68 -26.20 27.31
CA HIS A 135 -13.25 -27.46 27.75
C HIS A 135 -12.76 -27.83 29.14
N ASP A 136 -11.45 -27.99 29.31
CA ASP A 136 -10.97 -28.51 30.59
C ASP A 136 -11.11 -27.46 31.70
N LYS A 137 -11.44 -26.22 31.34
CA LYS A 137 -11.78 -25.24 32.37
C LYS A 137 -13.23 -25.34 32.80
N LYS A 138 -14.15 -25.44 31.84
CA LYS A 138 -15.58 -25.41 32.17
C LYS A 138 -16.03 -26.70 32.82
N THR A 139 -15.60 -27.85 32.31
CA THR A 139 -16.01 -29.14 32.82
C THR A 139 -14.95 -29.71 33.77
N GLY A 140 -15.29 -30.83 34.38
CA GLY A 140 -14.39 -31.48 35.32
C GLY A 140 -13.52 -32.56 34.71
N PHE A 141 -13.51 -32.65 33.39
CA PHE A 141 -12.73 -33.64 32.66
C PHE A 141 -11.60 -32.95 31.90
N ILE A 142 -10.43 -33.56 31.93
CA ILE A 142 -9.23 -33.02 31.30
C ILE A 142 -9.07 -33.67 29.93
N LEU A 143 -8.99 -32.83 28.89
CA LEU A 143 -8.84 -33.32 27.52
C LEU A 143 -7.51 -32.92 26.89
N LYS A 144 -6.68 -32.16 27.60
CA LYS A 144 -5.42 -31.70 27.03
C LYS A 144 -4.49 -32.82 26.57
N PRO A 145 -4.26 -33.90 27.33
CA PRO A 145 -3.30 -34.93 26.86
C PRO A 145 -3.76 -35.65 25.61
N VAL A 146 -5.00 -36.15 25.65
CA VAL A 146 -5.51 -36.96 24.55
C VAL A 146 -5.55 -36.13 23.27
N PHE A 147 -6.05 -34.89 23.36
CA PHE A 147 -6.13 -34.08 22.16
C PHE A 147 -4.77 -33.55 21.73
N GLN A 148 -3.83 -33.39 22.65
CA GLN A 148 -2.46 -33.07 22.24
C GLN A 148 -1.87 -34.22 21.44
N VAL A 149 -2.13 -35.45 21.86
CA VAL A 149 -1.69 -36.61 21.10
C VAL A 149 -2.36 -36.65 19.72
N ARG A 150 -3.66 -36.35 19.66
CA ARG A 150 -4.34 -36.32 18.36
C ARG A 150 -3.75 -35.25 17.45
N LEU A 151 -3.47 -34.07 18.00
CA LEU A 151 -2.87 -32.99 17.22
C LEU A 151 -1.48 -33.37 16.73
N ASP A 152 -0.70 -34.06 17.57
CA ASP A 152 0.61 -34.53 17.13
C ASP A 152 0.48 -35.57 16.03
N SER A 153 -0.53 -36.45 16.14
CA SER A 153 -0.75 -37.46 15.10
C SER A 153 -1.24 -36.85 13.80
N LYS A 154 -1.85 -35.66 13.85
CA LYS A 154 -2.26 -34.93 12.64
C LYS A 154 -1.66 -33.53 12.69
N PRO A 155 -0.35 -33.40 12.46
CA PRO A 155 0.36 -32.12 12.63
C PRO A 155 0.31 -31.20 11.42
N PHE A 156 -0.80 -30.47 11.30
CA PHE A 156 -0.91 -29.46 10.25
C PHE A 156 -0.14 -28.19 10.57
N PHE A 157 0.40 -28.07 11.79
CA PHE A 157 1.13 -26.88 12.22
C PHE A 157 2.64 -27.05 12.21
N LYS A 158 3.15 -28.29 12.33
CA LYS A 158 4.59 -28.54 12.31
C LYS A 158 5.08 -28.56 10.87
N GLU A 159 5.06 -27.37 10.26
CA GLU A 159 5.46 -27.21 8.86
C GLU A 159 6.26 -25.92 8.76
N ASN A 160 7.54 -26.04 8.44
CA ASN A 160 8.44 -24.88 8.38
C ASN A 160 8.20 -24.18 7.04
N TYR A 161 7.43 -23.11 7.07
CA TYR A 161 7.18 -22.32 5.87
C TYR A 161 8.18 -21.20 5.68
N ASP A 162 9.07 -20.97 6.65
CA ASP A 162 10.10 -19.95 6.50
C ASP A 162 11.10 -20.34 5.42
N GLU A 163 11.45 -21.63 5.35
CA GLU A 163 12.38 -22.10 4.33
C GLU A 163 11.81 -21.86 2.94
N LEU A 164 10.50 -22.09 2.77
CA LEU A 164 9.86 -21.83 1.48
C LEU A 164 9.93 -20.35 1.12
N VAL A 165 9.70 -19.47 2.10
CA VAL A 165 9.79 -18.04 1.84
C VAL A 165 11.20 -17.66 1.44
N VAL A 166 12.20 -18.22 2.13
CA VAL A 166 13.59 -17.94 1.80
C VAL A 166 13.91 -18.39 0.37
N LYS A 167 13.46 -19.60 0.01
CA LYS A 167 13.75 -20.13 -1.32
C LYS A 167 13.08 -19.31 -2.40
N ILE A 168 11.82 -18.94 -2.20
CA ILE A 168 11.12 -18.15 -3.21
C ILE A 168 11.71 -16.74 -3.31
N SER A 169 12.15 -16.17 -2.19
CA SER A 169 12.82 -14.87 -2.24
C SER A 169 14.15 -14.97 -2.99
N GLN A 170 14.88 -16.07 -2.80
CA GLN A 170 16.12 -16.28 -3.55
C GLN A 170 15.83 -16.39 -5.04
N LEU A 171 14.78 -17.12 -5.40
CA LEU A 171 14.41 -17.24 -6.81
C LEU A 171 13.99 -15.89 -7.38
N TYR A 172 13.26 -15.09 -6.61
CA TYR A 172 12.86 -13.76 -7.05
C TYR A 172 14.09 -12.87 -7.26
N ASP A 173 15.05 -12.93 -6.34
CA ASP A 173 16.27 -12.15 -6.49
C ASP A 173 17.06 -12.58 -7.73
N ILE A 174 17.15 -13.89 -7.96
CA ILE A 174 17.87 -14.38 -9.13
C ILE A 174 17.19 -13.92 -10.40
N ALA A 175 15.85 -14.02 -10.45
CA ALA A 175 15.12 -13.57 -11.63
C ALA A 175 15.29 -12.07 -11.86
N ARG A 176 15.24 -11.27 -10.80
CA ARG A 176 15.42 -9.84 -10.93
C ARG A 176 16.82 -9.50 -11.43
N THR A 177 17.84 -10.20 -10.91
CA THR A 177 19.21 -9.92 -11.33
C THR A 177 19.45 -10.33 -12.78
N SER A 178 19.01 -11.53 -13.16
CA SER A 178 19.27 -12.03 -14.49
C SER A 178 18.37 -11.40 -15.55
N GLY A 179 17.25 -10.82 -15.15
CA GLY A 179 16.35 -10.18 -16.09
C GLY A 179 16.68 -8.71 -16.30
N ARG A 180 17.48 -8.15 -15.40
CA ARG A 180 17.86 -6.75 -15.50
C ARG A 180 18.85 -6.55 -16.63
N PRO A 181 18.58 -5.65 -17.58
CA PRO A 181 19.48 -5.37 -18.71
C PRO A 181 20.85 -4.86 -18.25
N PHE A 195 -1.19 -5.37 -11.51
CA PHE A 195 -1.91 -5.03 -10.29
C PHE A 195 -2.27 -3.56 -10.23
N VAL A 196 -3.10 -3.20 -9.26
CA VAL A 196 -3.43 -1.81 -8.96
C VAL A 196 -2.84 -1.50 -7.59
N ARG A 197 -2.11 -0.39 -7.52
CA ARG A 197 -1.49 0.07 -6.28
C ARG A 197 -2.28 1.28 -5.79
N GLN A 198 -2.61 1.28 -4.51
CA GLN A 198 -3.37 2.35 -3.88
C GLN A 198 -2.73 2.64 -2.52
N THR A 199 -2.31 3.89 -2.32
CA THR A 199 -1.67 4.28 -1.08
C THR A 199 -2.48 5.42 -0.45
N THR A 200 -2.80 5.25 0.83
CA THR A 200 -3.64 6.21 1.54
C THR A 200 -2.98 6.59 2.86
N LYS A 201 -3.27 7.80 3.31
CA LYS A 201 -2.70 8.36 4.54
C LYS A 201 -3.82 8.71 5.50
N TYR A 202 -3.64 8.36 6.76
CA TYR A 202 -4.67 8.53 7.78
C TYR A 202 -4.06 9.17 9.02
N TRP A 203 -4.89 9.94 9.73
CA TRP A 203 -4.49 10.52 11.00
C TRP A 203 -5.02 9.66 12.13
N VAL A 204 -4.14 9.31 13.06
CA VAL A 204 -4.47 8.48 14.21
C VAL A 204 -4.27 9.33 15.47
N HIS A 205 -5.32 9.48 16.25
CA HIS A 205 -5.21 10.14 17.53
C HIS A 205 -4.33 9.29 18.45
N PRO A 206 -3.54 9.93 19.33
CA PRO A 206 -2.69 9.13 20.24
C PRO A 206 -3.46 8.13 21.07
N ASP A 207 -4.65 8.50 21.56
CA ASP A 207 -5.45 7.57 22.35
C ASP A 207 -5.79 6.31 21.57
N ASN A 208 -5.89 6.41 20.25
CA ASN A 208 -6.21 5.28 19.39
C ASN A 208 -4.98 4.62 18.79
N ILE A 209 -3.78 4.97 19.25
CA ILE A 209 -2.57 4.43 18.64
C ILE A 209 -2.41 2.96 19.01
N THR A 210 -2.28 2.66 20.30
CA THR A 210 -1.94 1.32 20.75
C THR A 210 -2.90 0.28 20.16
N GLU A 211 -4.19 0.51 20.34
CA GLU A 211 -5.20 -0.41 19.80
C GLU A 211 -4.95 -0.64 18.32
N LEU A 212 -4.83 0.44 17.55
CA LEU A 212 -4.57 0.33 16.13
C LEU A 212 -3.36 -0.55 15.88
N LYS A 213 -2.26 -0.24 16.57
CA LYS A 213 -1.04 -1.01 16.39
C LYS A 213 -1.30 -2.49 16.63
N LEU A 214 -2.02 -2.79 17.72
CA LEU A 214 -2.26 -4.18 18.06
C LEU A 214 -2.97 -4.90 16.92
N ILE A 215 -3.93 -4.23 16.29
CA ILE A 215 -4.65 -4.87 15.19
C ILE A 215 -3.68 -5.24 14.08
N ILE A 216 -2.81 -4.30 13.70
CA ILE A 216 -1.86 -4.58 12.63
C ILE A 216 -0.90 -5.68 13.06
N LEU A 217 -0.67 -5.84 14.36
CA LEU A 217 0.22 -6.88 14.84
C LEU A 217 -0.39 -8.27 14.73
N LYS A 218 -1.70 -8.38 14.49
CA LYS A 218 -2.32 -9.68 14.34
C LYS A 218 -2.30 -10.20 12.91
N HIS A 219 -1.82 -9.40 11.97
CA HIS A 219 -1.82 -9.77 10.55
C HIS A 219 -0.46 -9.61 9.88
N LEU A 220 0.37 -8.69 10.33
CA LEU A 220 1.66 -8.43 9.71
C LEU A 220 2.77 -8.44 10.76
N PRO A 221 3.97 -8.84 10.38
CA PRO A 221 5.11 -8.78 11.30
C PRO A 221 5.70 -7.37 11.30
N VAL A 222 6.76 -7.20 12.07
CA VAL A 222 7.40 -5.90 12.28
C VAL A 222 8.79 -5.94 11.67
N LEU A 223 9.12 -4.91 10.90
CA LEU A 223 10.48 -4.74 10.40
C LEU A 223 11.33 -4.06 11.46
N VAL A 224 12.45 -4.67 11.80
CA VAL A 224 13.37 -4.15 12.80
C VAL A 224 14.69 -3.83 12.12
N PHE A 225 15.12 -2.59 12.22
CA PHE A 225 16.40 -2.16 11.63
C PHE A 225 17.54 -2.30 12.63
N ASN A 226 17.66 -3.49 13.21
CA ASN A 226 18.68 -3.78 14.21
C ASN A 226 19.21 -5.19 13.99
N THR A 227 20.52 -5.35 14.07
CA THR A 227 21.12 -6.67 13.85
C THR A 227 20.70 -7.67 14.91
N ASN A 228 20.51 -7.21 16.15
CA ASN A 228 20.13 -8.07 17.26
C ASN A 228 18.61 -8.16 17.44
N LYS A 229 17.85 -7.57 16.52
CA LYS A 229 16.38 -7.57 16.57
C LYS A 229 15.88 -6.97 17.88
N GLU A 230 16.50 -5.87 18.29
CA GLU A 230 16.08 -5.11 19.47
C GLU A 230 15.39 -3.83 19.03
N PHE A 231 14.55 -3.30 19.93
CA PHE A 231 13.84 -2.04 19.67
C PHE A 231 14.58 -0.92 20.40
N GLU A 232 15.64 -0.43 19.76
CA GLU A 232 16.38 0.69 20.29
C GLU A 232 15.68 2.01 19.93
N ARG A 233 15.96 3.04 20.73
CA ARG A 233 15.24 4.30 20.58
C ARG A 233 15.51 4.95 19.23
N GLU A 234 16.77 4.95 18.80
CA GLU A 234 17.16 5.71 17.61
C GLU A 234 17.03 4.91 16.32
N ASP A 235 16.77 3.60 16.39
CA ASP A 235 16.73 2.79 15.18
C ASP A 235 15.61 3.23 14.24
N SER A 236 14.44 3.55 14.81
CA SER A 236 13.27 3.88 14.00
C SER A 236 13.24 5.33 13.55
N ALA A 237 14.17 6.17 14.02
CA ALA A 237 14.15 7.58 13.68
C ALA A 237 14.49 7.79 12.22
N ILE A 238 13.66 8.57 11.53
CA ILE A 238 13.90 8.98 10.15
C ILE A 238 13.84 10.50 10.10
N THR A 239 14.91 11.12 9.62
CA THR A 239 14.99 12.57 9.53
C THR A 239 15.16 12.97 8.07
N SER A 240 14.60 14.13 7.71
CA SER A 240 14.62 14.56 6.32
C SER A 240 14.62 16.07 6.24
N ILE A 241 15.71 16.65 5.74
CA ILE A 241 15.81 18.08 5.50
C ILE A 241 15.24 18.37 4.12
N TYR A 242 14.38 19.38 4.02
CA TYR A 242 13.78 19.77 2.75
C TYR A 242 14.40 21.08 2.27
N PHE A 243 14.47 21.25 0.96
CA PHE A 243 15.14 22.40 0.36
C PHE A 243 14.15 23.29 -0.38
N ASP A 244 14.34 24.60 -0.26
CA ASP A 244 13.47 25.60 -0.86
C ASP A 244 14.25 26.87 -1.09
N ASN A 245 13.71 27.71 -1.98
CA ASN A 245 14.23 29.05 -2.19
C ASN A 245 13.77 29.97 -1.06
N GLU A 246 14.18 31.24 -1.13
CA GLU A 246 13.59 32.24 -0.26
C GLU A 246 12.15 32.56 -0.64
N ASN A 247 11.81 32.43 -1.91
CA ASN A 247 10.46 32.65 -2.39
C ASN A 247 9.58 31.41 -2.30
N LEU A 248 10.13 30.29 -1.82
CA LEU A 248 9.39 29.04 -1.64
C LEU A 248 8.78 28.57 -2.96
N ASP A 249 9.60 28.59 -4.01
CA ASP A 249 9.13 28.16 -5.32
C ASP A 249 8.71 26.69 -5.31
N LEU A 250 9.53 25.84 -4.68
CA LEU A 250 9.24 24.42 -4.67
C LEU A 250 8.04 24.09 -3.80
N TYR A 251 7.81 24.86 -2.73
CA TYR A 251 6.62 24.63 -1.91
C TYR A 251 5.35 24.87 -2.71
N TYR A 252 5.30 25.96 -3.48
CA TYR A 252 4.15 26.22 -4.33
C TYR A 252 4.06 25.20 -5.45
N GLY A 253 5.19 24.78 -6.00
CA GLY A 253 5.16 23.76 -7.04
C GLY A 253 4.60 22.44 -6.56
N ARG A 254 4.91 22.07 -5.31
CA ARG A 254 4.35 20.83 -4.77
C ARG A 254 2.90 21.01 -4.34
N LEU A 255 2.55 22.19 -3.81
CA LEU A 255 1.18 22.44 -3.40
C LEU A 255 0.25 22.51 -4.61
N ARG A 256 0.61 23.32 -5.61
CA ARG A 256 -0.10 23.35 -6.89
C ARG A 256 0.54 22.28 -7.76
N LYS A 257 -0.14 21.14 -7.90
CA LYS A 257 0.54 19.99 -8.49
C LYS A 257 0.85 20.24 -9.96
N ASP A 258 2.05 20.76 -10.21
CA ASP A 258 2.48 21.15 -11.54
C ASP A 258 3.23 20.02 -12.21
N GLU A 259 3.42 20.15 -13.52
CA GLU A 259 4.29 19.22 -14.23
C GLU A 259 5.74 19.57 -13.95
N GLY A 260 6.53 18.57 -13.58
CA GLY A 260 7.91 18.81 -13.19
C GLY A 260 8.08 19.40 -11.82
N ALA A 261 7.05 19.35 -10.99
CA ALA A 261 7.15 19.85 -9.62
C ALA A 261 8.12 18.99 -8.84
N GLU A 262 9.17 19.61 -8.31
CA GLU A 262 10.27 18.89 -7.68
C GLU A 262 10.27 19.15 -6.18
N ALA A 263 10.66 18.12 -5.43
CA ALA A 263 10.88 18.21 -3.99
C ALA A 263 12.26 17.61 -3.71
N HIS A 264 13.17 18.42 -3.20
CA HIS A 264 14.53 18.00 -2.93
C HIS A 264 14.74 17.85 -1.44
N ALA A 265 15.28 16.69 -1.03
CA ALA A 265 15.46 16.40 0.38
C ALA A 265 16.79 15.69 0.59
N LEU A 266 17.32 15.85 1.80
CA LEU A 266 18.47 15.09 2.29
C LEU A 266 17.99 14.33 3.52
N ALA A 267 17.84 13.02 3.41
CA ALA A 267 17.28 12.22 4.48
C ALA A 267 18.33 11.29 5.07
N TRP A 268 18.04 10.79 6.27
CA TRP A 268 18.86 9.76 6.87
C TRP A 268 18.05 9.01 7.92
N TYR A 269 18.56 7.84 8.27
CA TYR A 269 17.90 6.93 9.19
C TYR A 269 18.77 6.75 10.42
N GLY A 270 18.12 6.65 11.58
CA GLY A 270 18.85 6.48 12.82
C GLY A 270 19.32 7.79 13.41
N GLY A 271 20.19 7.66 14.41
CA GLY A 271 20.70 8.81 15.11
C GLY A 271 21.65 9.61 14.24
N MET A 272 22.19 10.68 14.84
CA MET A 272 23.06 11.59 14.11
C MET A 272 24.50 11.08 13.99
N SER A 273 24.72 9.79 14.26
CA SER A 273 26.00 9.15 13.95
C SER A 273 26.01 8.49 12.58
N THR A 274 24.89 8.51 11.88
CA THR A 274 24.83 7.94 10.54
C THR A 274 25.62 8.81 9.56
N ASP A 275 26.47 8.17 8.75
CA ASP A 275 27.32 8.88 7.81
C ASP A 275 26.85 8.73 6.36
N THR A 276 25.67 8.16 6.13
CA THR A 276 25.13 8.00 4.79
C THR A 276 23.85 8.83 4.68
N ILE A 277 23.91 9.90 3.91
CA ILE A 277 22.77 10.78 3.69
C ILE A 277 22.23 10.54 2.30
N PHE A 278 20.94 10.28 2.20
CA PHE A 278 20.30 10.01 0.92
C PHE A 278 19.80 11.31 0.31
N VAL A 279 20.36 11.68 -0.83
CA VAL A 279 19.87 12.81 -1.61
C VAL A 279 18.70 12.32 -2.45
N GLU A 280 17.51 12.85 -2.19
CA GLU A 280 16.30 12.39 -2.84
C GLU A 280 15.63 13.53 -3.59
N ARG A 281 15.03 13.19 -4.73
CA ARG A 281 14.25 14.12 -5.53
C ARG A 281 12.95 13.45 -5.93
N LYS A 282 11.84 14.14 -5.68
CA LYS A 282 10.52 13.71 -6.11
C LYS A 282 10.02 14.62 -7.22
N THR A 283 9.67 14.04 -8.36
CA THR A 283 9.19 14.80 -9.50
C THR A 283 7.76 14.36 -9.82
N HIS A 284 6.86 15.34 -9.92
CA HIS A 284 5.46 15.06 -10.22
C HIS A 284 5.25 15.10 -11.74
N ARG A 285 5.00 13.95 -12.33
CA ARG A 285 4.72 13.84 -13.75
C ARG A 285 3.22 13.64 -13.96
N GLU A 286 2.72 14.09 -15.10
CA GLU A 286 1.29 14.05 -15.33
C GLU A 286 0.98 13.87 -16.81
N ASP A 287 0.05 12.96 -17.10
CA ASP A 287 -0.53 12.80 -18.42
C ASP A 287 -2.04 12.74 -18.26
N TRP A 288 -2.75 12.77 -19.39
CA TRP A 288 -4.19 12.61 -19.33
C TRP A 288 -4.59 11.27 -18.71
N THR A 289 -3.69 10.28 -18.76
CA THR A 289 -3.94 9.02 -18.08
C THR A 289 -4.04 9.22 -16.57
N GLY A 290 -3.16 10.05 -16.00
CA GLY A 290 -3.17 10.29 -14.58
C GLY A 290 -1.92 11.00 -14.13
N GLU A 291 -1.84 11.18 -12.81
CA GLU A 291 -0.69 11.80 -12.18
C GLU A 291 0.15 10.74 -11.48
N LYS A 292 1.47 10.89 -11.56
CA LYS A 292 2.40 9.94 -10.95
C LYS A 292 3.55 10.72 -10.34
N SER A 293 4.24 10.08 -9.40
CA SER A 293 5.38 10.66 -8.72
C SER A 293 6.58 9.75 -8.95
N VAL A 294 7.69 10.33 -9.42
CA VAL A 294 8.93 9.61 -9.67
C VAL A 294 9.91 10.01 -8.58
N LYS A 295 10.34 9.04 -7.79
CA LYS A 295 11.30 9.25 -6.72
C LYS A 295 12.65 8.72 -7.16
N ALA A 296 13.69 9.54 -7.00
CA ALA A 296 15.04 9.12 -7.35
C ALA A 296 15.99 9.61 -6.27
N ARG A 297 16.72 8.69 -5.65
CA ARG A 297 17.63 9.06 -4.59
C ARG A 297 18.94 8.30 -4.75
N PHE A 298 20.01 8.92 -4.25
CA PHE A 298 21.31 8.27 -4.21
C PHE A 298 21.98 8.58 -2.88
N ALA A 299 22.76 7.63 -2.40
CA ALA A 299 23.42 7.78 -1.12
C ALA A 299 24.75 8.51 -1.28
N LEU A 300 25.02 9.45 -0.39
CA LEU A 300 26.25 10.21 -0.38
C LEU A 300 26.81 10.24 1.04
N LYS A 301 28.11 10.13 1.15
CA LYS A 301 28.77 10.17 2.46
C LYS A 301 28.58 11.57 3.03
N GLU A 302 28.23 11.63 4.32
CA GLU A 302 27.86 12.89 4.96
C GLU A 302 28.99 13.91 4.86
N ARG A 303 30.23 13.44 4.98
CA ARG A 303 31.39 14.33 5.02
C ARG A 303 31.41 15.28 3.82
N HIS A 304 30.98 14.80 2.66
CA HIS A 304 31.04 15.58 1.43
C HIS A 304 29.76 16.33 1.13
N VAL A 305 28.69 16.12 1.90
CA VAL A 305 27.38 16.64 1.53
C VAL A 305 27.43 18.16 1.34
N ASN A 306 28.02 18.87 2.31
CA ASN A 306 28.18 20.31 2.19
C ASN A 306 28.83 20.67 0.87
N ASP A 307 29.97 20.04 0.58
CA ASP A 307 30.68 20.33 -0.67
C ASP A 307 29.82 20.00 -1.86
N PHE A 308 29.06 18.90 -1.79
CA PHE A 308 28.19 18.54 -2.91
C PHE A 308 27.14 19.59 -3.15
N LEU A 309 26.71 20.28 -2.09
CA LEU A 309 25.72 21.34 -2.28
C LEU A 309 26.36 22.61 -2.83
N LYS A 310 27.67 22.77 -2.70
CA LYS A 310 28.38 23.94 -3.18
C LYS A 310 28.93 23.77 -4.59
N GLY A 311 28.83 22.58 -5.16
CA GLY A 311 29.46 22.28 -6.43
C GLY A 311 30.92 21.95 -6.35
N LYS A 312 31.52 21.98 -5.16
CA LYS A 312 32.92 21.62 -4.96
C LYS A 312 33.16 20.13 -5.08
N TYR A 313 32.12 19.32 -4.95
CA TYR A 313 32.22 17.86 -5.03
C TYR A 313 31.60 17.44 -6.36
N THR A 314 32.46 17.17 -7.34
CA THR A 314 32.00 16.83 -8.68
C THR A 314 31.24 15.51 -8.66
N VAL A 315 30.32 15.36 -9.63
CA VAL A 315 29.50 14.16 -9.69
C VAL A 315 30.37 12.93 -9.90
N ASP A 316 31.44 13.06 -10.70
CA ASP A 316 32.34 11.93 -10.92
C ASP A 316 33.03 11.51 -9.63
N GLN A 317 33.20 12.43 -8.68
CA GLN A 317 33.75 12.04 -7.39
C GLN A 317 32.74 11.26 -6.56
N VAL A 318 31.44 11.58 -6.72
CA VAL A 318 30.40 10.85 -5.99
C VAL A 318 30.40 9.40 -6.41
N PHE A 319 30.49 9.12 -7.71
CA PHE A 319 30.40 7.78 -8.26
C PHE A 319 31.75 7.31 -8.81
N ALA A 320 32.85 7.70 -8.16
CA ALA A 320 34.16 7.22 -8.58
C ALA A 320 34.40 5.79 -8.13
N LYS A 321 34.14 5.50 -6.86
CA LYS A 321 34.37 4.16 -6.34
C LYS A 321 33.29 3.18 -6.78
N MET A 322 32.10 3.68 -7.11
CA MET A 322 31.08 2.81 -7.68
C MET A 322 31.52 2.23 -9.02
N ARG A 323 32.15 3.07 -9.86
CA ARG A 323 32.71 2.58 -11.11
C ARG A 323 34.00 1.80 -10.89
N LYS A 324 34.80 2.19 -9.90
CA LYS A 324 36.04 1.49 -9.62
C LYS A 324 35.78 0.05 -9.20
N GLU A 325 34.80 -0.17 -8.32
CA GLU A 325 34.48 -1.52 -7.87
C GLU A 325 33.96 -2.37 -9.03
N GLY A 326 33.12 -1.78 -9.88
CA GLY A 326 32.57 -2.48 -11.02
C GLY A 326 31.39 -3.37 -10.73
N LYS A 327 30.94 -3.44 -9.47
CA LYS A 327 29.79 -4.26 -9.12
C LYS A 327 28.48 -3.49 -9.28
N LYS A 328 28.31 -2.89 -10.46
CA LYS A 328 27.14 -2.09 -10.78
C LYS A 328 27.02 -1.96 -12.30
N PRO A 329 25.85 -2.26 -12.87
CA PRO A 329 25.68 -2.08 -14.31
C PRO A 329 25.88 -0.62 -14.72
N MET A 330 26.49 -0.44 -15.89
CA MET A 330 26.81 0.92 -16.34
C MET A 330 25.56 1.75 -16.57
N ASN A 331 24.44 1.11 -16.93
CA ASN A 331 23.19 1.86 -17.11
C ASN A 331 22.76 2.50 -15.80
N GLU A 332 22.80 1.74 -14.70
CA GLU A 332 22.46 2.30 -13.40
C GLU A 332 23.42 3.41 -13.00
N ILE A 333 24.71 3.22 -13.28
CA ILE A 333 25.71 4.23 -12.93
C ILE A 333 25.43 5.52 -13.67
N GLU A 334 25.13 5.43 -14.98
CA GLU A 334 24.85 6.64 -15.75
C GLU A 334 23.53 7.29 -15.32
N ASN A 335 22.53 6.48 -14.95
CA ASN A 335 21.29 7.04 -14.45
C ASN A 335 21.52 7.82 -13.16
N LEU A 336 22.29 7.24 -12.24
CA LEU A 336 22.60 7.93 -11.00
C LEU A 336 23.47 9.17 -11.23
N GLU A 337 24.40 9.11 -12.18
CA GLU A 337 25.22 10.27 -12.50
C GLU A 337 24.37 11.41 -13.07
N ALA A 338 23.44 11.08 -13.96
CA ALA A 338 22.53 12.10 -14.48
C ALA A 338 21.64 12.67 -13.38
N LEU A 339 21.15 11.82 -12.48
CA LEU A 339 20.35 12.29 -11.36
C LEU A 339 21.14 13.26 -10.49
N ALA A 340 22.38 12.89 -10.15
CA ALA A 340 23.20 13.76 -9.31
C ALA A 340 23.51 15.07 -10.01
N SER A 341 23.80 15.02 -11.31
CA SER A 341 24.08 16.24 -12.06
C SER A 341 22.87 17.16 -12.07
N GLU A 342 21.68 16.59 -12.31
CA GLU A 342 20.47 17.41 -12.31
C GLU A 342 20.21 18.01 -10.94
N ILE A 343 20.38 17.22 -9.88
CA ILE A 343 20.11 17.71 -8.53
C ILE A 343 21.07 18.85 -8.19
N GLN A 344 22.36 18.66 -8.46
CA GLN A 344 23.35 19.69 -8.15
C GLN A 344 23.11 20.94 -8.98
N TYR A 345 22.75 20.78 -10.25
CA TYR A 345 22.48 21.93 -11.11
C TYR A 345 21.27 22.71 -10.61
N VAL A 346 20.21 22.01 -10.18
CA VAL A 346 19.04 22.69 -9.65
C VAL A 346 19.37 23.41 -8.35
N MET A 347 20.14 22.77 -7.46
CA MET A 347 20.50 23.41 -6.20
C MET A 347 21.34 24.65 -6.43
N LEU A 348 22.26 24.61 -7.39
CA LEU A 348 23.11 25.76 -7.66
C LEU A 348 22.34 26.87 -8.37
N LYS A 349 21.40 26.51 -9.25
CA LYS A 349 20.67 27.52 -10.01
C LYS A 349 19.65 28.23 -9.14
N LYS A 350 18.72 27.47 -8.55
CA LYS A 350 17.65 28.05 -7.75
C LYS A 350 18.12 28.59 -6.42
N LYS A 351 19.36 28.36 -6.03
CA LYS A 351 19.90 28.78 -4.74
C LYS A 351 19.09 28.18 -3.60
N LEU A 352 18.93 26.86 -3.62
CA LEU A 352 18.13 26.19 -2.61
C LEU A 352 18.84 26.18 -1.26
N ARG A 353 18.04 26.24 -0.21
CA ARG A 353 18.50 26.29 1.17
C ARG A 353 17.63 25.34 1.99
N PRO A 354 18.18 24.73 3.04
CA PRO A 354 17.32 23.98 3.96
C PRO A 354 16.25 24.88 4.55
N VAL A 355 15.03 24.35 4.67
CA VAL A 355 13.91 25.08 5.24
C VAL A 355 13.30 24.35 6.44
N VAL A 356 12.84 23.11 6.22
CA VAL A 356 12.14 22.37 7.26
C VAL A 356 12.76 20.98 7.40
N ARG A 357 12.94 20.56 8.64
CA ARG A 357 13.37 19.21 8.97
C ARG A 357 12.17 18.43 9.49
N SER A 358 11.93 17.26 8.92
CA SER A 358 10.76 16.44 9.26
C SER A 358 11.25 15.18 9.98
N PHE A 359 11.17 15.18 11.30
CA PHE A 359 11.59 14.04 12.11
C PHE A 359 10.38 13.23 12.55
N TYR A 360 10.52 11.91 12.51
CA TYR A 360 9.48 11.02 13.00
C TYR A 360 10.07 9.63 13.18
N ASN A 361 9.38 8.80 13.97
CA ASN A 361 9.75 7.41 14.17
C ASN A 361 8.77 6.53 13.42
N ARG A 362 9.27 5.72 12.51
CA ARG A 362 8.44 4.90 11.65
C ARG A 362 8.53 3.44 12.05
N THR A 363 7.38 2.81 12.25
CA THR A 363 7.27 1.38 12.45
C THR A 363 6.63 0.78 11.20
N ALA A 364 7.32 -0.16 10.57
CA ALA A 364 6.89 -0.71 9.29
C ALA A 364 6.41 -2.14 9.51
N PHE A 365 5.18 -2.41 9.08
CA PHE A 365 4.60 -3.75 9.12
C PHE A 365 4.42 -4.25 7.70
N GLN A 366 5.00 -5.42 7.40
CA GLN A 366 4.86 -6.03 6.09
C GLN A 366 5.40 -7.45 6.17
N LEU A 367 4.75 -8.35 5.43
CA LEU A 367 5.23 -9.72 5.37
C LEU A 367 6.46 -9.80 4.46
N PRO A 368 7.41 -10.69 4.77
CA PRO A 368 8.63 -10.77 3.95
C PRO A 368 8.32 -11.25 2.55
N GLY A 369 8.73 -10.46 1.56
CA GLY A 369 8.54 -10.82 0.17
C GLY A 369 7.12 -10.70 -0.32
N ASP A 370 6.22 -10.18 0.50
CA ASP A 370 4.81 -10.05 0.16
C ASP A 370 4.44 -8.58 0.20
N ALA A 371 4.12 -8.01 -0.96
CA ALA A 371 3.85 -6.58 -1.08
C ALA A 371 2.36 -6.26 -1.19
N ARG A 372 1.48 -7.22 -0.90
CA ARG A 372 0.05 -6.96 -0.99
C ARG A 372 -0.38 -5.86 -0.04
N VAL A 373 0.02 -5.96 1.22
CA VAL A 373 -0.31 -4.96 2.24
C VAL A 373 0.98 -4.52 2.91
N ARG A 374 1.21 -3.21 2.95
CA ARG A 374 2.33 -2.63 3.68
C ARG A 374 1.80 -1.46 4.50
N ILE A 375 2.26 -1.34 5.73
CA ILE A 375 1.76 -0.31 6.64
C ILE A 375 2.94 0.38 7.31
N SER A 376 2.88 1.71 7.39
CA SER A 376 3.93 2.48 8.04
C SER A 376 3.28 3.43 9.03
N LEU A 377 3.56 3.25 10.31
CA LEU A 377 3.04 4.11 11.36
C LEU A 377 4.13 5.08 11.78
N ASP A 378 3.95 6.36 11.47
CA ASP A 378 4.91 7.40 11.79
C ASP A 378 4.39 8.19 12.99
N THR A 379 5.12 8.11 14.10
CA THR A 379 4.76 8.78 15.33
C THR A 379 5.83 9.79 15.71
N GLU A 380 5.52 10.60 16.72
CA GLU A 380 6.42 11.65 17.21
C GLU A 380 6.90 12.54 16.07
N LEU A 381 5.97 12.89 15.18
CA LEU A 381 6.29 13.64 13.98
C LEU A 381 6.39 15.11 14.32
N THR A 382 7.60 15.66 14.26
CA THR A 382 7.85 17.07 14.47
C THR A 382 8.50 17.66 13.23
N MET A 383 8.31 18.97 13.06
CA MET A 383 8.87 19.71 11.93
C MET A 383 9.56 20.94 12.46
N VAL A 384 10.87 21.01 12.24
CA VAL A 384 11.71 22.08 12.79
C VAL A 384 12.08 23.03 11.66
N ARG A 385 12.27 24.30 12.02
CA ARG A 385 12.62 25.34 11.06
C ARG A 385 14.13 25.34 10.86
N GLU A 386 14.56 25.23 9.60
CA GLU A 386 15.99 25.20 9.25
C GLU A 386 16.46 26.45 8.55
N ASP A 387 15.57 27.20 7.91
CA ASP A 387 15.96 28.32 7.07
C ASP A 387 16.40 29.51 7.92
N ASN A 388 16.83 30.56 7.22
CA ASN A 388 17.23 31.82 7.85
C ASN A 388 16.47 33.00 7.25
N PHE A 389 15.22 32.78 6.85
CA PHE A 389 14.44 33.83 6.19
C PHE A 389 14.12 34.98 7.12
N ASP A 390 14.19 34.77 8.44
CA ASP A 390 13.92 35.81 9.41
C ASP A 390 15.20 36.48 9.91
N GLY A 391 16.33 36.18 9.30
CA GLY A 391 17.60 36.78 9.69
C GLY A 391 18.38 36.03 10.74
N VAL A 392 17.83 34.96 11.28
CA VAL A 392 18.51 34.14 12.30
C VAL A 392 19.16 32.96 11.61
N ASP A 393 20.47 32.81 11.80
CA ASP A 393 21.26 31.75 11.15
C ASP A 393 21.09 30.47 11.94
N ARG A 394 20.10 29.66 11.53
CA ARG A 394 19.84 28.40 12.23
C ARG A 394 20.85 27.32 11.86
N THR A 395 21.22 27.23 10.58
CA THR A 395 22.23 26.30 10.12
C THR A 395 23.50 27.08 9.81
N HIS A 396 24.50 26.95 10.67
CA HIS A 396 25.73 27.74 10.55
C HIS A 396 26.59 27.16 9.44
N LYS A 397 26.26 27.56 8.20
CA LYS A 397 26.97 27.11 7.01
C LYS A 397 27.00 25.58 6.92
N ASN A 398 25.88 24.96 7.26
CA ASN A 398 25.76 23.51 7.29
C ASN A 398 24.48 23.11 6.59
N TRP A 399 24.43 21.86 6.13
CA TRP A 399 23.24 21.36 5.44
C TRP A 399 22.13 20.97 6.39
N ARG A 400 22.40 20.96 7.70
CA ARG A 400 21.38 20.62 8.69
C ARG A 400 21.70 21.34 9.98
N ARG A 401 20.71 21.38 10.87
CA ARG A 401 20.86 22.03 12.17
C ARG A 401 21.46 21.05 13.16
N THR A 402 22.64 21.38 13.67
CA THR A 402 23.32 20.54 14.65
C THR A 402 22.95 20.89 16.09
N ASP A 403 22.10 21.90 16.29
CA ASP A 403 21.60 22.19 17.63
C ASP A 403 20.76 21.04 18.16
N ILE A 404 20.09 20.31 17.28
CA ILE A 404 19.24 19.20 17.66
C ILE A 404 19.68 17.96 16.90
N GLY A 405 19.34 16.79 17.46
CA GLY A 405 19.61 15.52 16.82
C GLY A 405 18.34 14.76 16.53
N VAL A 406 18.17 13.62 17.20
CA VAL A 406 16.93 12.87 17.13
C VAL A 406 16.34 12.80 18.53
N ASP A 407 16.73 13.75 19.39
CA ASP A 407 16.30 13.76 20.79
C ASP A 407 14.92 14.41 20.91
N TRP A 408 13.91 13.64 20.51
CA TRP A 408 12.53 14.07 20.66
C TRP A 408 12.23 14.23 22.15
N PRO A 409 11.41 15.22 22.54
CA PRO A 409 10.66 16.18 21.73
C PRO A 409 11.36 17.51 21.47
N PHE A 410 12.70 17.53 21.54
CA PHE A 410 13.49 18.74 21.29
C PHE A 410 13.09 19.87 22.25
N LYS A 411 13.32 19.63 23.53
CA LYS A 411 13.00 20.64 24.55
C LYS A 411 13.89 21.87 24.43
N GLN A 412 15.02 21.78 23.72
CA GLN A 412 15.94 22.89 23.59
C GLN A 412 15.54 23.88 22.49
N LEU A 413 14.50 23.59 21.73
CA LEU A 413 14.07 24.45 20.63
C LEU A 413 13.12 25.53 21.12
N ASP A 414 13.12 26.64 20.40
CA ASP A 414 12.13 27.69 20.63
C ASP A 414 10.79 27.26 20.09
N ASP A 415 9.72 27.81 20.67
CA ASP A 415 8.37 27.42 20.27
C ASP A 415 8.06 27.83 18.83
N LYS A 416 8.71 28.88 18.34
CA LYS A 416 8.46 29.35 16.98
C LYS A 416 9.06 28.40 15.94
N ASP A 417 10.16 27.72 16.29
CA ASP A 417 10.90 26.93 15.33
C ASP A 417 10.35 25.52 15.12
N ILE A 418 9.49 25.03 16.00
CA ILE A 418 9.08 23.64 15.99
C ILE A 418 7.56 23.54 15.95
N CYS A 419 7.07 22.65 15.08
CA CYS A 419 5.66 22.28 15.02
C CYS A 419 5.56 20.80 15.33
N ARG A 420 5.00 20.47 16.48
CA ARG A 420 4.86 19.08 16.91
C ARG A 420 3.49 18.58 16.46
N PHE A 421 3.48 17.77 15.42
CA PHE A 421 2.22 17.30 14.86
C PHE A 421 1.50 16.44 15.89
N PRO A 422 0.23 16.75 16.21
CA PRO A 422 -0.42 16.10 17.36
C PRO A 422 -0.84 14.66 17.12
N TYR A 423 -1.02 14.25 15.88
CA TYR A 423 -1.47 12.90 15.56
C TYR A 423 -0.35 12.11 14.93
N ALA A 424 -0.55 10.79 14.85
CA ALA A 424 0.37 9.96 14.08
C ALA A 424 -0.19 9.73 12.69
N VAL A 425 0.69 9.36 11.76
CA VAL A 425 0.33 9.19 10.36
C VAL A 425 0.42 7.71 10.02
N LEU A 426 -0.69 7.14 9.56
CA LEU A 426 -0.74 5.75 9.13
C LEU A 426 -0.75 5.73 7.61
N ASN A 427 0.27 5.10 7.01
CA ASN A 427 0.41 5.02 5.57
C ASN A 427 0.14 3.58 5.15
N VAL A 428 -0.95 3.38 4.43
CA VAL A 428 -1.37 2.04 3.99
C VAL A 428 -1.16 1.95 2.49
N LYS A 429 -0.28 1.03 2.08
CA LYS A 429 0.01 0.78 0.67
C LYS A 429 -0.51 -0.60 0.31
N LEU A 430 -1.43 -0.66 -0.64
CA LEU A 430 -2.01 -1.92 -1.10
C LEU A 430 -1.64 -2.14 -2.55
N GLN A 431 -1.20 -3.37 -2.86
CA GLN A 431 -0.84 -3.76 -4.22
C GLN A 431 -1.68 -4.99 -4.56
N THR A 432 -2.88 -4.74 -5.07
CA THR A 432 -3.86 -5.80 -5.28
C THR A 432 -3.90 -6.17 -6.77
N GLN A 433 -3.63 -7.43 -7.07
CA GLN A 433 -3.76 -7.90 -8.45
C GLN A 433 -5.20 -7.80 -8.90
N LEU A 434 -5.40 -7.53 -10.19
CA LEU A 434 -6.75 -7.47 -10.74
C LEU A 434 -7.43 -8.83 -10.61
N GLY A 435 -8.66 -8.81 -10.10
CA GLY A 435 -9.41 -10.02 -9.85
C GLY A 435 -9.69 -10.31 -8.39
N GLN A 436 -8.89 -9.75 -7.47
CA GLN A 436 -9.16 -9.86 -6.04
C GLN A 436 -9.31 -8.47 -5.45
N GLU A 437 -9.53 -8.43 -4.14
CA GLU A 437 -9.78 -7.21 -3.40
C GLU A 437 -8.89 -7.18 -2.16
N PRO A 438 -8.69 -6.01 -1.57
CA PRO A 438 -7.87 -5.95 -0.36
C PRO A 438 -8.48 -6.79 0.74
N PRO A 439 -7.65 -7.32 1.64
CA PRO A 439 -8.17 -8.21 2.69
C PRO A 439 -9.15 -7.50 3.61
N GLU A 440 -10.05 -8.30 4.20
CA GLU A 440 -11.11 -7.74 5.03
C GLU A 440 -10.55 -6.94 6.20
N TRP A 441 -9.51 -7.44 6.85
CA TRP A 441 -8.96 -6.75 8.01
C TRP A 441 -8.46 -5.37 7.66
N VAL A 442 -7.81 -5.23 6.50
CA VAL A 442 -7.39 -3.91 6.05
C VAL A 442 -8.61 -3.01 5.84
N ARG A 443 -9.64 -3.54 5.18
CA ARG A 443 -10.81 -2.74 4.84
C ARG A 443 -11.51 -2.21 6.09
N GLU A 444 -11.66 -3.04 7.12
CA GLU A 444 -12.29 -2.56 8.34
C GLU A 444 -11.30 -1.81 9.24
N LEU A 445 -10.00 -1.91 8.96
CA LEU A 445 -9.05 -1.05 9.65
C LEU A 445 -9.12 0.38 9.14
N VAL A 446 -9.21 0.55 7.82
CA VAL A 446 -9.15 1.89 7.26
C VAL A 446 -10.48 2.62 7.40
N GLY A 447 -11.59 1.90 7.57
CA GLY A 447 -12.89 2.49 7.79
C GLY A 447 -13.38 2.46 9.21
N SER A 448 -12.52 2.23 10.19
CA SER A 448 -12.93 2.16 11.59
C SER A 448 -12.90 3.57 12.19
N HIS A 449 -13.11 3.65 13.50
CA HIS A 449 -13.05 4.90 14.23
C HIS A 449 -11.64 5.27 14.66
N LEU A 450 -10.67 4.39 14.44
CA LEU A 450 -9.30 4.62 14.90
C LEU A 450 -8.48 5.47 13.94
N VAL A 451 -8.96 5.70 12.71
CA VAL A 451 -8.21 6.45 11.71
C VAL A 451 -9.09 7.54 11.15
N GLU A 452 -8.45 8.57 10.61
CA GLU A 452 -9.12 9.69 9.96
C GLU A 452 -8.46 9.91 8.61
N PRO A 453 -9.08 9.44 7.53
CA PRO A 453 -8.44 9.55 6.20
C PRO A 453 -8.21 11.00 5.80
N VAL A 454 -6.94 11.32 5.57
CA VAL A 454 -6.54 12.64 5.08
C VAL A 454 -5.68 12.43 3.85
N PRO A 455 -6.27 12.21 2.68
CA PRO A 455 -5.47 11.95 1.48
C PRO A 455 -4.59 13.14 1.11
N LYS A 456 -3.45 12.83 0.50
CA LYS A 456 -2.50 13.83 0.01
C LYS A 456 -1.86 14.64 1.13
N PHE A 457 -1.81 14.11 2.35
CA PHE A 457 -1.09 14.79 3.42
C PHE A 457 0.41 14.74 3.12
N SER A 458 1.06 15.89 3.23
CA SER A 458 2.50 15.99 2.99
C SER A 458 3.16 16.62 4.20
N LYS A 459 4.23 15.98 4.68
CA LYS A 459 4.96 16.54 5.81
C LYS A 459 5.74 17.77 5.42
N PHE A 460 6.26 17.82 4.19
CA PHE A 460 6.95 19.00 3.71
C PHE A 460 6.00 20.19 3.57
N ILE A 461 4.84 19.96 2.94
CA ILE A 461 3.86 21.03 2.78
C ILE A 461 3.34 21.49 4.13
N HIS A 462 3.02 20.55 5.01
CA HIS A 462 2.52 20.93 6.34
C HIS A 462 3.57 21.70 7.13
N GLY A 463 4.82 21.27 7.06
CA GLY A 463 5.87 21.98 7.77
C GLY A 463 6.06 23.40 7.26
N VAL A 464 6.08 23.56 5.94
CA VAL A 464 6.24 24.90 5.38
C VAL A 464 5.06 25.78 5.73
N ALA A 465 3.84 25.24 5.64
CA ALA A 465 2.65 26.03 5.92
C ALA A 465 2.55 26.43 7.38
N THR A 466 2.92 25.54 8.31
CA THR A 466 2.81 25.85 9.73
C THR A 466 3.94 26.72 10.23
N LEU A 467 5.18 26.45 9.82
CA LEU A 467 6.32 27.17 10.34
C LEU A 467 6.58 28.48 9.61
N LEU A 468 6.42 28.48 8.29
CA LEU A 468 6.62 29.67 7.46
C LEU A 468 5.29 30.28 7.02
N ASN A 469 4.31 30.29 7.93
CA ASN A 469 2.97 30.76 7.58
C ASN A 469 2.99 32.22 7.14
N ASP A 470 3.77 33.07 7.83
CA ASP A 470 3.81 34.48 7.48
C ASP A 470 4.34 34.73 6.07
N LYS A 471 5.16 33.83 5.55
CA LYS A 471 5.70 33.97 4.20
C LYS A 471 4.91 33.20 3.15
N VAL A 472 3.80 32.58 3.54
CA VAL A 472 3.02 31.72 2.66
C VAL A 472 1.64 32.34 2.47
N ASP A 473 1.22 32.48 1.22
CA ASP A 473 -0.11 32.99 0.88
C ASP A 473 -0.99 31.93 0.24
N SER A 474 -0.71 30.66 0.49
CA SER A 474 -1.50 29.57 -0.08
C SER A 474 -1.25 28.32 0.74
N ILE A 475 -2.29 27.80 1.39
CA ILE A 475 -2.13 26.76 2.39
C ILE A 475 -2.91 25.53 1.95
N PRO A 476 -2.53 24.35 2.45
CA PRO A 476 -3.30 23.13 2.14
C PRO A 476 -4.64 23.13 2.86
N PHE A 477 -5.47 22.16 2.47
CA PHE A 477 -6.84 22.13 2.96
C PHE A 477 -6.93 21.72 4.42
N TRP A 478 -6.00 20.88 4.90
CA TRP A 478 -6.07 20.39 6.26
C TRP A 478 -5.56 21.38 7.30
N LEU A 479 -4.89 22.45 6.86
CA LEU A 479 -4.27 23.36 7.82
C LEU A 479 -5.27 24.08 8.71
N PRO A 480 -6.38 24.65 8.22
CA PRO A 480 -7.32 25.31 9.13
C PRO A 480 -8.19 24.33 9.90
N GLN A 481 -7.89 23.03 9.78
CA GLN A 481 -8.66 21.98 10.44
C GLN A 481 -7.85 21.23 11.48
N MET A 482 -6.79 21.83 12.00
CA MET A 482 -5.95 21.15 12.98
C MET A 482 -6.53 21.19 14.39
N ASP A 483 -7.55 22.01 14.63
CA ASP A 483 -8.22 22.05 15.92
C ASP A 483 -9.44 21.15 15.98
N VAL A 484 -9.75 20.45 14.89
CA VAL A 484 -10.91 19.56 14.87
C VAL A 484 -10.57 18.28 15.63
N ASP A 485 -11.44 17.91 16.56
CA ASP A 485 -11.28 16.66 17.32
C ASP A 485 -11.63 15.51 16.39
N ILE A 486 -10.64 14.67 16.08
CA ILE A 486 -10.84 13.57 15.14
C ILE A 486 -11.24 12.27 15.83
N ARG A 487 -11.37 12.25 17.15
CA ARG A 487 -11.85 11.06 17.83
C ARG A 487 -13.31 10.83 17.49
N LYS A 488 -13.66 9.56 17.27
CA LYS A 488 -15.01 9.19 16.88
C LYS A 488 -15.50 8.08 17.80
N PRO A 489 -16.81 8.01 18.03
CA PRO A 489 -17.34 6.93 18.86
C PRO A 489 -17.16 5.59 18.18
N PRO A 490 -16.98 4.52 18.95
CA PRO A 490 -16.82 3.19 18.34
C PRO A 490 -18.08 2.78 17.59
N LEU A 491 -17.86 2.04 16.50
CA LEU A 491 -18.96 1.57 15.68
C LEU A 491 -18.60 0.27 14.96
N PHE A 602 -20.91 16.64 5.87
CA PHE A 602 -21.22 17.93 5.27
C PHE A 602 -20.60 19.06 6.09
N ASP A 603 -19.53 19.66 5.55
CA ASP A 603 -18.88 20.78 6.23
C ASP A 603 -18.21 21.66 5.19
N THR A 604 -18.86 22.76 4.83
CA THR A 604 -18.28 23.78 3.98
C THR A 604 -17.89 25.03 4.76
N GLN A 605 -17.86 24.94 6.09
CA GLN A 605 -17.51 26.07 6.94
C GLN A 605 -16.01 26.26 7.06
N ILE A 606 -15.20 25.41 6.44
CA ILE A 606 -13.75 25.53 6.49
C ILE A 606 -13.34 26.70 5.62
N ARG A 607 -13.09 27.85 6.23
CA ARG A 607 -12.75 29.07 5.53
C ARG A 607 -11.26 29.36 5.68
N ALA A 608 -10.63 29.73 4.57
CA ALA A 608 -9.21 30.04 4.60
C ALA A 608 -8.97 31.28 5.47
N PRO A 609 -7.86 31.34 6.19
CA PRO A 609 -7.57 32.51 7.01
C PRO A 609 -7.40 33.75 6.15
N PRO A 610 -7.42 34.95 6.75
CA PRO A 610 -7.28 36.18 5.96
C PRO A 610 -5.95 36.23 5.21
N GLY A 611 -6.04 36.30 3.89
CA GLY A 611 -4.87 36.48 3.05
C GLY A 611 -4.14 35.22 2.65
N LYS A 612 -4.66 34.04 2.97
CA LYS A 612 -4.00 32.78 2.63
C LYS A 612 -5.06 31.82 2.09
N THR A 613 -5.23 31.83 0.77
CA THR A 613 -6.25 31.00 0.14
C THR A 613 -5.88 29.53 0.20
N ILE A 614 -6.89 28.68 0.43
CA ILE A 614 -6.68 27.24 0.40
C ILE A 614 -6.51 26.79 -1.03
N CYS A 615 -5.43 26.06 -1.31
CA CYS A 615 -5.12 25.60 -2.65
C CYS A 615 -5.44 24.12 -2.77
N VAL A 616 -6.36 23.78 -3.65
CA VAL A 616 -6.71 22.39 -3.94
C VAL A 616 -6.71 22.21 -5.46
N PRO A 617 -5.66 21.64 -6.03
CA PRO A 617 -5.67 21.41 -7.48
C PRO A 617 -6.81 20.48 -7.88
N VAL A 618 -7.45 20.81 -9.00
CA VAL A 618 -8.61 20.08 -9.49
C VAL A 618 -8.19 19.29 -10.72
N ARG A 619 -8.27 17.97 -10.63
CA ARG A 619 -7.97 17.11 -11.76
C ARG A 619 -9.24 16.77 -12.51
N VAL A 620 -9.14 16.70 -13.83
CA VAL A 620 -10.28 16.56 -14.72
C VAL A 620 -10.21 15.20 -15.41
N GLU A 621 -11.35 14.50 -15.42
CA GLU A 621 -11.44 13.22 -16.10
C GLU A 621 -11.16 13.41 -17.59
N PRO A 622 -10.46 12.45 -18.22
CA PRO A 622 -10.13 12.62 -19.66
C PRO A 622 -11.35 12.79 -20.55
N LYS A 623 -12.46 12.12 -20.25
CA LYS A 623 -13.64 12.20 -21.11
C LYS A 623 -14.18 13.62 -21.16
N VAL A 624 -14.01 14.39 -20.09
CA VAL A 624 -14.46 15.79 -20.09
C VAL A 624 -13.77 16.56 -21.21
N TYR A 625 -12.53 16.21 -21.52
CA TYR A 625 -11.80 16.86 -22.61
C TYR A 625 -12.59 16.82 -23.91
N PHE A 626 -13.38 15.77 -24.11
CA PHE A 626 -14.23 15.71 -25.30
C PHE A 626 -15.59 16.36 -25.04
N ALA A 627 -16.13 16.20 -23.83
CA ALA A 627 -17.43 16.77 -23.54
C ALA A 627 -17.40 18.29 -23.68
N THR A 628 -16.35 18.93 -23.15
CA THR A 628 -16.17 20.36 -23.33
C THR A 628 -16.21 20.73 -24.81
N GLU A 629 -15.66 19.86 -25.68
CA GLU A 629 -15.77 20.10 -27.11
C GLU A 629 -17.17 19.81 -27.62
N ARG A 630 -17.77 18.71 -27.16
CA ARG A 630 -19.08 18.28 -27.64
C ARG A 630 -20.07 19.43 -27.65
N THR A 631 -20.36 19.96 -26.47
CA THR A 631 -21.32 21.05 -26.34
C THR A 631 -20.96 22.21 -27.26
N TYR A 632 -19.66 22.53 -27.36
CA TYR A 632 -19.23 23.59 -28.27
C TYR A 632 -19.80 23.36 -29.65
N LEU A 633 -19.53 22.18 -30.22
CA LEU A 633 -20.07 21.86 -31.54
C LEU A 633 -21.58 21.91 -31.51
N SER A 634 -22.19 21.37 -30.45
CA SER A 634 -23.65 21.39 -30.34
C SER A 634 -24.18 22.81 -30.36
N TRP A 635 -23.43 23.75 -29.77
CA TRP A 635 -23.81 25.15 -29.89
C TRP A 635 -23.46 25.69 -31.28
N LEU A 636 -22.26 25.37 -31.76
CA LEU A 636 -21.78 25.95 -33.01
C LEU A 636 -22.74 25.67 -34.15
N SER A 637 -23.13 24.40 -34.31
CA SER A 637 -24.10 24.03 -35.33
C SER A 637 -25.35 24.91 -35.24
N ILE A 638 -25.89 25.06 -34.03
CA ILE A 638 -27.08 25.88 -33.86
C ILE A 638 -26.84 27.28 -34.37
N SER A 639 -25.70 27.88 -34.00
CA SER A 639 -25.38 29.21 -34.48
C SER A 639 -25.34 29.24 -35.99
N ILE A 640 -24.74 28.22 -36.61
CA ILE A 640 -24.71 28.13 -38.06
C ILE A 640 -26.13 28.20 -38.61
N LEU A 641 -27.03 27.41 -38.03
CA LEU A 641 -28.42 27.44 -38.45
C LEU A 641 -28.97 28.86 -38.35
N LEU A 642 -28.74 29.52 -37.21
CA LEU A 642 -29.18 30.90 -37.08
C LEU A 642 -28.50 31.78 -38.11
N GLY A 643 -27.18 31.60 -38.29
CA GLY A 643 -26.50 32.29 -39.37
C GLY A 643 -27.09 31.94 -40.72
N GLY A 644 -27.45 30.67 -40.90
CA GLY A 644 -28.09 30.26 -42.15
C GLY A 644 -29.36 31.03 -42.42
N VAL A 645 -30.06 31.43 -41.36
CA VAL A 645 -31.22 32.30 -41.55
C VAL A 645 -30.76 33.74 -41.80
N SER A 646 -29.81 34.22 -40.99
CA SER A 646 -29.43 35.63 -41.05
C SER A 646 -28.88 36.00 -42.40
N THR A 647 -28.04 35.14 -42.98
CA THR A 647 -27.56 35.39 -44.34
C THR A 647 -28.70 35.31 -45.34
N THR A 648 -29.59 34.33 -45.19
CA THR A 648 -30.63 34.11 -46.18
C THR A 648 -31.54 35.32 -46.32
N LEU A 649 -31.82 36.01 -45.22
CA LEU A 649 -32.68 37.18 -45.26
C LEU A 649 -31.93 38.45 -45.67
N LEU A 650 -30.61 38.41 -45.76
CA LEU A 650 -29.84 39.57 -46.18
C LEU A 650 -29.50 39.54 -47.67
N THR A 651 -28.82 38.50 -48.12
CA THR A 651 -28.42 38.40 -49.52
C THR A 651 -29.56 38.02 -50.46
N TYR A 652 -30.58 37.30 -49.97
CA TYR A 652 -31.76 37.00 -50.79
C TYR A 652 -33.03 37.71 -50.33
N GLY A 653 -33.08 38.17 -49.09
CA GLY A 653 -34.34 38.70 -48.57
C GLY A 653 -34.68 40.06 -49.14
N SER A 654 -35.99 40.35 -49.13
CA SER A 654 -36.51 41.64 -49.53
C SER A 654 -36.15 42.68 -48.47
N PRO A 655 -36.24 43.97 -48.80
CA PRO A 655 -35.84 45.00 -47.81
C PRO A 655 -36.62 44.92 -46.51
N THR A 656 -37.85 44.43 -46.52
CA THR A 656 -38.57 44.24 -45.26
C THR A 656 -38.11 43.00 -44.52
N ALA A 657 -37.48 42.04 -45.21
CA ALA A 657 -36.96 40.85 -44.54
C ALA A 657 -35.67 41.14 -43.78
N MET A 658 -34.91 42.14 -44.23
CA MET A 658 -33.71 42.54 -43.51
C MET A 658 -34.01 43.00 -42.08
N ILE A 659 -35.24 43.45 -41.83
CA ILE A 659 -35.60 43.87 -40.49
C ILE A 659 -35.60 42.70 -39.52
N GLY A 660 -36.21 41.58 -39.92
CA GLY A 660 -36.10 40.36 -39.11
C GLY A 660 -34.71 39.79 -39.12
N SER A 661 -33.99 39.95 -40.24
CA SER A 661 -32.59 39.54 -40.27
C SER A 661 -31.77 40.28 -39.23
N ILE A 662 -32.17 41.51 -38.87
CA ILE A 662 -31.47 42.23 -37.82
C ILE A 662 -31.50 41.44 -36.51
N GLY A 663 -32.69 40.99 -36.11
CA GLY A 663 -32.79 40.22 -34.88
C GLY A 663 -32.08 38.88 -34.96
N PHE A 664 -32.21 38.20 -36.11
CA PHE A 664 -31.53 36.91 -36.23
C PHE A 664 -30.02 37.07 -36.23
N PHE A 665 -29.51 38.14 -36.84
CA PHE A 665 -28.09 38.45 -36.82
C PHE A 665 -27.60 38.71 -35.40
N ILE A 666 -28.36 39.49 -34.64
CA ILE A 666 -27.99 39.75 -33.24
C ILE A 666 -27.95 38.44 -32.46
N THR A 667 -28.97 37.60 -32.63
CA THR A 667 -29.03 36.34 -31.91
C THR A 667 -27.86 35.44 -32.28
N SER A 668 -27.53 35.33 -33.57
CA SER A 668 -26.43 34.48 -34.00
C SER A 668 -25.10 34.97 -33.45
N LEU A 669 -24.86 36.28 -33.49
CA LEU A 669 -23.62 36.80 -32.93
C LEU A 669 -23.52 36.55 -31.44
N ALA A 670 -24.63 36.75 -30.71
CA ALA A 670 -24.61 36.51 -29.28
C ALA A 670 -24.32 35.05 -28.97
N VAL A 671 -24.94 34.13 -29.71
CA VAL A 671 -24.72 32.71 -29.48
C VAL A 671 -23.27 32.34 -29.75
N LEU A 672 -22.72 32.83 -30.87
CA LEU A 672 -21.34 32.51 -31.20
C LEU A 672 -20.36 33.04 -30.17
N ILE A 673 -20.56 34.31 -29.75
CA ILE A 673 -19.64 34.90 -28.78
C ILE A 673 -19.73 34.18 -27.44
N ARG A 674 -20.94 33.87 -26.99
CA ARG A 674 -21.11 33.14 -25.75
C ARG A 674 -20.42 31.79 -25.81
N THR A 675 -20.60 31.07 -26.93
CA THR A 675 -19.98 29.76 -27.08
C THR A 675 -18.46 29.86 -27.03
N VAL A 676 -17.88 30.80 -27.78
CA VAL A 676 -16.44 30.95 -27.82
C VAL A 676 -15.90 31.25 -26.43
N MET A 677 -16.48 32.24 -25.75
CA MET A 677 -15.95 32.63 -24.46
C MET A 677 -16.12 31.51 -23.43
N VAL A 678 -17.28 30.83 -23.46
CA VAL A 678 -17.53 29.76 -22.49
C VAL A 678 -16.51 28.64 -22.65
N TYR A 679 -16.27 28.20 -23.88
CA TYR A 679 -15.42 27.02 -24.03
C TYR A 679 -13.93 27.35 -24.06
N ALA A 680 -13.56 28.57 -24.46
CA ALA A 680 -12.19 29.01 -24.21
C ALA A 680 -11.91 29.06 -22.71
N LYS A 681 -12.85 29.61 -21.94
CA LYS A 681 -12.68 29.62 -20.48
C LYS A 681 -12.61 28.22 -19.92
N ARG A 682 -13.46 27.30 -20.42
CA ARG A 682 -13.44 25.93 -19.92
C ARG A 682 -12.12 25.25 -20.23
N VAL A 683 -11.58 25.44 -21.44
CA VAL A 683 -10.28 24.83 -21.77
C VAL A 683 -9.18 25.41 -20.89
N VAL A 684 -9.18 26.74 -20.73
CA VAL A 684 -8.14 27.39 -19.93
C VAL A 684 -8.23 26.95 -18.47
N ASN A 685 -9.43 26.72 -17.96
CA ASN A 685 -9.59 26.34 -16.56
C ASN A 685 -9.43 24.85 -16.33
N ILE A 686 -9.64 24.02 -17.36
CA ILE A 686 -9.26 22.61 -17.25
C ILE A 686 -7.74 22.49 -17.23
N ARG A 687 -7.07 23.29 -18.05
CA ARG A 687 -5.66 23.56 -17.78
C ARG A 687 -5.55 24.41 -16.51
N LEU A 688 -4.34 24.49 -15.96
CA LEU A 688 -4.04 25.18 -14.71
C LEU A 688 -4.77 24.56 -13.52
N LYS A 689 -5.54 23.48 -13.71
CA LYS A 689 -6.22 22.77 -12.62
C LYS A 689 -7.10 23.71 -11.79
N ARG A 690 -7.87 24.55 -12.48
CA ARG A 690 -8.80 25.43 -11.80
C ARG A 690 -10.18 24.79 -11.73
N ALA A 691 -10.96 25.20 -10.74
CA ALA A 691 -12.32 24.72 -10.60
C ALA A 691 -13.17 25.27 -11.74
N VAL A 692 -13.91 24.39 -12.40
CA VAL A 692 -14.71 24.74 -13.57
C VAL A 692 -16.18 24.64 -13.20
N ASP A 693 -16.94 25.69 -13.48
CA ASP A 693 -18.38 25.70 -13.27
C ASP A 693 -19.03 25.06 -14.49
N TYR A 694 -19.52 23.83 -14.32
CA TYR A 694 -20.09 23.06 -15.42
C TYR A 694 -21.56 23.36 -15.65
N GLU A 695 -22.16 24.24 -14.84
CA GLU A 695 -23.56 24.61 -14.99
C GLU A 695 -23.65 25.91 -15.79
N ASP A 696 -24.38 25.86 -16.89
CA ASP A 696 -24.60 27.04 -17.74
C ASP A 696 -25.93 27.66 -17.37
N LYS A 697 -25.89 28.80 -16.69
CA LYS A 697 -27.09 29.49 -16.25
C LYS A 697 -27.44 30.70 -17.09
N ILE A 698 -26.67 31.02 -18.12
CA ILE A 698 -26.87 32.20 -18.95
C ILE A 698 -27.23 31.82 -20.37
N GLY A 699 -26.51 30.85 -20.95
CA GLY A 699 -26.65 30.50 -22.35
C GLY A 699 -28.05 30.09 -22.76
N PRO A 700 -28.64 29.12 -22.06
CA PRO A 700 -30.01 28.71 -22.41
C PRO A 700 -31.04 29.84 -22.36
N GLY A 701 -31.11 30.55 -21.24
CA GLY A 701 -32.08 31.64 -21.14
C GLY A 701 -31.83 32.74 -22.15
N MET A 702 -30.56 33.10 -22.34
CA MET A 702 -30.23 34.16 -23.29
C MET A 702 -30.62 33.76 -24.71
N VAL A 703 -30.31 32.53 -25.12
CA VAL A 703 -30.63 32.11 -26.47
C VAL A 703 -32.14 32.01 -26.65
N SER A 704 -32.86 31.54 -25.62
CA SER A 704 -34.31 31.46 -25.73
C SER A 704 -34.92 32.84 -25.91
N VAL A 705 -34.52 33.79 -25.06
CA VAL A 705 -35.06 35.14 -25.15
C VAL A 705 -34.73 35.78 -26.48
N PHE A 706 -33.47 35.63 -26.92
CA PHE A 706 -33.04 36.26 -28.16
C PHE A 706 -33.75 35.68 -29.37
N LEU A 707 -33.92 34.36 -29.41
CA LEU A 707 -34.61 33.73 -30.54
C LEU A 707 -36.08 34.13 -30.57
N ILE A 708 -36.74 34.14 -29.41
CA ILE A 708 -38.15 34.52 -29.37
C ILE A 708 -38.32 35.97 -29.79
N LEU A 709 -37.44 36.85 -29.31
CA LEU A 709 -37.54 38.26 -29.69
C LEU A 709 -37.22 38.49 -31.16
N SER A 710 -36.29 37.71 -31.72
CA SER A 710 -36.02 37.82 -33.15
C SER A 710 -37.23 37.41 -33.98
N ILE A 711 -37.90 36.32 -33.59
CA ILE A 711 -39.10 35.89 -34.30
C ILE A 711 -40.19 36.94 -34.16
N LEU A 712 -40.35 37.51 -32.95
CA LEU A 712 -41.30 38.60 -32.77
C LEU A 712 -40.99 39.78 -33.67
N PHE A 713 -39.70 40.13 -33.79
CA PHE A 713 -39.33 41.30 -34.59
C PHE A 713 -39.65 41.06 -36.07
N SER A 714 -39.35 39.85 -36.56
CA SER A 714 -39.68 39.54 -37.96
C SER A 714 -41.18 39.58 -38.20
N PHE A 715 -41.95 38.92 -37.34
CA PHE A 715 -43.40 38.91 -37.50
C PHE A 715 -43.98 40.31 -37.38
N PHE A 716 -43.47 41.10 -36.44
CA PHE A 716 -43.94 42.47 -36.26
C PHE A 716 -43.64 43.32 -37.49
N CYS A 717 -42.45 43.17 -38.06
CA CYS A 717 -42.14 43.91 -39.28
C CYS A 717 -43.10 43.56 -40.40
N ASN A 718 -43.36 42.27 -40.60
CA ASN A 718 -44.27 41.86 -41.66
C ASN A 718 -45.69 42.36 -41.41
N LEU A 719 -46.17 42.25 -40.16
CA LEU A 719 -47.52 42.68 -39.85
C LEU A 719 -47.69 44.18 -39.99
N VAL A 720 -46.68 44.95 -39.56
CA VAL A 720 -46.73 46.41 -39.69
C VAL A 720 -46.68 46.81 -41.16
N ALA A 721 -45.89 46.10 -41.96
CA ALA A 721 -45.91 46.34 -43.39
C ALA A 721 -47.30 46.06 -43.97
N LYS A 722 -47.98 45.05 -43.43
CA LYS A 722 -49.31 44.72 -43.91
C LYS A 722 -50.33 45.80 -43.55
N LEU A 723 -50.34 46.23 -42.29
CA LEU A 723 -51.43 47.08 -41.80
C LEU A 723 -51.11 48.57 -41.83
N GLU A 724 -49.89 48.96 -41.50
CA GLU A 724 -49.54 50.39 -41.50
C GLU A 724 -49.29 50.88 -42.92
N ALA B 5 -13.78 27.51 1.29
CA ALA B 5 -13.84 26.07 1.11
C ALA B 5 -13.96 25.71 -0.38
N PRO B 6 -12.81 25.58 -1.05
CA PRO B 6 -12.85 25.21 -2.47
C PRO B 6 -13.23 23.75 -2.68
N LEU B 7 -14.54 23.47 -2.62
CA LEU B 7 -15.08 22.12 -2.78
C LEU B 7 -14.56 21.20 -1.68
N LEU B 8 -14.63 21.67 -0.44
CA LEU B 8 -14.27 20.89 0.74
C LEU B 8 -15.54 20.40 1.41
N GLN B 9 -15.80 19.10 1.34
CA GLN B 9 -16.97 18.50 1.95
C GLN B 9 -16.53 17.45 2.97
N ARG B 10 -17.36 17.24 3.97
CA ARG B 10 -17.07 16.26 5.01
C ARG B 10 -17.97 15.04 4.80
N THR B 11 -17.35 13.87 4.72
CA THR B 11 -18.09 12.64 4.55
C THR B 11 -18.95 12.36 5.77
N PRO B 12 -20.05 11.62 5.61
CA PRO B 12 -21.04 11.50 6.70
C PRO B 12 -20.47 10.99 8.02
N GLY B 13 -19.51 10.08 7.99
CA GLY B 13 -19.04 9.48 9.22
C GLY B 13 -17.63 9.84 9.66
N LYS B 14 -17.08 10.91 9.09
CA LYS B 14 -15.71 11.32 9.39
C LYS B 14 -15.70 12.78 9.84
N LYS B 15 -14.53 13.23 10.30
CA LYS B 15 -14.41 14.52 10.96
C LYS B 15 -13.65 15.57 10.17
N ILE B 16 -12.80 15.19 9.22
CA ILE B 16 -11.98 16.12 8.47
C ILE B 16 -12.62 16.33 7.10
N ALA B 17 -12.80 17.60 6.73
CA ALA B 17 -13.38 17.95 5.44
C ALA B 17 -12.33 17.79 4.35
N LEU B 18 -12.61 16.93 3.38
CA LEU B 18 -11.70 16.63 2.28
C LEU B 18 -12.23 17.24 0.99
N PRO B 19 -11.36 17.48 0.01
CA PRO B 19 -11.84 17.91 -1.30
C PRO B 19 -12.78 16.88 -1.90
N THR B 20 -13.84 17.37 -2.55
CA THR B 20 -14.86 16.51 -3.12
C THR B 20 -14.84 16.64 -4.64
N ARG B 21 -15.13 15.53 -5.32
CA ARG B 21 -15.16 15.50 -6.77
C ARG B 21 -16.59 15.77 -7.25
N VAL B 22 -16.74 16.77 -8.12
CA VAL B 22 -18.02 17.08 -8.74
C VAL B 22 -18.11 16.29 -10.03
N GLU B 23 -19.32 15.84 -10.36
CA GLU B 23 -19.51 15.05 -11.57
C GLU B 23 -20.13 15.91 -12.65
N PRO B 24 -19.38 16.25 -13.69
CA PRO B 24 -19.94 17.10 -14.76
C PRO B 24 -20.93 16.38 -15.66
N LYS B 25 -21.04 15.05 -15.55
CA LYS B 25 -21.98 14.31 -16.40
C LYS B 25 -23.41 14.77 -16.15
N VAL B 26 -23.75 15.07 -14.89
CA VAL B 26 -25.10 15.48 -14.55
C VAL B 26 -25.46 16.78 -15.25
N PHE B 27 -24.54 17.75 -15.25
CA PHE B 27 -24.79 19.01 -15.96
C PHE B 27 -24.80 18.80 -17.47
N PHE B 28 -23.92 17.92 -17.96
CA PHE B 28 -23.84 17.68 -19.40
C PHE B 28 -25.11 17.05 -19.94
N ALA B 29 -25.77 16.21 -19.15
CA ALA B 29 -27.03 15.63 -19.58
C ALA B 29 -28.10 16.71 -19.78
N ASN B 30 -28.19 17.65 -18.82
CA ASN B 30 -29.14 18.74 -18.96
C ASN B 30 -28.80 19.60 -20.17
N GLU B 31 -27.53 19.90 -20.36
CA GLU B 31 -27.13 20.71 -21.51
C GLU B 31 -27.49 20.01 -22.82
N ARG B 32 -27.25 18.71 -22.91
CA ARG B 32 -27.55 17.98 -24.13
C ARG B 32 -29.05 17.92 -24.41
N THR B 33 -29.85 17.70 -23.36
CA THR B 33 -31.30 17.69 -23.56
C THR B 33 -31.80 19.04 -24.03
N PHE B 34 -31.33 20.12 -23.39
CA PHE B 34 -31.75 21.45 -23.81
C PHE B 34 -31.29 21.74 -25.23
N LEU B 35 -30.09 21.28 -25.61
CA LEU B 35 -29.58 21.54 -26.94
C LEU B 35 -30.35 20.78 -28.00
N SER B 36 -30.81 19.57 -27.68
CA SER B 36 -31.68 18.84 -28.61
C SER B 36 -33.00 19.58 -28.81
N TRP B 37 -33.62 20.02 -27.72
CA TRP B 37 -34.85 20.80 -27.86
C TRP B 37 -34.60 22.12 -28.58
N LEU B 38 -33.41 22.68 -28.41
CA LEU B 38 -33.07 23.91 -29.12
C LEU B 38 -32.87 23.67 -30.61
N ASN B 39 -32.35 22.50 -30.98
CA ASN B 39 -32.30 22.14 -32.39
C ASN B 39 -33.71 22.07 -32.97
N PHE B 40 -34.63 21.44 -32.23
CA PHE B 40 -36.04 21.43 -32.64
C PHE B 40 -36.53 22.86 -32.88
N THR B 41 -36.31 23.72 -31.89
CA THR B 41 -36.85 25.07 -31.93
C THR B 41 -36.23 25.88 -33.08
N VAL B 42 -34.92 25.76 -33.25
CA VAL B 42 -34.23 26.54 -34.28
C VAL B 42 -34.67 26.10 -35.67
N MET B 43 -34.78 24.79 -35.90
CA MET B 43 -35.20 24.33 -37.22
C MET B 43 -36.65 24.73 -37.50
N LEU B 44 -37.54 24.59 -36.52
CA LEU B 44 -38.93 25.00 -36.75
C LEU B 44 -39.05 26.51 -36.94
N GLY B 45 -38.30 27.30 -36.17
CA GLY B 45 -38.35 28.73 -36.35
C GLY B 45 -37.77 29.19 -37.68
N GLY B 46 -36.71 28.51 -38.13
CA GLY B 46 -36.18 28.80 -39.46
C GLY B 46 -37.19 28.49 -40.55
N LEU B 47 -37.88 27.36 -40.43
CA LEU B 47 -38.95 27.05 -41.38
C LEU B 47 -40.03 28.12 -41.35
N GLY B 48 -40.44 28.54 -40.15
CA GLY B 48 -41.49 29.55 -40.04
C GLY B 48 -41.10 30.88 -40.64
N VAL B 49 -39.89 31.35 -40.33
CA VAL B 49 -39.46 32.65 -40.86
C VAL B 49 -39.21 32.57 -42.36
N GLY B 50 -38.73 31.43 -42.86
CA GLY B 50 -38.58 31.28 -44.30
C GLY B 50 -39.91 31.35 -45.01
N LEU B 51 -40.92 30.65 -44.47
CA LEU B 51 -42.25 30.73 -45.06
C LEU B 51 -42.82 32.14 -44.98
N LEU B 52 -42.61 32.82 -43.85
CA LEU B 52 -43.16 34.16 -43.67
C LEU B 52 -42.53 35.16 -44.63
N ASN B 53 -41.21 35.09 -44.80
CA ASN B 53 -40.50 36.09 -45.59
C ASN B 53 -40.37 35.74 -47.07
N PHE B 54 -40.67 34.50 -47.47
CA PHE B 54 -40.56 34.13 -48.87
C PHE B 54 -41.77 33.38 -49.42
N GLY B 55 -42.72 32.97 -48.60
CA GLY B 55 -43.86 32.24 -49.10
C GLY B 55 -44.93 33.15 -49.67
N ASP B 56 -45.91 32.53 -50.31
CA ASP B 56 -47.07 33.23 -50.82
C ASP B 56 -48.05 33.47 -49.66
N LYS B 57 -49.29 33.86 -49.98
CA LYS B 57 -50.28 34.12 -48.95
C LYS B 57 -50.49 32.88 -48.07
N ILE B 58 -50.66 31.72 -48.71
CA ILE B 58 -50.86 30.48 -47.95
C ILE B 58 -49.64 30.18 -47.09
N GLY B 59 -48.45 30.35 -47.65
CA GLY B 59 -47.23 30.13 -46.87
C GLY B 59 -47.11 31.11 -45.72
N ARG B 60 -47.47 32.37 -45.95
CA ARG B 60 -47.39 33.36 -44.88
C ARG B 60 -48.35 33.02 -43.74
N VAL B 61 -49.58 32.58 -44.08
CA VAL B 61 -50.51 32.19 -43.03
C VAL B 61 -50.01 30.95 -42.28
N SER B 62 -49.48 29.97 -43.02
CA SER B 62 -49.03 28.74 -42.41
C SER B 62 -47.71 28.88 -41.66
N ALA B 63 -47.00 29.99 -41.85
CA ALA B 63 -45.77 30.21 -41.09
C ALA B 63 -46.02 30.29 -39.60
N GLY B 64 -47.15 30.89 -39.20
CA GLY B 64 -47.48 30.95 -37.79
C GLY B 64 -47.73 29.58 -37.18
N LEU B 65 -48.24 28.65 -37.98
CA LEU B 65 -48.53 27.30 -37.46
C LEU B 65 -47.27 26.57 -37.02
N PHE B 66 -46.11 26.91 -37.60
CA PHE B 66 -44.83 26.36 -37.14
C PHE B 66 -44.12 27.28 -36.17
N THR B 67 -44.30 28.60 -36.29
CA THR B 67 -43.73 29.52 -35.32
C THR B 67 -44.29 29.28 -33.93
N PHE B 68 -45.60 29.05 -33.82
CA PHE B 68 -46.21 28.80 -32.52
C PHE B 68 -45.66 27.54 -31.88
N VAL B 69 -45.48 26.48 -32.68
CA VAL B 69 -44.89 25.25 -32.17
C VAL B 69 -43.45 25.50 -31.71
N ALA B 70 -42.71 26.31 -32.47
CA ALA B 70 -41.35 26.65 -32.08
C ALA B 70 -41.32 27.37 -30.73
N MET B 71 -42.23 28.32 -30.53
CA MET B 71 -42.28 29.03 -29.25
C MET B 71 -42.68 28.09 -28.12
N GLY B 72 -43.64 27.21 -28.37
CA GLY B 72 -44.04 26.26 -27.35
C GLY B 72 -42.89 25.37 -26.93
N THR B 73 -42.15 24.82 -27.89
CA THR B 73 -41.04 23.95 -27.54
C THR B 73 -39.87 24.73 -26.94
N MET B 74 -39.70 26.01 -27.30
CA MET B 74 -38.66 26.82 -26.66
C MET B 74 -38.98 27.07 -25.20
N ILE B 75 -40.23 27.46 -24.91
CA ILE B 75 -40.64 27.67 -23.52
C ILE B 75 -40.52 26.37 -22.74
N TYR B 76 -40.97 25.26 -23.32
CA TYR B 76 -40.87 23.97 -22.64
C TYR B 76 -39.42 23.61 -22.36
N ALA B 77 -38.53 23.82 -23.34
CA ALA B 77 -37.12 23.50 -23.15
C ALA B 77 -36.51 24.35 -22.05
N LEU B 78 -36.78 25.65 -22.05
CA LEU B 78 -36.21 26.52 -21.02
C LEU B 78 -36.73 26.14 -19.64
N VAL B 79 -38.04 25.92 -19.52
CA VAL B 79 -38.64 25.60 -18.23
C VAL B 79 -38.10 24.27 -17.71
N THR B 80 -38.07 23.26 -18.57
CA THR B 80 -37.59 21.94 -18.15
C THR B 80 -36.11 21.98 -17.80
N TYR B 81 -35.30 22.72 -18.58
CA TYR B 81 -33.89 22.82 -18.27
C TYR B 81 -33.66 23.48 -16.93
N HIS B 82 -34.37 24.57 -16.65
CA HIS B 82 -34.18 25.26 -15.38
C HIS B 82 -34.69 24.43 -14.21
N TRP B 83 -35.81 23.73 -14.38
CA TRP B 83 -36.31 22.89 -13.30
C TRP B 83 -35.38 21.72 -13.02
N ARG B 84 -34.84 21.11 -14.08
CA ARG B 84 -33.88 20.02 -13.91
C ARG B 84 -32.59 20.52 -13.28
N ALA B 85 -32.16 21.73 -13.64
CA ALA B 85 -30.97 22.32 -13.03
C ALA B 85 -31.19 22.59 -11.54
N ALA B 86 -32.39 23.09 -11.19
CA ALA B 86 -32.71 23.30 -9.79
C ALA B 86 -32.74 21.98 -9.04
N ALA B 87 -33.29 20.94 -9.65
CA ALA B 87 -33.35 19.63 -8.99
C ALA B 87 -31.95 19.06 -8.77
N ILE B 88 -31.09 19.11 -9.79
CA ILE B 88 -29.76 18.53 -9.65
C ILE B 88 -28.92 19.33 -8.67
N ARG B 89 -29.17 20.64 -8.56
CA ARG B 89 -28.41 21.46 -7.62
C ARG B 89 -28.67 21.07 -6.17
N ARG B 90 -29.80 20.42 -5.89
CA ARG B 90 -30.13 20.03 -4.53
C ARG B 90 -30.16 18.52 -4.34
N ARG B 91 -30.97 17.79 -5.11
CA ARG B 91 -31.08 16.35 -4.91
C ARG B 91 -31.02 15.59 -6.23
N GLY B 92 -31.43 16.22 -7.32
CA GLY B 92 -31.49 15.56 -8.61
C GLY B 92 -32.88 15.06 -8.96
N SER B 93 -32.95 14.01 -9.77
CA SER B 93 -34.21 13.33 -10.08
C SER B 93 -35.18 14.22 -10.85
N GLY B 94 -36.41 13.73 -11.02
CA GLY B 94 -37.43 14.42 -11.76
C GLY B 94 -37.59 13.96 -13.20
N PRO B 95 -37.70 12.63 -13.43
CA PRO B 95 -37.86 12.15 -14.82
C PRO B 95 -39.31 12.09 -15.27
N TYR B 96 -40.25 12.03 -14.32
CA TYR B 96 -41.66 11.83 -14.63
C TYR B 96 -42.36 13.17 -14.87
N ASP B 97 -41.79 13.95 -15.78
CA ASP B 97 -42.38 15.22 -16.17
C ASP B 97 -42.27 15.49 -17.67
N ASP B 98 -41.79 14.53 -18.46
CA ASP B 98 -41.58 14.71 -19.89
C ASP B 98 -42.31 13.65 -20.70
N ARG B 99 -43.54 13.32 -20.31
CA ARG B 99 -44.36 12.39 -21.06
C ARG B 99 -45.39 13.13 -21.92
N LEU B 100 -46.21 13.97 -21.29
CA LEU B 100 -47.21 14.74 -22.01
C LEU B 100 -46.61 15.92 -22.77
N GLY B 101 -45.42 16.36 -22.40
CA GLY B 101 -44.78 17.47 -23.07
C GLY B 101 -44.38 17.14 -24.50
N PRO B 102 -43.48 16.16 -24.66
CA PRO B 102 -43.12 15.71 -26.01
C PRO B 102 -44.32 15.24 -26.82
N THR B 103 -45.26 14.55 -26.20
CA THR B 103 -46.44 14.08 -26.93
C THR B 103 -47.27 15.25 -27.42
N LEU B 104 -47.49 16.24 -26.58
CA LEU B 104 -48.26 17.42 -26.98
C LEU B 104 -47.55 18.19 -28.09
N LEU B 105 -46.23 18.33 -27.98
CA LEU B 105 -45.49 19.05 -29.01
C LEU B 105 -45.52 18.31 -30.34
N CYS B 106 -45.37 16.99 -30.31
CA CYS B 106 -45.50 16.20 -31.55
C CYS B 106 -46.90 16.31 -32.13
N PHE B 107 -47.93 16.29 -31.27
CA PHE B 107 -49.30 16.44 -31.75
C PHE B 107 -49.49 17.80 -32.44
N PHE B 108 -48.98 18.86 -31.83
CA PHE B 108 -49.14 20.19 -32.42
C PHE B 108 -48.35 20.32 -33.71
N LEU B 109 -47.15 19.73 -33.77
CA LEU B 109 -46.38 19.75 -35.00
C LEU B 109 -47.08 18.99 -36.11
N LEU B 110 -47.65 17.82 -35.81
CA LEU B 110 -48.39 17.07 -36.82
C LEU B 110 -49.63 17.82 -37.26
N VAL B 111 -50.31 18.48 -36.33
CA VAL B 111 -51.49 19.28 -36.69
C VAL B 111 -51.09 20.42 -37.61
N ALA B 112 -49.98 21.08 -37.32
CA ALA B 112 -49.50 22.15 -38.18
C ALA B 112 -49.15 21.63 -39.57
N VAL B 113 -48.49 20.47 -39.64
CA VAL B 113 -48.14 19.89 -40.93
C VAL B 113 -49.39 19.56 -41.73
N ILE B 114 -50.39 18.95 -41.08
CA ILE B 114 -51.61 18.58 -41.78
C ILE B 114 -52.37 19.82 -42.23
N ILE B 115 -52.37 20.87 -41.39
CA ILE B 115 -53.04 22.11 -41.75
C ILE B 115 -52.36 22.76 -42.96
N ASN B 116 -51.03 22.75 -42.98
CA ASN B 116 -50.30 23.27 -44.13
C ASN B 116 -50.65 22.48 -45.38
N PHE B 117 -50.71 21.15 -45.27
CA PHE B 117 -51.12 20.32 -46.40
C PHE B 117 -52.50 20.71 -46.88
N ILE B 118 -53.42 20.96 -45.95
CA ILE B 118 -54.80 21.26 -46.30
C ILE B 118 -54.89 22.58 -47.04
N LEU B 119 -54.24 23.64 -46.53
CA LEU B 119 -54.30 24.92 -47.25
C LEU B 119 -53.56 24.84 -48.57
N ARG B 120 -52.54 24.00 -48.68
CA ARG B 120 -51.82 23.90 -49.95
C ARG B 120 -52.65 23.19 -51.01
N LEU B 121 -53.27 22.07 -50.65
CA LEU B 121 -54.02 21.28 -51.62
C LEU B 121 -55.39 21.91 -51.92
N LYS B 122 -56.06 22.44 -50.90
CA LYS B 122 -57.40 23.01 -51.11
C LYS B 122 -57.33 24.24 -52.00
N TYR B 123 -56.34 25.09 -51.79
CA TYR B 123 -56.23 26.34 -52.54
C TYR B 123 -55.20 26.22 -53.66
N VAL C 22 -32.25 -7.12 -22.36
CA VAL C 22 -31.44 -7.40 -21.18
C VAL C 22 -30.65 -6.15 -20.79
N GLU C 23 -30.09 -5.48 -21.80
CA GLU C 23 -29.32 -4.25 -21.59
C GLU C 23 -29.88 -3.17 -22.49
N PRO C 24 -30.90 -2.44 -22.03
CA PRO C 24 -31.47 -1.36 -22.86
C PRO C 24 -30.44 -0.31 -23.29
N LYS C 25 -29.47 -0.01 -22.44
CA LYS C 25 -28.56 1.11 -22.71
C LYS C 25 -27.77 0.90 -23.99
N VAL C 26 -27.25 -0.30 -24.20
CA VAL C 26 -26.42 -0.54 -25.39
C VAL C 26 -27.27 -0.53 -26.66
N PHE C 27 -28.50 -1.07 -26.58
CA PHE C 27 -29.39 -1.02 -27.73
C PHE C 27 -29.74 0.42 -28.08
N PHE C 28 -30.01 1.24 -27.07
CA PHE C 28 -30.30 2.65 -27.30
C PHE C 28 -29.10 3.36 -27.90
N ALA C 29 -27.89 3.02 -27.44
CA ALA C 29 -26.69 3.62 -28.01
C ALA C 29 -26.52 3.24 -29.47
N ASN C 30 -26.81 1.99 -29.81
CA ASN C 30 -26.71 1.56 -31.21
C ASN C 30 -27.70 2.33 -32.08
N GLU C 31 -28.94 2.48 -31.60
CA GLU C 31 -29.92 3.25 -32.36
C GLU C 31 -29.51 4.71 -32.49
N ARG C 32 -28.93 5.28 -31.43
CA ARG C 32 -28.48 6.66 -31.49
C ARG C 32 -27.34 6.84 -32.48
N THR C 33 -26.44 5.86 -32.57
CA THR C 33 -25.39 5.92 -33.59
C THR C 33 -25.97 5.84 -34.99
N PHE C 34 -26.94 4.95 -35.19
CA PHE C 34 -27.58 4.86 -36.50
C PHE C 34 -28.24 6.18 -36.88
N LEU C 35 -28.92 6.83 -35.93
CA LEU C 35 -29.55 8.11 -36.21
C LEU C 35 -28.52 9.22 -36.40
N SER C 36 -27.37 9.13 -35.74
CA SER C 36 -26.31 10.10 -35.98
C SER C 36 -25.81 10.01 -37.42
N TRP C 37 -25.67 8.80 -37.95
CA TRP C 37 -25.31 8.66 -39.37
C TRP C 37 -26.45 9.13 -40.27
N LEU C 38 -27.69 8.82 -39.88
CA LEU C 38 -28.85 9.28 -40.63
C LEU C 38 -28.94 10.80 -40.67
N ASN C 39 -28.33 11.47 -39.70
CA ASN C 39 -28.24 12.94 -39.75
C ASN C 39 -27.44 13.39 -40.98
N PHE C 40 -26.26 12.79 -41.19
CA PHE C 40 -25.49 13.06 -42.39
C PHE C 40 -26.31 12.75 -43.63
N THR C 41 -26.99 11.60 -43.61
CA THR C 41 -27.80 11.21 -44.77
C THR C 41 -28.86 12.26 -45.06
N VAL C 42 -29.55 12.73 -44.04
CA VAL C 42 -30.63 13.70 -44.23
C VAL C 42 -30.09 15.02 -44.75
N MET C 43 -28.99 15.52 -44.17
CA MET C 43 -28.45 16.80 -44.63
C MET C 43 -28.00 16.71 -46.09
N LEU C 44 -27.19 15.70 -46.42
CA LEU C 44 -26.69 15.58 -47.78
C LEU C 44 -27.81 15.32 -48.78
N GLY C 45 -28.76 14.43 -48.43
CA GLY C 45 -29.87 14.16 -49.32
C GLY C 45 -30.80 15.33 -49.47
N GLY C 46 -30.96 16.14 -48.41
CA GLY C 46 -31.76 17.34 -48.53
C GLY C 46 -31.13 18.34 -49.48
N LEU C 47 -29.81 18.54 -49.37
CA LEU C 47 -29.13 19.40 -50.33
C LEU C 47 -29.29 18.85 -51.75
N GLY C 48 -29.13 17.54 -51.91
CA GLY C 48 -29.24 16.95 -53.23
C GLY C 48 -30.63 17.08 -53.83
N VAL C 49 -31.65 16.82 -53.03
CA VAL C 49 -33.03 16.91 -53.50
C VAL C 49 -33.42 18.35 -53.77
N GLY C 50 -32.95 19.28 -52.94
CA GLY C 50 -33.20 20.68 -53.21
C GLY C 50 -32.57 21.15 -54.50
N LEU C 51 -31.34 20.69 -54.78
CA LEU C 51 -30.71 21.02 -56.04
C LEU C 51 -31.43 20.35 -57.21
N LEU C 52 -31.92 19.13 -57.01
CA LEU C 52 -32.59 18.41 -58.08
C LEU C 52 -33.89 19.10 -58.49
N ASN C 53 -34.65 19.59 -57.51
CA ASN C 53 -35.98 20.16 -57.75
C ASN C 53 -35.95 21.67 -57.98
N PHE C 54 -34.79 22.30 -57.80
CA PHE C 54 -34.75 23.76 -57.86
C PHE C 54 -33.51 24.27 -58.60
N GLY C 55 -32.69 23.37 -59.12
CA GLY C 55 -31.43 23.74 -59.74
C GLY C 55 -31.49 23.72 -61.25
N ASP C 56 -30.44 24.28 -61.85
CA ASP C 56 -30.27 24.26 -63.30
C ASP C 56 -29.68 22.93 -63.74
N LYS C 57 -29.29 22.83 -65.02
CA LYS C 57 -28.72 21.60 -65.55
C LYS C 57 -27.42 21.22 -64.87
N ILE C 58 -26.51 22.17 -64.67
CA ILE C 58 -25.25 21.89 -64.00
C ILE C 58 -25.44 21.58 -62.52
N GLY C 59 -26.40 22.24 -61.86
CA GLY C 59 -26.68 21.95 -60.47
C GLY C 59 -27.36 20.60 -60.29
N ARG C 60 -28.03 20.12 -61.34
CA ARG C 60 -28.78 18.87 -61.21
C ARG C 60 -27.90 17.64 -61.23
N VAL C 61 -26.62 17.76 -61.58
CA VAL C 61 -25.71 16.61 -61.49
C VAL C 61 -24.96 16.68 -60.17
N SER C 62 -24.76 17.90 -59.65
CA SER C 62 -24.28 18.07 -58.29
C SER C 62 -25.31 17.45 -57.35
N ALA C 63 -26.59 17.62 -57.70
CA ALA C 63 -27.65 16.96 -56.96
C ALA C 63 -27.48 15.44 -56.95
N GLY C 64 -27.18 14.87 -58.11
CA GLY C 64 -26.99 13.43 -58.19
C GLY C 64 -25.79 12.96 -57.37
N LEU C 65 -24.69 13.71 -57.43
CA LEU C 65 -23.51 13.34 -56.67
C LEU C 65 -23.78 13.41 -55.17
N PHE C 66 -24.42 14.49 -54.71
CA PHE C 66 -24.74 14.63 -53.29
C PHE C 66 -25.69 13.54 -52.83
N THR C 67 -26.71 13.23 -53.64
CA THR C 67 -27.65 12.19 -53.24
C THR C 67 -27.01 10.80 -53.29
N PHE C 68 -26.01 10.61 -54.16
CA PHE C 68 -25.26 9.35 -54.14
C PHE C 68 -24.46 9.21 -52.85
N VAL C 69 -23.81 10.30 -52.43
CA VAL C 69 -23.09 10.28 -51.16
C VAL C 69 -24.05 10.00 -50.01
N ALA C 70 -25.22 10.65 -50.02
CA ALA C 70 -26.21 10.45 -48.96
C ALA C 70 -26.72 9.01 -48.97
N MET C 71 -26.97 8.45 -50.16
CA MET C 71 -27.44 7.08 -50.25
C MET C 71 -26.41 6.10 -49.71
N GLY C 72 -25.14 6.30 -50.07
CA GLY C 72 -24.09 5.46 -49.52
C GLY C 72 -23.98 5.58 -48.01
N THR C 73 -24.13 6.80 -47.49
CA THR C 73 -24.08 7.00 -46.05
C THR C 73 -25.20 6.26 -45.35
N MET C 74 -26.43 6.35 -45.88
CA MET C 74 -27.55 5.68 -45.25
C MET C 74 -27.42 4.16 -45.34
N ILE C 75 -26.97 3.65 -46.49
CA ILE C 75 -26.81 2.21 -46.64
C ILE C 75 -25.73 1.68 -45.70
N TYR C 76 -24.60 2.39 -45.59
CA TYR C 76 -23.57 2.00 -44.64
C TYR C 76 -24.10 2.04 -43.21
N ALA C 77 -24.89 3.07 -42.88
CA ALA C 77 -25.46 3.16 -41.54
C ALA C 77 -26.37 1.97 -41.26
N LEU C 78 -27.20 1.60 -42.23
CA LEU C 78 -28.12 0.48 -42.02
C LEU C 78 -27.38 -0.83 -41.86
N VAL C 79 -26.38 -1.09 -42.71
CA VAL C 79 -25.62 -2.33 -42.62
C VAL C 79 -24.87 -2.41 -41.30
N THR C 80 -24.22 -1.31 -40.90
CA THR C 80 -23.49 -1.30 -39.64
C THR C 80 -24.42 -1.46 -38.47
N TYR C 81 -25.60 -0.83 -38.52
CA TYR C 81 -26.58 -0.97 -37.45
C TYR C 81 -27.03 -2.41 -37.30
N HIS C 82 -27.32 -3.07 -38.43
CA HIS C 82 -27.77 -4.47 -38.36
C HIS C 82 -26.66 -5.38 -37.84
N TRP C 83 -25.43 -5.19 -38.32
CA TRP C 83 -24.32 -6.01 -37.88
C TRP C 83 -24.05 -5.82 -36.39
N ARG C 84 -24.05 -4.57 -35.93
CA ARG C 84 -23.84 -4.30 -34.50
C ARG C 84 -24.99 -4.82 -33.67
N ALA C 85 -26.22 -4.78 -34.20
CA ALA C 85 -27.36 -5.33 -33.47
C ALA C 85 -27.20 -6.83 -33.30
N ALA C 86 -26.78 -7.53 -34.35
CA ALA C 86 -26.53 -8.97 -34.22
C ALA C 86 -25.42 -9.24 -33.21
N ALA C 87 -24.34 -8.45 -33.27
CA ALA C 87 -23.22 -8.65 -32.35
C ALA C 87 -23.63 -8.44 -30.90
N ILE C 88 -24.36 -7.37 -30.63
CA ILE C 88 -24.80 -7.08 -29.26
C ILE C 88 -25.84 -8.11 -28.80
N ARG C 89 -26.67 -8.61 -29.72
CA ARG C 89 -27.63 -9.65 -29.36
C ARG C 89 -26.91 -10.93 -28.94
N ARG C 90 -25.87 -11.32 -29.68
CA ARG C 90 -25.23 -12.60 -29.41
C ARG C 90 -24.19 -12.48 -28.30
N ARG C 91 -23.13 -11.70 -28.50
CA ARG C 91 -22.02 -11.65 -27.56
C ARG C 91 -22.13 -10.48 -26.59
N GLY C 92 -22.11 -9.25 -27.09
CA GLY C 92 -22.13 -8.08 -26.24
C GLY C 92 -20.92 -7.19 -26.44
N SER C 93 -21.18 -5.88 -26.57
CA SER C 93 -20.14 -4.87 -26.65
C SER C 93 -19.21 -5.07 -27.86
N GLY C 94 -18.02 -4.49 -27.79
CA GLY C 94 -17.05 -4.61 -28.84
C GLY C 94 -17.16 -3.57 -29.94
N PRO C 95 -17.05 -2.28 -29.60
CA PRO C 95 -17.10 -1.23 -30.61
C PRO C 95 -15.76 -0.83 -31.19
N TYR C 96 -14.69 -1.59 -30.91
CA TYR C 96 -13.34 -1.18 -31.28
C TYR C 96 -13.09 -1.22 -32.78
N ASP C 97 -13.99 -1.85 -33.55
CA ASP C 97 -13.77 -2.04 -34.98
C ASP C 97 -14.36 -0.92 -35.83
N ASP C 98 -14.93 0.11 -35.22
CA ASP C 98 -15.58 1.20 -35.95
C ASP C 98 -14.56 2.32 -36.13
N ARG C 99 -13.72 2.18 -37.15
CA ARG C 99 -12.75 3.22 -37.50
C ARG C 99 -12.84 3.64 -38.96
N LEU C 100 -13.17 2.71 -39.86
CA LEU C 100 -13.10 3.01 -41.29
C LEU C 100 -14.22 3.95 -41.72
N GLY C 101 -15.42 3.81 -41.16
CA GLY C 101 -16.59 4.51 -41.61
C GLY C 101 -16.46 6.02 -41.61
N PRO C 102 -16.11 6.60 -40.46
CA PRO C 102 -15.89 8.05 -40.42
C PRO C 102 -14.79 8.52 -41.37
N THR C 103 -13.73 7.73 -41.53
CA THR C 103 -12.65 8.12 -42.45
C THR C 103 -13.14 8.18 -43.89
N LEU C 104 -13.84 7.13 -44.33
CA LEU C 104 -14.39 7.13 -45.69
C LEU C 104 -15.41 8.24 -45.86
N LEU C 105 -16.22 8.50 -44.84
CA LEU C 105 -17.21 9.57 -44.96
C LEU C 105 -16.55 10.94 -45.09
N CYS C 106 -15.49 11.19 -44.31
CA CYS C 106 -14.77 12.45 -44.42
C CYS C 106 -14.14 12.59 -45.80
N PHE C 107 -13.49 11.52 -46.28
CA PHE C 107 -12.89 11.55 -47.61
C PHE C 107 -13.92 11.81 -48.69
N PHE C 108 -15.05 11.11 -48.63
CA PHE C 108 -16.09 11.27 -49.64
C PHE C 108 -16.72 12.65 -49.59
N LEU C 109 -16.95 13.18 -48.38
CA LEU C 109 -17.46 14.54 -48.26
C LEU C 109 -16.51 15.53 -48.91
N LEU C 110 -15.21 15.42 -48.60
CA LEU C 110 -14.26 16.38 -49.15
C LEU C 110 -14.19 16.29 -50.67
N VAL C 111 -14.11 15.05 -51.20
CA VAL C 111 -13.97 14.90 -52.64
C VAL C 111 -15.24 15.36 -53.36
N ALA C 112 -16.41 15.04 -52.79
CA ALA C 112 -17.66 15.47 -53.41
C ALA C 112 -17.80 16.99 -53.38
N VAL C 113 -17.44 17.62 -52.26
CA VAL C 113 -17.52 19.08 -52.17
C VAL C 113 -16.60 19.72 -53.21
N ILE C 114 -15.35 19.23 -53.30
CA ILE C 114 -14.41 19.81 -54.24
C ILE C 114 -14.89 19.61 -55.68
N ILE C 115 -15.37 18.40 -56.00
CA ILE C 115 -15.80 18.10 -57.36
C ILE C 115 -16.97 18.98 -57.74
N ASN C 116 -17.96 19.09 -56.86
CA ASN C 116 -19.14 19.89 -57.18
C ASN C 116 -18.78 21.37 -57.29
N PHE C 117 -17.91 21.86 -56.42
CA PHE C 117 -17.51 23.26 -56.50
C PHE C 117 -16.81 23.56 -57.81
N ILE C 118 -15.85 22.72 -58.21
CA ILE C 118 -15.11 22.99 -59.44
C ILE C 118 -16.01 22.79 -60.66
N LEU C 119 -16.97 21.85 -60.58
CA LEU C 119 -17.88 21.65 -61.69
C LEU C 119 -18.80 22.86 -61.88
N ARG C 120 -19.32 23.42 -60.78
CA ARG C 120 -20.13 24.61 -60.88
C ARG C 120 -19.31 25.82 -61.33
N LEU C 121 -18.06 25.92 -60.87
CA LEU C 121 -17.22 27.04 -61.26
C LEU C 121 -16.83 26.98 -62.74
N LYS C 122 -16.59 25.77 -63.24
CA LYS C 122 -16.17 25.62 -64.64
C LYS C 122 -17.25 26.09 -65.60
N TYR C 123 -18.50 25.74 -65.34
CA TYR C 123 -19.60 26.12 -66.23
C TYR C 123 -20.30 27.37 -65.69
N VAL D 22 -35.16 5.27 -7.10
CA VAL D 22 -35.44 5.53 -8.50
C VAL D 22 -34.14 5.54 -9.31
N GLU D 23 -34.12 4.78 -10.40
CA GLU D 23 -32.96 4.70 -11.29
C GLU D 23 -33.44 5.10 -12.69
N PRO D 24 -33.40 6.38 -13.02
CA PRO D 24 -33.92 6.84 -14.31
C PRO D 24 -32.88 6.78 -15.43
N LYS D 25 -31.78 6.05 -15.20
CA LYS D 25 -30.75 5.92 -16.23
C LYS D 25 -31.32 5.30 -17.50
N VAL D 26 -32.11 4.23 -17.35
CA VAL D 26 -32.75 3.62 -18.50
C VAL D 26 -33.77 4.58 -19.10
N PHE D 27 -34.52 5.28 -18.25
CA PHE D 27 -35.46 6.28 -18.74
C PHE D 27 -34.74 7.39 -19.49
N PHE D 28 -33.61 7.85 -18.96
CA PHE D 28 -32.87 8.92 -19.63
C PHE D 28 -32.32 8.46 -20.97
N ALA D 29 -31.83 7.22 -21.04
CA ALA D 29 -31.35 6.69 -22.32
C ALA D 29 -32.49 6.57 -23.32
N ASN D 30 -33.66 6.12 -22.86
CA ASN D 30 -34.82 6.03 -23.75
C ASN D 30 -35.24 7.40 -24.25
N GLU D 31 -35.21 8.40 -23.36
CA GLU D 31 -35.54 9.76 -23.77
C GLU D 31 -34.53 10.29 -24.78
N ARG D 32 -33.24 9.98 -24.58
CA ARG D 32 -32.23 10.38 -25.54
C ARG D 32 -32.48 9.76 -26.91
N THR D 33 -32.82 8.48 -26.94
CA THR D 33 -33.10 7.82 -28.21
C THR D 33 -34.32 8.43 -28.88
N PHE D 34 -35.36 8.74 -28.11
CA PHE D 34 -36.53 9.38 -28.67
C PHE D 34 -36.19 10.77 -29.22
N LEU D 35 -35.32 11.50 -28.51
CA LEU D 35 -34.93 12.82 -28.99
C LEU D 35 -34.09 12.75 -30.26
N SER D 36 -33.27 11.71 -30.41
CA SER D 36 -32.55 11.52 -31.67
C SER D 36 -33.52 11.23 -32.81
N TRP D 37 -34.47 10.32 -32.58
CA TRP D 37 -35.50 10.06 -33.57
C TRP D 37 -36.27 11.33 -33.90
N LEU D 38 -36.49 12.18 -32.90
CA LEU D 38 -37.27 13.40 -33.11
C LEU D 38 -36.48 14.44 -33.88
N ASN D 39 -35.18 14.54 -33.63
CA ASN D 39 -34.30 15.34 -34.49
C ASN D 39 -34.45 14.91 -35.95
N PHE D 40 -34.30 13.61 -36.21
CA PHE D 40 -34.39 13.13 -37.58
C PHE D 40 -35.74 13.46 -38.20
N THR D 41 -36.82 13.18 -37.47
CA THR D 41 -38.16 13.36 -38.02
C THR D 41 -38.48 14.83 -38.24
N VAL D 42 -38.05 15.71 -37.33
CA VAL D 42 -38.32 17.13 -37.49
C VAL D 42 -37.53 17.71 -38.65
N MET D 43 -36.28 17.26 -38.83
CA MET D 43 -35.51 17.72 -39.98
C MET D 43 -36.17 17.28 -41.30
N LEU D 44 -36.57 16.01 -41.37
CA LEU D 44 -37.27 15.54 -42.57
C LEU D 44 -38.56 16.31 -42.81
N GLY D 45 -39.35 16.53 -41.75
CA GLY D 45 -40.59 17.25 -41.92
C GLY D 45 -40.40 18.69 -42.36
N GLY D 46 -39.40 19.36 -41.79
CA GLY D 46 -39.11 20.73 -42.20
C GLY D 46 -38.69 20.81 -43.65
N LEU D 47 -37.82 19.88 -44.09
CA LEU D 47 -37.42 19.89 -45.48
C LEU D 47 -38.58 19.54 -46.41
N GLY D 48 -39.46 18.62 -46.00
CA GLY D 48 -40.63 18.33 -46.82
C GLY D 48 -41.59 19.49 -46.92
N VAL D 49 -41.80 20.21 -45.83
CA VAL D 49 -42.66 21.38 -45.85
C VAL D 49 -42.04 22.47 -46.71
N GLY D 50 -40.72 22.61 -46.67
CA GLY D 50 -40.04 23.53 -47.57
C GLY D 50 -40.22 23.15 -49.02
N LEU D 51 -40.17 21.85 -49.32
CA LEU D 51 -40.45 21.39 -50.69
C LEU D 51 -41.88 21.71 -51.11
N LEU D 52 -42.83 21.57 -50.18
CA LEU D 52 -44.23 21.80 -50.51
C LEU D 52 -44.46 23.24 -50.96
N ASN D 53 -44.17 24.21 -50.09
CA ASN D 53 -44.56 25.59 -50.32
C ASN D 53 -43.74 26.30 -51.39
N PHE D 54 -42.75 25.62 -51.98
CA PHE D 54 -41.90 26.24 -52.99
C PHE D 54 -41.73 25.42 -54.25
N GLY D 55 -42.09 24.14 -54.26
CA GLY D 55 -41.89 23.29 -55.42
C GLY D 55 -43.07 23.29 -56.37
N ASP D 56 -42.87 22.62 -57.50
CA ASP D 56 -43.91 22.44 -58.50
C ASP D 56 -44.67 21.15 -58.20
N LYS D 57 -45.47 20.68 -59.17
CA LYS D 57 -46.30 19.50 -58.94
C LYS D 57 -45.46 18.29 -58.58
N ILE D 58 -44.36 18.06 -59.30
CA ILE D 58 -43.44 16.98 -58.95
C ILE D 58 -42.80 17.26 -57.61
N GLY D 59 -42.40 18.50 -57.38
CA GLY D 59 -41.87 18.87 -56.08
C GLY D 59 -42.86 18.64 -54.96
N ARG D 60 -44.14 18.96 -55.21
CA ARG D 60 -45.16 18.75 -54.19
C ARG D 60 -45.41 17.27 -53.94
N VAL D 61 -45.37 16.43 -54.98
CA VAL D 61 -45.53 15.00 -54.79
C VAL D 61 -44.38 14.44 -53.96
N SER D 62 -43.15 14.83 -54.29
CA SER D 62 -42.01 14.38 -53.50
C SER D 62 -42.08 14.91 -52.07
N ALA D 63 -42.57 16.14 -51.89
CA ALA D 63 -42.77 16.67 -50.54
C ALA D 63 -43.78 15.85 -49.77
N GLY D 64 -44.86 15.44 -50.44
CA GLY D 64 -45.83 14.58 -49.79
C GLY D 64 -45.22 13.26 -49.35
N LEU D 65 -44.41 12.67 -50.22
CA LEU D 65 -43.75 11.40 -49.86
C LEU D 65 -42.81 11.58 -48.68
N PHE D 66 -41.98 12.64 -48.71
CA PHE D 66 -41.01 12.85 -47.64
C PHE D 66 -41.70 13.18 -46.32
N THR D 67 -42.77 13.98 -46.38
CA THR D 67 -43.52 14.29 -45.16
C THR D 67 -44.25 13.07 -44.63
N PHE D 68 -44.74 12.20 -45.53
CA PHE D 68 -45.32 10.93 -45.10
C PHE D 68 -44.27 10.13 -44.33
N VAL D 69 -43.06 10.02 -44.88
CA VAL D 69 -42.01 9.28 -44.20
C VAL D 69 -41.71 9.91 -42.84
N ALA D 70 -41.59 11.23 -42.81
CA ALA D 70 -41.24 11.93 -41.57
C ALA D 70 -42.31 11.75 -40.51
N MET D 71 -43.58 11.87 -40.88
CA MET D 71 -44.66 11.77 -39.90
C MET D 71 -44.88 10.34 -39.46
N GLY D 72 -44.74 9.38 -40.39
CA GLY D 72 -44.82 7.98 -40.00
C GLY D 72 -43.73 7.61 -39.02
N THR D 73 -42.51 8.06 -39.27
CA THR D 73 -41.42 7.80 -38.34
C THR D 73 -41.63 8.56 -37.03
N MET D 74 -42.26 9.73 -37.10
CA MET D 74 -42.58 10.50 -35.89
C MET D 74 -43.54 9.73 -35.00
N ILE D 75 -44.62 9.22 -35.59
CA ILE D 75 -45.60 8.45 -34.83
C ILE D 75 -44.99 7.16 -34.32
N TYR D 76 -44.18 6.49 -35.16
CA TYR D 76 -43.48 5.29 -34.75
C TYR D 76 -42.62 5.56 -33.53
N ALA D 77 -41.82 6.63 -33.58
CA ALA D 77 -40.92 6.96 -32.48
C ALA D 77 -41.70 7.31 -31.22
N LEU D 78 -42.79 8.06 -31.35
CA LEU D 78 -43.57 8.45 -30.17
C LEU D 78 -44.23 7.24 -29.52
N VAL D 79 -44.88 6.39 -30.32
CA VAL D 79 -45.52 5.20 -29.78
C VAL D 79 -44.50 4.27 -29.16
N THR D 80 -43.36 4.09 -29.84
CA THR D 80 -42.31 3.23 -29.32
C THR D 80 -41.73 3.79 -28.03
N TYR D 81 -41.59 5.13 -27.94
CA TYR D 81 -41.06 5.74 -26.72
C TYR D 81 -42.00 5.51 -25.54
N HIS D 82 -43.31 5.73 -25.75
CA HIS D 82 -44.26 5.48 -24.68
C HIS D 82 -44.24 4.00 -24.27
N TRP D 83 -44.23 3.10 -25.25
CA TRP D 83 -44.25 1.67 -24.95
C TRP D 83 -42.99 1.24 -24.21
N ARG D 84 -41.83 1.75 -24.63
CA ARG D 84 -40.58 1.39 -23.98
C ARG D 84 -40.54 1.94 -22.56
N ALA D 85 -41.02 3.16 -22.35
CA ALA D 85 -41.06 3.70 -20.99
C ALA D 85 -41.98 2.87 -20.10
N ALA D 86 -43.16 2.50 -20.61
CA ALA D 86 -44.08 1.68 -19.83
C ALA D 86 -43.47 0.32 -19.51
N ALA D 87 -42.79 -0.29 -20.49
CA ALA D 87 -42.19 -1.60 -20.26
C ALA D 87 -41.01 -1.52 -19.30
N ILE D 88 -40.25 -0.42 -19.34
CA ILE D 88 -39.17 -0.22 -18.38
C ILE D 88 -39.74 -0.08 -16.98
N ARG D 89 -40.86 0.62 -16.85
CA ARG D 89 -41.53 0.70 -15.56
C ARG D 89 -42.04 -0.67 -15.11
N ARG D 90 -42.51 -1.49 -16.05
CA ARG D 90 -43.03 -2.80 -15.70
C ARG D 90 -41.90 -3.80 -15.46
N ARG D 91 -40.90 -3.83 -16.33
CA ARG D 91 -39.89 -4.88 -16.29
C ARG D 91 -38.47 -4.32 -16.23
N GLY D 92 -38.23 -3.20 -16.90
CA GLY D 92 -36.91 -2.65 -17.02
C GLY D 92 -36.30 -2.69 -18.41
N SER D 93 -37.04 -3.19 -19.39
CA SER D 93 -36.56 -3.22 -20.77
C SER D 93 -37.77 -3.08 -21.70
N GLY D 94 -37.51 -2.50 -22.87
CA GLY D 94 -38.57 -2.25 -23.83
C GLY D 94 -38.49 -3.16 -25.03
N PRO D 95 -39.44 -3.02 -25.96
CA PRO D 95 -39.40 -3.82 -27.18
C PRO D 95 -38.13 -3.54 -27.98
N TYR D 96 -37.57 -4.60 -28.55
CA TYR D 96 -36.31 -4.52 -29.30
C TYR D 96 -36.47 -5.16 -30.67
N ASP D 97 -37.63 -4.98 -31.29
CA ASP D 97 -37.88 -5.43 -32.65
C ASP D 97 -37.44 -4.41 -33.68
N ASP D 98 -36.48 -3.56 -33.32
CA ASP D 98 -36.02 -2.46 -34.16
C ASP D 98 -35.08 -2.91 -35.27
N ARG D 99 -35.04 -4.20 -35.57
CA ARG D 99 -34.41 -4.66 -36.80
C ARG D 99 -35.27 -4.39 -38.02
N LEU D 100 -36.53 -3.96 -37.82
CA LEU D 100 -37.46 -3.67 -38.90
C LEU D 100 -37.70 -2.17 -39.08
N GLY D 101 -37.95 -1.45 -37.99
CA GLY D 101 -38.27 -0.05 -38.03
C GLY D 101 -37.29 0.78 -38.84
N PRO D 102 -36.02 0.81 -38.41
CA PRO D 102 -35.00 1.46 -39.22
C PRO D 102 -34.90 0.92 -40.65
N THR D 103 -35.11 -0.39 -40.83
CA THR D 103 -35.06 -0.95 -42.18
C THR D 103 -36.16 -0.37 -43.06
N LEU D 104 -37.40 -0.35 -42.56
CA LEU D 104 -38.48 0.24 -43.34
C LEU D 104 -38.27 1.73 -43.55
N LEU D 105 -37.74 2.43 -42.55
CA LEU D 105 -37.49 3.86 -42.71
C LEU D 105 -36.50 4.12 -43.84
N CYS D 106 -35.38 3.38 -43.83
CA CYS D 106 -34.39 3.51 -44.89
C CYS D 106 -34.97 3.14 -46.24
N PHE D 107 -35.77 2.06 -46.28
CA PHE D 107 -36.40 1.65 -47.52
C PHE D 107 -37.27 2.75 -48.09
N PHE D 108 -38.17 3.31 -47.28
CA PHE D 108 -39.08 4.33 -47.77
C PHE D 108 -38.34 5.60 -48.16
N LEU D 109 -37.28 5.96 -47.43
CA LEU D 109 -36.47 7.08 -47.86
C LEU D 109 -35.86 6.84 -49.23
N LEU D 110 -35.32 5.64 -49.45
CA LEU D 110 -34.73 5.31 -50.74
C LEU D 110 -35.77 5.38 -51.85
N VAL D 111 -36.96 4.81 -51.61
CA VAL D 111 -38.00 4.83 -52.64
C VAL D 111 -38.44 6.26 -52.92
N ALA D 112 -38.53 7.10 -51.89
CA ALA D 112 -38.93 8.49 -52.11
C ALA D 112 -37.91 9.22 -52.97
N VAL D 113 -36.63 9.04 -52.68
CA VAL D 113 -35.60 9.74 -53.46
C VAL D 113 -35.59 9.25 -54.90
N ILE D 114 -35.68 7.93 -55.11
CA ILE D 114 -35.66 7.41 -56.48
C ILE D 114 -36.92 7.83 -57.23
N ILE D 115 -38.07 7.90 -56.54
CA ILE D 115 -39.29 8.36 -57.19
C ILE D 115 -39.15 9.81 -57.62
N ASN D 116 -38.58 10.65 -56.75
CA ASN D 116 -38.37 12.05 -57.12
C ASN D 116 -37.43 12.16 -58.32
N PHE D 117 -36.36 11.36 -58.34
CA PHE D 117 -35.43 11.40 -59.46
C PHE D 117 -36.09 10.91 -60.75
N ILE D 118 -36.91 9.86 -60.66
CA ILE D 118 -37.58 9.34 -61.85
C ILE D 118 -38.56 10.37 -62.40
N LEU D 119 -39.32 11.01 -61.51
CA LEU D 119 -40.25 12.04 -61.96
C LEU D 119 -39.50 13.21 -62.60
N ARG D 120 -38.37 13.62 -62.02
CA ARG D 120 -37.60 14.70 -62.61
C ARG D 120 -37.03 14.31 -63.97
N LEU D 121 -36.53 13.08 -64.13
CA LEU D 121 -36.01 12.67 -65.43
C LEU D 121 -37.12 12.57 -66.47
N LYS D 122 -38.29 12.05 -66.08
CA LYS D 122 -39.39 11.90 -67.01
C LYS D 122 -39.87 13.26 -67.54
N TYR D 123 -39.94 14.26 -66.67
CA TYR D 123 -40.37 15.58 -67.08
C TYR D 123 -39.17 16.52 -67.21
N LEU E 31 45.93 -28.44 36.77
CA LEU E 31 45.35 -29.60 36.09
C LEU E 31 44.12 -30.11 36.85
N PHE E 32 43.60 -29.25 37.73
CA PHE E 32 42.38 -29.49 38.50
C PHE E 32 42.61 -30.53 39.59
N GLY E 33 43.77 -31.18 39.58
CA GLY E 33 44.16 -32.02 40.70
C GLY E 33 44.79 -31.16 41.77
N ILE E 34 45.59 -30.19 41.32
CA ILE E 34 46.15 -29.21 42.24
C ILE E 34 45.05 -28.37 42.86
N LYS E 35 44.06 -27.96 42.06
CA LYS E 35 42.93 -27.21 42.61
C LYS E 35 42.15 -28.04 43.62
N LEU E 36 41.94 -29.32 43.32
CA LEU E 36 41.27 -30.20 44.27
C LEU E 36 42.05 -30.29 45.58
N ALA E 37 43.37 -30.43 45.49
CA ALA E 37 44.19 -30.54 46.69
C ALA E 37 44.15 -29.26 47.51
N ASN E 38 44.27 -28.10 46.85
CA ASN E 38 44.27 -26.83 47.58
C ASN E 38 42.90 -26.52 48.18
N ASP E 39 41.82 -26.87 47.49
CA ASP E 39 40.47 -26.61 47.96
C ASP E 39 39.94 -27.74 48.85
N VAL E 40 40.84 -28.50 49.47
CA VAL E 40 40.41 -29.58 50.36
C VAL E 40 39.88 -28.98 51.65
N TYR E 41 38.63 -29.28 51.97
CA TYR E 41 38.13 -28.99 53.30
C TYR E 41 38.55 -30.13 54.21
N PRO E 42 39.39 -29.89 55.21
CA PRO E 42 40.02 -31.01 55.95
C PRO E 42 39.03 -31.99 56.54
N PRO E 43 37.95 -31.53 57.21
CA PRO E 43 37.03 -32.51 57.81
C PRO E 43 36.43 -33.48 56.80
N TRP E 44 36.30 -33.07 55.54
CA TRP E 44 35.73 -33.91 54.49
C TRP E 44 36.80 -34.47 53.56
N LYS E 45 38.08 -34.39 53.96
CA LYS E 45 39.19 -34.67 53.05
C LYS E 45 39.11 -36.08 52.47
N ASP E 46 38.58 -37.04 53.24
CA ASP E 46 38.50 -38.41 52.77
C ASP E 46 37.55 -38.54 51.58
N SER E 47 36.47 -37.77 51.57
CA SER E 47 35.34 -38.06 50.70
C SER E 47 35.42 -37.39 49.34
N TYR E 48 36.43 -36.55 49.10
CA TYR E 48 36.58 -35.98 47.77
C TYR E 48 36.85 -37.07 46.74
N ILE E 49 36.55 -36.77 45.48
CA ILE E 49 36.89 -37.68 44.40
C ILE E 49 38.40 -37.85 44.37
N ASP E 50 38.85 -39.10 44.30
CA ASP E 50 40.26 -39.39 44.05
C ASP E 50 40.51 -39.28 42.55
N TYR E 51 40.37 -38.06 42.06
CA TYR E 51 40.43 -37.82 40.61
C TYR E 51 41.78 -38.24 40.04
N GLU E 52 42.86 -38.00 40.79
CA GLU E 52 44.17 -38.41 40.33
C GLU E 52 44.26 -39.91 40.14
N ARG E 53 43.66 -40.68 41.05
CA ARG E 53 43.69 -42.14 40.91
C ARG E 53 42.96 -42.61 39.67
N LEU E 54 41.76 -42.07 39.39
CA LEU E 54 41.05 -42.44 38.17
C LEU E 54 41.81 -42.01 36.93
N LYS E 55 42.44 -40.84 36.98
CA LYS E 55 43.30 -40.41 35.88
C LYS E 55 44.43 -41.41 35.65
N LYS E 56 45.00 -41.94 36.73
CA LYS E 56 46.06 -42.94 36.59
C LYS E 56 45.55 -44.26 36.03
N LEU E 57 44.36 -44.73 36.44
CA LEU E 57 43.85 -45.94 35.79
C LEU E 57 43.59 -45.70 34.31
N LEU E 58 43.08 -44.52 33.94
CA LEU E 58 42.87 -44.23 32.52
C LEU E 58 44.19 -44.20 31.76
N LYS E 59 45.23 -43.58 32.34
CA LYS E 59 46.50 -43.43 31.65
C LYS E 59 47.42 -44.63 31.81
N GLU E 60 47.02 -45.65 32.58
CA GLU E 60 47.86 -46.83 32.73
C GLU E 60 48.02 -47.56 31.41
N SER E 61 47.01 -47.52 30.55
CA SER E 61 47.13 -48.15 29.23
C SER E 61 48.25 -47.53 28.41
N VAL E 62 48.61 -46.28 28.67
CA VAL E 62 49.73 -45.64 27.99
C VAL E 62 51.03 -45.82 28.78
N ILE E 63 50.96 -45.71 30.11
CA ILE E 63 52.16 -45.84 30.93
C ILE E 63 52.62 -47.29 30.99
N HIS E 64 51.73 -48.18 31.44
CA HIS E 64 52.05 -49.60 31.48
C HIS E 64 52.17 -50.14 30.06
N ASP E 65 53.14 -51.05 29.86
CA ASP E 65 53.45 -51.60 28.54
C ASP E 65 53.75 -50.47 27.55
N GLY E 66 54.70 -49.60 27.92
CA GLY E 66 55.06 -48.48 27.08
C GLY E 66 55.73 -48.85 25.77
N ARG E 67 56.23 -50.08 25.66
CA ARG E 67 56.83 -50.56 24.42
C ARG E 67 56.02 -51.70 23.80
N SER E 68 54.75 -51.85 24.20
CA SER E 68 53.89 -52.89 23.66
C SER E 68 52.47 -52.34 23.64
N SER E 69 52.05 -51.80 22.50
CA SER E 69 50.72 -51.23 22.35
C SER E 69 49.79 -52.28 21.72
N VAL E 70 49.57 -53.35 22.47
CA VAL E 70 48.74 -54.47 22.02
C VAL E 70 47.69 -54.71 23.10
N ASP E 71 46.46 -54.29 22.84
CA ASP E 71 45.32 -54.50 23.74
C ASP E 71 45.64 -53.98 25.15
N SER E 72 46.13 -52.74 25.20
CA SER E 72 46.50 -52.14 26.48
C SER E 72 45.28 -51.98 27.40
N TRP E 73 44.10 -51.76 26.82
CA TRP E 73 42.87 -51.58 27.59
C TRP E 73 42.01 -52.82 27.40
N SER E 74 42.24 -53.82 28.25
CA SER E 74 41.50 -55.06 28.18
C SER E 74 40.16 -54.93 28.92
N GLU E 75 39.36 -55.99 28.85
CA GLU E 75 38.08 -56.00 29.53
C GLU E 75 38.25 -55.92 31.05
N ARG E 76 39.32 -56.53 31.59
CA ARG E 76 39.58 -56.45 33.01
C ARG E 76 39.85 -55.01 33.45
N ASN E 77 40.62 -54.27 32.64
CA ASN E 77 40.88 -52.87 32.96
C ASN E 77 39.59 -52.06 32.93
N GLU E 78 38.73 -52.30 31.94
CA GLU E 78 37.45 -51.60 31.87
C GLU E 78 36.59 -51.91 33.08
N SER E 79 36.53 -53.19 33.47
CA SER E 79 35.72 -53.57 34.63
C SER E 79 36.25 -52.95 35.91
N ASP E 80 37.58 -52.91 36.07
CA ASP E 80 38.16 -52.26 37.24
C ASP E 80 37.85 -50.77 37.25
N PHE E 81 37.91 -50.12 36.10
CA PHE E 81 37.60 -48.69 36.04
C PHE E 81 36.14 -48.44 36.40
N VAL E 82 35.22 -49.26 35.89
CA VAL E 82 33.81 -49.08 36.23
C VAL E 82 33.59 -49.33 37.72
N GLU E 83 34.27 -50.31 38.29
CA GLU E 83 34.16 -50.56 39.73
C GLU E 83 34.63 -49.35 40.52
N ALA E 84 35.78 -48.79 40.15
CA ALA E 84 36.30 -47.62 40.86
C ALA E 84 35.36 -46.43 40.74
N LEU E 85 34.82 -46.21 39.54
CA LEU E 85 33.87 -45.12 39.34
C LEU E 85 32.63 -45.32 40.18
N ASP E 86 32.15 -46.57 40.27
CA ASP E 86 31.01 -46.87 41.13
C ASP E 86 31.31 -46.55 42.59
N LYS E 87 32.48 -46.96 43.09
CA LYS E 87 32.81 -46.66 44.48
C LYS E 87 32.88 -45.16 44.73
N GLU E 88 33.50 -44.42 43.80
CA GLU E 88 33.63 -42.98 43.98
C GLU E 88 32.27 -42.30 43.96
N LEU E 89 31.42 -42.65 42.99
CA LEU E 89 30.06 -42.11 42.95
C LEU E 89 29.32 -42.39 44.24
N GLU E 90 29.36 -43.66 44.69
CA GLU E 90 28.63 -44.05 45.88
C GLU E 90 29.07 -43.22 47.08
N LYS E 91 30.39 -43.14 47.30
CA LYS E 91 30.90 -42.41 48.47
C LYS E 91 30.52 -40.93 48.41
N VAL E 92 30.84 -40.27 47.30
CA VAL E 92 30.63 -38.82 47.23
C VAL E 92 29.14 -38.47 47.36
N TYR E 93 28.29 -39.16 46.59
CA TYR E 93 26.89 -38.75 46.61
C TYR E 93 26.17 -39.25 47.86
N THR E 94 26.65 -40.33 48.48
CA THR E 94 26.12 -40.72 49.78
C THR E 94 26.42 -39.64 50.82
N PHE E 95 27.64 -39.11 50.82
CA PHE E 95 27.97 -37.99 51.71
C PHE E 95 27.06 -36.80 51.40
N GLN E 96 26.90 -36.47 50.12
CA GLN E 96 26.12 -35.30 49.77
C GLN E 96 24.68 -35.43 50.24
N ILE E 97 24.06 -36.59 49.99
CA ILE E 97 22.67 -36.81 50.40
C ILE E 97 22.57 -36.85 51.92
N SER E 98 23.56 -37.45 52.60
CA SER E 98 23.50 -37.54 54.05
C SER E 98 23.51 -36.16 54.69
N LYS E 99 24.43 -35.29 54.27
CA LYS E 99 24.44 -33.95 54.85
C LYS E 99 23.26 -33.12 54.37
N TYR E 100 22.79 -33.32 53.13
CA TYR E 100 21.59 -32.67 52.67
C TYR E 100 20.41 -32.96 53.60
N ASN E 101 20.21 -34.24 53.92
CA ASN E 101 19.12 -34.62 54.82
C ASN E 101 19.37 -34.15 56.24
N ALA E 102 20.62 -34.15 56.71
CA ALA E 102 20.91 -33.68 58.06
C ALA E 102 20.57 -32.20 58.20
N VAL E 103 20.98 -31.38 57.23
CA VAL E 103 20.69 -29.95 57.31
C VAL E 103 19.19 -29.71 57.09
N LEU E 104 18.54 -30.57 56.31
CA LEU E 104 17.09 -30.50 56.20
C LEU E 104 16.42 -30.77 57.54
N ARG E 105 16.92 -31.75 58.29
CA ARG E 105 16.40 -32.01 59.63
C ARG E 105 16.65 -30.83 60.56
N LYS E 106 17.82 -30.21 60.45
CA LYS E 106 18.09 -29.00 61.24
C LYS E 106 17.09 -27.89 60.92
N LEU E 107 16.81 -27.70 59.63
CA LEU E 107 15.84 -26.68 59.24
C LEU E 107 14.43 -27.05 59.69
N ASP E 108 14.09 -28.33 59.71
CA ASP E 108 12.79 -28.74 60.24
C ASP E 108 12.69 -28.46 61.73
N ASP E 109 13.77 -28.72 62.48
CA ASP E 109 13.79 -28.39 63.90
C ASP E 109 13.71 -26.89 64.11
N LEU E 110 14.24 -26.10 63.18
CA LEU E 110 14.13 -24.65 63.29
C LEU E 110 12.73 -24.17 62.91
N GLU E 111 12.06 -24.86 61.99
CA GLU E 111 10.73 -24.46 61.56
C GLU E 111 9.62 -24.97 62.47
N GLU E 112 9.90 -25.94 63.35
CA GLU E 112 8.84 -26.41 64.24
C GLU E 112 8.36 -25.28 65.15
N ASN E 113 9.14 -24.23 65.29
CA ASN E 113 8.78 -23.05 66.05
C ASN E 113 8.08 -21.99 65.21
N THR E 114 7.82 -22.26 63.93
CA THR E 114 7.10 -21.33 63.07
C THR E 114 5.59 -21.43 63.23
N LYS E 115 5.13 -22.08 64.30
CA LYS E 115 3.72 -22.22 64.62
C LYS E 115 3.57 -22.04 66.12
N SER E 116 2.32 -22.12 66.59
CA SER E 116 2.01 -22.00 68.02
C SER E 116 2.53 -20.67 68.58
N ALA E 117 1.86 -19.61 68.13
CA ALA E 117 2.26 -18.21 68.36
C ALA E 117 2.85 -17.96 69.74
N GLU E 118 2.31 -18.63 70.76
CA GLU E 118 2.91 -18.55 72.10
C GLU E 118 4.37 -18.99 72.07
N LYS E 119 4.66 -20.09 71.38
CA LYS E 119 6.04 -20.53 71.23
C LYS E 119 6.83 -19.59 70.33
N ILE E 120 6.17 -18.96 69.35
CA ILE E 120 6.84 -18.00 68.49
C ILE E 120 7.36 -16.82 69.30
N GLN E 121 6.53 -16.32 70.22
CA GLN E 121 6.94 -15.20 71.06
C GLN E 121 8.07 -15.57 72.00
N LYS E 122 8.23 -16.87 72.27
CA LYS E 122 9.27 -17.36 73.16
C LYS E 122 10.54 -17.76 72.43
N ILE E 123 10.62 -17.52 71.11
CA ILE E 123 11.78 -17.90 70.34
C ILE E 123 12.99 -17.06 70.76
N ASN E 124 14.10 -17.75 71.02
CA ASN E 124 15.36 -17.09 71.37
C ASN E 124 16.03 -16.66 70.06
N SER E 125 16.23 -15.35 69.89
CA SER E 125 16.79 -14.84 68.65
C SER E 125 18.22 -15.31 68.43
N GLU E 126 19.02 -15.38 69.49
CA GLU E 126 20.42 -15.78 69.35
C GLU E 126 20.53 -17.22 68.85
N GLN E 127 19.71 -18.12 69.38
CA GLN E 127 19.75 -19.51 68.94
C GLN E 127 19.38 -19.63 67.48
N PHE E 128 18.32 -18.95 67.05
CA PHE E 128 17.92 -19.00 65.65
C PHE E 128 18.98 -18.40 64.75
N LYS E 129 19.60 -17.29 65.17
CA LYS E 129 20.65 -16.67 64.37
C LYS E 129 21.84 -17.61 64.21
N ASN E 130 22.26 -18.25 65.30
CA ASN E 130 23.39 -19.17 65.23
C ASN E 130 23.06 -20.39 64.37
N THR E 131 21.85 -20.92 64.50
CA THR E 131 21.44 -22.06 63.71
C THR E 131 21.42 -21.71 62.22
N LEU E 132 20.87 -20.54 61.89
CA LEU E 132 20.83 -20.11 60.50
C LEU E 132 22.23 -19.87 59.95
N GLU E 133 23.12 -19.29 60.76
CA GLU E 133 24.50 -19.09 60.34
C GLU E 133 25.18 -20.41 60.03
N GLU E 134 25.08 -21.38 60.95
CA GLU E 134 25.69 -22.68 60.71
C GLU E 134 25.08 -23.36 59.49
N CYS E 135 23.77 -23.23 59.33
CA CYS E 135 23.09 -23.87 58.19
C CYS E 135 23.54 -23.26 56.87
N LEU E 136 23.67 -21.93 56.80
CA LEU E 136 24.06 -21.31 55.55
C LEU E 136 25.52 -21.59 55.22
N ASP E 137 26.39 -21.60 56.25
CA ASP E 137 27.78 -21.98 56.02
C ASP E 137 27.87 -23.41 55.52
N GLU E 138 27.10 -24.32 56.12
CA GLU E 138 27.13 -25.70 55.69
C GLU E 138 26.57 -25.85 54.28
N ALA E 139 25.52 -25.09 53.95
CA ALA E 139 24.97 -25.13 52.60
C ALA E 139 25.98 -24.67 51.57
N GLN E 140 26.71 -23.59 51.88
CA GLN E 140 27.75 -23.12 50.96
C GLN E 140 28.86 -24.16 50.81
N ARG E 141 29.27 -24.78 51.92
CA ARG E 141 30.29 -25.81 51.85
C ARG E 141 29.82 -26.98 50.99
N LEU E 142 28.57 -27.40 51.16
CA LEU E 142 28.02 -28.49 50.35
C LEU E 142 27.93 -28.11 48.89
N ASP E 143 27.58 -26.85 48.61
CA ASP E 143 27.52 -26.39 47.23
C ASP E 143 28.89 -26.47 46.57
N ASN E 144 29.93 -26.03 47.28
CA ASN E 144 31.29 -26.15 46.73
C ASN E 144 31.68 -27.61 46.57
N PHE E 145 31.39 -28.44 47.58
CA PHE E 145 31.65 -29.88 47.50
C PHE E 145 31.06 -30.46 46.23
N ASP E 146 29.78 -30.20 46.00
CA ASP E 146 29.10 -30.72 44.82
C ASP E 146 29.70 -30.15 43.54
N ARG E 147 30.07 -28.86 43.55
CA ARG E 147 30.57 -28.23 42.32
C ARG E 147 31.89 -28.86 41.87
N LEU E 148 32.90 -28.88 42.76
CA LEU E 148 34.18 -29.47 42.34
C LEU E 148 34.05 -30.97 42.06
N ASN E 149 33.30 -31.70 42.91
CA ASN E 149 33.20 -33.13 42.66
C ASN E 149 32.47 -33.43 41.35
N PHE E 150 31.41 -32.68 41.05
CA PHE E 150 30.71 -32.85 39.79
C PHE E 150 31.62 -32.53 38.61
N THR E 151 32.41 -31.46 38.73
CA THR E 151 33.37 -31.13 37.68
C THR E 151 34.34 -32.28 37.45
N GLY E 152 34.86 -32.85 38.54
CA GLY E 152 35.80 -33.95 38.40
C GLY E 152 35.18 -35.18 37.77
N PHE E 153 33.97 -35.54 38.20
CA PHE E 153 33.30 -36.71 37.63
C PHE E 153 32.99 -36.50 36.15
N ILE E 154 32.52 -35.31 35.78
CA ILE E 154 32.24 -35.05 34.37
C ILE E 154 33.53 -35.12 33.55
N LYS E 155 34.61 -34.55 34.08
CA LYS E 155 35.89 -34.60 33.36
C LYS E 155 36.34 -36.03 33.14
N ILE E 156 36.28 -36.86 34.19
CA ILE E 156 36.77 -38.22 34.07
C ILE E 156 35.87 -39.04 33.14
N VAL E 157 34.56 -38.79 33.18
CA VAL E 157 33.64 -39.50 32.29
C VAL E 157 33.93 -39.16 30.84
N LYS E 158 34.08 -37.86 30.55
CA LYS E 158 34.38 -37.45 29.18
C LYS E 158 35.72 -38.00 28.73
N LYS E 159 36.72 -38.02 29.61
CA LYS E 159 38.02 -38.56 29.25
C LYS E 159 37.94 -40.04 28.92
N HIS E 160 37.24 -40.82 29.77
CA HIS E 160 37.09 -42.25 29.50
C HIS E 160 36.36 -42.47 28.19
N ASP E 161 35.33 -41.67 27.92
CA ASP E 161 34.61 -41.82 26.66
C ASP E 161 35.51 -41.50 25.47
N LYS E 162 36.36 -40.49 25.60
CA LYS E 162 37.19 -40.07 24.47
C LYS E 162 38.31 -41.08 24.20
N LEU E 163 39.01 -41.53 25.23
CA LEU E 163 40.15 -42.43 24.98
C LEU E 163 39.70 -43.84 24.61
N HIS E 164 38.49 -44.25 25.00
CA HIS E 164 38.01 -45.61 24.78
C HIS E 164 36.63 -45.58 24.11
N PRO E 165 36.59 -45.30 22.80
CA PRO E 165 35.29 -45.29 22.11
C PRO E 165 34.74 -46.67 21.82
N ASN E 166 35.57 -47.71 21.85
CA ASN E 166 35.15 -49.07 21.54
C ASN E 166 34.57 -49.80 22.75
N TYR E 167 34.50 -49.13 23.90
CA TYR E 167 33.98 -49.66 25.15
C TYR E 167 32.85 -48.77 25.61
N PRO E 168 31.92 -49.30 26.42
CA PRO E 168 30.69 -48.57 26.66
C PRO E 168 30.78 -47.34 27.59
N SER E 169 29.96 -46.34 27.26
CA SER E 169 30.08 -45.04 27.89
C SER E 169 29.74 -45.11 29.37
N VAL E 170 30.55 -44.42 30.18
CA VAL E 170 30.34 -44.37 31.62
C VAL E 170 29.50 -43.17 32.05
N LYS E 171 28.97 -42.40 31.10
CA LYS E 171 28.08 -41.30 31.45
C LYS E 171 26.78 -41.81 32.05
N SER E 172 26.39 -43.04 31.71
CA SER E 172 25.12 -43.58 32.20
C SER E 172 25.11 -43.72 33.71
N LEU E 173 26.19 -44.23 34.30
CA LEU E 173 26.24 -44.40 35.75
C LEU E 173 26.21 -43.05 36.45
N LEU E 174 26.98 -42.07 35.94
CA LEU E 174 26.97 -40.74 36.52
C LEU E 174 25.58 -40.13 36.46
N GLN E 175 24.91 -40.25 35.32
CA GLN E 175 23.58 -39.66 35.18
C GLN E 175 22.55 -40.35 36.06
N VAL E 176 22.63 -41.68 36.16
CA VAL E 176 21.70 -42.41 37.02
C VAL E 176 21.89 -41.99 38.47
N ARG E 177 23.14 -41.86 38.92
CA ARG E 177 23.39 -41.44 40.29
C ARG E 177 22.97 -40.00 40.50
N LEU E 178 23.05 -39.16 39.46
CA LEU E 178 22.51 -37.82 39.54
C LEU E 178 21.00 -37.83 39.68
N LYS E 179 20.32 -38.74 38.98
CA LYS E 179 18.87 -38.86 39.13
C LYS E 179 18.49 -39.33 40.53
N GLU E 180 19.35 -40.13 41.16
CA GLU E 180 19.16 -40.51 42.56
C GLU E 180 19.68 -39.39 43.46
N LEU E 181 18.96 -38.27 43.40
CA LEU E 181 19.25 -37.08 44.19
C LEU E 181 17.94 -36.36 44.51
N PRO E 182 17.68 -36.07 45.77
CA PRO E 182 16.46 -35.33 46.12
C PRO E 182 16.49 -33.86 45.75
N PHE E 183 17.48 -33.41 44.99
CA PHE E 183 17.55 -32.03 44.53
C PHE E 183 18.18 -32.04 43.14
N ASN E 184 17.50 -31.40 42.20
CA ASN E 184 17.93 -31.38 40.80
C ASN E 184 18.95 -30.27 40.59
N ASN E 185 20.18 -30.65 40.25
CA ASN E 185 21.26 -29.69 40.05
C ASN E 185 21.16 -29.05 38.66
N SER E 186 20.57 -27.86 38.61
CA SER E 186 20.41 -27.13 37.36
C SER E 186 20.80 -25.68 37.50
N GLU E 187 21.86 -25.40 38.25
CA GLU E 187 22.45 -24.08 38.48
C GLU E 187 21.55 -23.12 39.24
N GLU E 188 20.35 -23.54 39.65
CA GLU E 188 19.53 -22.69 40.48
C GLU E 188 19.97 -22.81 41.93
N TYR E 189 19.61 -21.80 42.73
CA TYR E 189 19.91 -21.84 44.15
C TYR E 189 19.23 -23.03 44.79
N SER E 190 19.97 -23.76 45.63
CA SER E 190 19.41 -24.93 46.28
C SER E 190 18.29 -24.51 47.24
N PRO E 191 17.33 -25.41 47.51
CA PRO E 191 16.27 -25.07 48.48
C PRO E 191 16.80 -24.76 49.86
N LEU E 192 18.04 -25.16 50.16
CA LEU E 192 18.66 -24.77 51.42
C LEU E 192 18.63 -23.27 51.60
N LEU E 193 19.12 -22.53 50.61
CA LEU E 193 19.22 -21.08 50.72
C LEU E 193 17.83 -20.43 50.72
N TYR E 194 16.89 -21.02 49.98
CA TYR E 194 15.52 -20.51 50.01
C TYR E 194 14.93 -20.62 51.41
N ARG E 195 15.11 -21.78 52.05
CA ARG E 195 14.64 -21.96 53.42
C ARG E 195 15.37 -21.05 54.39
N ILE E 196 16.67 -20.86 54.19
CA ILE E 196 17.44 -19.96 55.06
C ILE E 196 16.91 -18.53 54.95
N SER E 197 16.66 -18.07 53.73
CA SER E 197 16.12 -16.73 53.53
C SER E 197 14.74 -16.59 54.14
N TYR E 198 13.89 -17.61 53.98
CA TYR E 198 12.58 -17.58 54.62
C TYR E 198 12.72 -17.45 56.13
N LEU E 199 13.58 -18.26 56.75
CA LEU E 199 13.66 -18.24 58.20
C LEU E 199 14.31 -16.96 58.71
N TYR E 200 15.24 -16.38 57.95
CA TYR E 200 15.77 -15.06 58.31
C TYR E 200 14.67 -14.01 58.26
N GLU E 201 13.83 -14.06 57.22
CA GLU E 201 12.71 -13.11 57.14
C GLU E 201 11.74 -13.31 58.29
N PHE E 202 11.48 -14.57 58.65
CA PHE E 202 10.59 -14.86 59.78
C PHE E 202 11.15 -14.30 61.08
N LEU E 203 12.44 -14.53 61.33
CA LEU E 203 13.06 -14.05 62.56
C LEU E 203 13.07 -12.53 62.61
N ARG E 204 13.34 -11.88 61.48
CA ARG E 204 13.29 -10.42 61.44
C ARG E 204 11.86 -9.92 61.66
N SER E 205 10.87 -10.60 61.09
CA SER E 205 9.48 -10.21 61.31
C SER E 205 9.09 -10.35 62.78
N ASN E 206 9.68 -11.33 63.46
CA ASN E 206 9.38 -11.51 64.88
C ASN E 206 9.82 -10.31 65.71
N TYR E 207 11.13 -10.10 65.84
CA TYR E 207 11.64 -8.96 66.60
C TYR E 207 12.53 -8.05 65.76
N ASP E 208 13.58 -8.59 65.12
CA ASP E 208 14.58 -7.78 64.41
C ASP E 208 15.18 -6.70 65.30
N HIS E 209 15.22 -6.94 66.60
CA HIS E 209 15.79 -5.95 67.52
C HIS E 209 17.31 -6.00 67.50
N PRO E 210 17.95 -7.18 67.63
CA PRO E 210 19.43 -7.21 67.51
C PRO E 210 19.89 -7.35 66.08
N ASN E 211 18.98 -7.12 65.13
CA ASN E 211 19.23 -7.30 63.70
C ASN E 211 19.63 -8.75 63.47
N THR E 212 20.54 -8.99 62.54
CA THR E 212 21.06 -10.33 62.27
C THR E 212 22.50 -10.19 61.82
N VAL E 213 23.09 -11.31 61.40
CA VAL E 213 24.49 -11.29 60.96
C VAL E 213 24.55 -10.77 59.52
N SER E 214 25.75 -10.33 59.12
CA SER E 214 25.94 -9.81 57.77
C SER E 214 25.85 -10.89 56.71
N LYS E 215 25.95 -12.17 57.09
CA LYS E 215 25.88 -13.25 56.11
C LYS E 215 24.47 -13.52 55.63
N SER E 216 23.45 -12.89 56.22
CA SER E 216 22.08 -13.11 55.78
C SER E 216 21.87 -12.58 54.37
N LEU E 217 21.33 -13.43 53.50
CA LEU E 217 21.08 -13.09 52.10
C LEU E 217 19.59 -13.17 51.83
N ALA E 218 19.06 -12.15 51.16
CA ALA E 218 17.64 -12.11 50.83
C ALA E 218 17.33 -13.09 49.71
N ALA E 232 12.12 -1.27 38.71
CA ALA E 232 11.59 -2.10 37.64
C ALA E 232 12.31 -3.45 37.59
N SER E 233 11.73 -4.44 38.26
CA SER E 233 12.29 -5.78 38.29
C SER E 233 11.97 -6.51 36.98
N PHE E 234 12.76 -7.54 36.70
CA PHE E 234 12.54 -8.35 35.52
C PHE E 234 13.06 -9.75 35.78
N LYS E 235 12.55 -10.71 35.00
CA LYS E 235 12.95 -12.10 35.17
C LYS E 235 13.17 -12.73 33.81
N SER E 236 14.21 -13.57 33.71
CA SER E 236 14.62 -14.21 32.48
C SER E 236 14.54 -15.72 32.63
N TYR E 237 13.83 -16.37 31.71
CA TYR E 237 13.74 -17.81 31.65
C TYR E 237 14.51 -18.31 30.43
N LYS E 238 15.21 -19.43 30.58
CA LYS E 238 15.95 -20.01 29.47
C LYS E 238 15.60 -21.48 29.31
N PHE E 239 15.27 -21.87 28.08
CA PHE E 239 14.80 -23.21 27.76
C PHE E 239 15.64 -23.78 26.62
N TRP E 240 15.77 -25.10 26.63
CA TRP E 240 16.26 -25.86 25.49
C TRP E 240 15.07 -26.46 24.76
N VAL E 241 14.95 -26.16 23.47
CA VAL E 241 13.83 -26.65 22.66
C VAL E 241 14.39 -27.57 21.58
N HIS E 242 13.90 -28.80 21.55
CA HIS E 242 14.24 -29.73 20.49
C HIS E 242 13.71 -29.21 19.16
N ASP E 243 14.37 -29.61 18.07
CA ASP E 243 13.97 -29.14 16.75
C ASP E 243 12.53 -29.55 16.44
N ASP E 244 12.16 -30.79 16.76
CA ASP E 244 10.82 -31.29 16.45
C ASP E 244 9.73 -30.44 17.07
N ASN E 245 10.03 -29.76 18.18
CA ASN E 245 9.05 -28.93 18.86
C ASN E 245 9.06 -27.48 18.38
N ILE E 246 10.11 -27.05 17.67
CA ILE E 246 10.27 -25.64 17.32
C ILE E 246 9.00 -25.09 16.69
N MET E 247 8.50 -25.73 15.64
CA MET E 247 7.40 -25.17 14.88
C MET E 247 6.14 -25.08 15.73
N GLU E 248 5.97 -25.96 16.71
CA GLU E 248 4.84 -25.80 17.62
C GLU E 248 5.06 -24.61 18.54
N VAL E 249 6.26 -24.53 19.13
CA VAL E 249 6.52 -23.53 20.16
C VAL E 249 6.33 -22.12 19.61
N LYS E 250 6.93 -21.86 18.45
CA LYS E 250 6.78 -20.56 17.81
C LYS E 250 5.31 -20.20 17.65
N ALA E 251 4.48 -21.18 17.30
CA ALA E 251 3.05 -20.92 17.15
C ALA E 251 2.48 -20.39 18.46
N ARG E 252 2.79 -21.05 19.57
CA ARG E 252 2.30 -20.59 20.87
C ARG E 252 2.82 -19.20 21.19
N ILE E 253 3.98 -18.83 20.67
CA ILE E 253 4.47 -17.47 20.85
C ILE E 253 3.75 -16.52 19.90
N LEU E 254 3.54 -16.94 18.66
CA LEU E 254 2.99 -16.04 17.66
C LEU E 254 1.52 -15.74 17.90
N ARG E 255 0.87 -16.47 18.80
CA ARG E 255 -0.49 -16.14 19.20
C ARG E 255 -0.53 -14.78 19.88
N HIS E 256 0.46 -14.48 20.72
CA HIS E 256 0.48 -13.27 21.53
C HIS E 256 1.44 -12.21 20.99
N LEU E 257 2.64 -12.61 20.56
CA LEU E 257 3.65 -11.65 20.16
C LEU E 257 3.93 -11.75 18.67
N PRO E 258 4.02 -10.60 17.98
CA PRO E 258 4.41 -10.63 16.56
C PRO E 258 5.87 -11.00 16.39
N ALA E 259 6.18 -11.56 15.22
CA ALA E 259 7.54 -11.88 14.87
C ALA E 259 8.26 -10.65 14.32
N LEU E 260 9.51 -10.46 14.73
CA LEU E 260 10.32 -9.36 14.24
C LEU E 260 11.12 -9.81 13.03
N VAL E 261 11.02 -9.04 11.94
CA VAL E 261 11.70 -9.34 10.70
C VAL E 261 12.87 -8.37 10.53
N TYR E 262 14.07 -8.91 10.34
CA TYR E 262 15.24 -8.06 10.18
C TYR E 262 15.20 -7.37 8.82
N ALA E 263 15.17 -6.04 8.84
CA ALA E 263 15.21 -5.24 7.63
C ALA E 263 16.55 -4.53 7.59
N SER E 264 17.29 -4.74 6.50
CA SER E 264 18.62 -4.13 6.36
C SER E 264 18.50 -2.62 6.26
N VAL E 265 19.35 -1.91 6.99
CA VAL E 265 19.33 -0.45 6.95
C VAL E 265 19.76 0.01 5.56
N PRO E 266 19.05 0.96 4.95
CA PRO E 266 19.48 1.46 3.63
C PRO E 266 20.88 2.04 3.69
N ASN E 267 21.64 1.84 2.61
CA ASN E 267 23.05 2.20 2.58
C ASN E 267 23.41 2.64 1.16
N GLU E 268 24.70 2.63 0.85
CA GLU E 268 25.18 3.14 -0.43
C GLU E 268 24.56 2.37 -1.60
N ASN E 269 24.39 1.05 -1.44
CA ASN E 269 23.79 0.24 -2.49
C ASN E 269 22.30 0.51 -2.65
N ASP E 270 21.66 1.16 -1.68
CA ASP E 270 20.21 1.42 -1.73
C ASP E 270 19.97 2.79 -2.37
N ASP E 271 20.13 2.82 -3.69
CA ASP E 271 19.90 4.04 -4.45
C ASP E 271 18.59 3.96 -5.23
N SER E 320 20.79 -11.59 1.77
CA SER E 320 20.44 -12.67 2.69
C SER E 320 19.14 -12.36 3.43
N TYR E 321 18.25 -13.35 3.49
CA TYR E 321 16.96 -13.15 4.14
C TYR E 321 17.14 -12.92 5.63
N ASP E 322 17.91 -13.77 6.29
CA ASP E 322 18.15 -13.66 7.72
C ASP E 322 19.63 -13.92 8.01
N PRO E 323 20.36 -12.92 8.49
CA PRO E 323 21.80 -13.04 8.65
C PRO E 323 22.15 -13.96 9.82
N THR E 324 23.42 -14.35 9.86
CA THR E 324 23.96 -15.20 10.92
C THR E 324 24.74 -14.31 11.89
N ILE E 325 24.26 -14.24 13.13
CA ILE E 325 24.92 -13.43 14.16
C ILE E 325 26.14 -14.19 14.65
N THR E 326 27.29 -13.51 14.63
CA THR E 326 28.56 -14.04 15.10
C THR E 326 29.03 -13.21 16.29
N THR E 327 29.40 -13.88 17.38
CA THR E 327 29.85 -13.22 18.60
C THR E 327 31.15 -13.87 19.04
N LEU E 328 32.23 -13.09 19.07
CA LEU E 328 33.55 -13.55 19.48
C LEU E 328 33.76 -13.10 20.92
N TYR E 329 33.70 -14.06 21.85
CA TYR E 329 33.82 -13.79 23.27
C TYR E 329 35.28 -13.80 23.69
N PHE E 330 35.66 -12.76 24.44
CA PHE E 330 36.98 -12.55 25.02
C PHE E 330 37.09 -13.25 26.36
N ASP E 331 38.33 -13.53 26.76
CA ASP E 331 38.63 -14.09 28.08
C ASP E 331 40.15 -14.21 28.20
N ASN E 332 40.62 -14.32 29.44
CA ASN E 332 42.05 -14.34 29.70
C ASN E 332 42.57 -15.78 29.80
N ASP E 333 43.83 -15.91 30.21
CA ASP E 333 44.47 -17.22 30.26
C ASP E 333 43.86 -18.11 31.34
N PHE E 334 43.51 -17.54 32.49
CA PHE E 334 42.99 -18.30 33.61
C PHE E 334 41.48 -18.44 33.57
N PHE E 335 40.83 -17.93 32.53
CA PHE E 335 39.38 -17.99 32.37
C PHE E 335 38.66 -17.38 33.57
N ASP E 336 39.06 -16.15 33.90
CA ASP E 336 38.49 -15.49 35.08
C ASP E 336 37.04 -15.07 34.84
N LEU E 337 36.73 -14.54 33.66
CA LEU E 337 35.36 -14.12 33.38
C LEU E 337 34.41 -15.31 33.41
N TYR E 338 34.82 -16.43 32.83
CA TYR E 338 33.97 -17.63 32.83
C TYR E 338 33.74 -18.13 34.24
N ASN E 339 34.79 -18.16 35.06
CA ASN E 339 34.65 -18.61 36.44
C ASN E 339 33.74 -17.70 37.23
N ASN E 340 33.91 -16.38 37.08
CA ASN E 340 33.11 -15.44 37.84
C ASN E 340 31.64 -15.48 37.41
N ARG E 341 31.39 -15.62 36.11
CA ARG E 341 30.01 -15.72 35.65
C ARG E 341 29.37 -17.04 36.06
N LEU E 342 30.16 -18.12 36.11
CA LEU E 342 29.64 -19.41 36.53
C LEU E 342 29.40 -19.48 38.03
N LEU E 343 30.15 -18.71 38.81
CA LEU E 343 30.03 -18.71 40.27
C LEU E 343 29.05 -17.68 40.79
N LYS E 344 28.29 -17.02 39.91
CA LYS E 344 27.24 -16.07 40.29
C LYS E 344 27.78 -14.88 41.05
N ILE E 345 29.04 -14.51 40.83
CA ILE E 345 29.59 -13.31 41.45
C ILE E 345 28.93 -12.09 40.82
N SER E 346 28.25 -11.29 41.65
CA SER E 346 27.53 -10.14 41.15
C SER E 346 28.49 -9.15 40.48
N GLY E 347 28.09 -8.66 39.31
CA GLY E 347 28.92 -7.75 38.55
C GLY E 347 29.92 -8.41 37.63
N ALA E 348 29.84 -9.71 37.43
CA ALA E 348 30.76 -10.38 36.53
C ALA E 348 30.41 -10.05 35.09
N PRO E 349 31.30 -9.42 34.32
CA PRO E 349 30.96 -9.00 32.96
C PRO E 349 31.36 -10.02 31.91
N THR E 350 30.81 -9.84 30.72
CA THR E 350 31.13 -10.64 29.55
C THR E 350 31.41 -9.70 28.39
N LEU E 351 32.55 -9.91 27.72
CA LEU E 351 33.01 -9.02 26.66
C LEU E 351 33.03 -9.79 25.34
N ARG E 352 32.47 -9.18 24.29
CA ARG E 352 32.36 -9.87 23.01
C ARG E 352 32.42 -8.86 21.87
N LEU E 353 32.72 -9.37 20.69
CA LEU E 353 32.64 -8.63 19.43
C LEU E 353 31.53 -9.26 18.60
N ARG E 354 30.49 -8.50 18.29
CA ARG E 354 29.31 -9.02 17.62
C ARG E 354 29.16 -8.38 16.25
N TRP E 355 28.84 -9.20 15.25
CA TRP E 355 28.51 -8.71 13.93
C TRP E 355 27.59 -9.73 13.26
N ILE E 356 27.21 -9.45 12.01
CA ILE E 356 26.39 -10.36 11.23
C ILE E 356 27.02 -10.54 9.85
N GLY E 357 26.69 -11.65 9.21
CA GLY E 357 27.27 -11.95 7.93
C GLY E 357 28.74 -12.32 8.03
N LYS E 358 29.47 -12.06 6.95
CA LYS E 358 30.89 -12.36 6.88
C LYS E 358 31.70 -11.07 6.95
N LEU E 359 32.91 -11.16 7.49
CA LEU E 359 33.77 -9.99 7.63
C LEU E 359 34.20 -9.44 6.28
N LEU E 360 34.16 -10.25 5.22
CA LEU E 360 34.53 -9.76 3.90
C LEU E 360 33.56 -8.72 3.39
N ASP E 361 32.31 -8.75 3.84
CA ASP E 361 31.33 -7.72 3.52
C ASP E 361 31.66 -6.39 4.17
N LYS E 362 32.51 -6.39 5.22
CA LYS E 362 32.78 -5.26 6.10
C LYS E 362 31.51 -4.87 6.83
N PRO E 363 30.99 -5.73 7.71
CA PRO E 363 29.79 -5.37 8.47
C PRO E 363 30.14 -4.53 9.68
N ASP E 364 29.10 -4.00 10.31
CA ASP E 364 29.28 -3.26 11.55
C ASP E 364 29.67 -4.22 12.67
N ILE E 365 30.73 -3.88 13.39
CA ILE E 365 31.24 -4.70 14.49
C ILE E 365 31.03 -3.92 15.78
N PHE E 366 30.46 -4.57 16.79
CA PHE E 366 30.16 -3.93 18.06
C PHE E 366 30.92 -4.65 19.17
N LEU E 367 31.78 -3.91 19.88
CA LEU E 367 32.44 -4.43 21.07
C LEU E 367 31.53 -4.14 22.26
N GLU E 368 31.02 -5.19 22.88
CA GLU E 368 29.99 -5.09 23.91
C GLU E 368 30.48 -5.70 25.20
N LYS E 369 30.32 -4.97 26.30
CA LYS E 369 30.56 -5.45 27.65
C LYS E 369 29.20 -5.47 28.36
N ARG E 370 28.76 -6.67 28.73
CA ARG E 370 27.45 -6.88 29.32
C ARG E 370 27.60 -7.38 30.75
N THR E 371 26.91 -6.74 31.69
CA THR E 371 27.05 -7.04 33.11
C THR E 371 25.68 -7.18 33.76
N PHE E 372 25.54 -8.21 34.59
CA PHE E 372 24.37 -8.42 35.42
C PHE E 372 24.73 -8.19 36.88
N THR E 373 24.01 -7.30 37.54
CA THR E 373 24.27 -6.96 38.93
C THR E 373 23.07 -7.35 39.79
N GLU E 374 23.35 -8.06 40.88
CA GLU E 374 22.32 -8.51 41.82
C GLU E 374 22.81 -8.22 43.24
N ASN E 375 22.31 -7.15 43.84
CA ASN E 375 22.68 -6.76 45.19
C ASN E 375 21.66 -7.26 46.20
N THR E 376 22.11 -7.46 47.43
CA THR E 376 21.24 -7.99 48.48
C THR E 376 20.08 -7.04 48.77
N GLU E 377 20.37 -5.73 48.87
CA GLU E 377 19.33 -4.76 49.15
C GLU E 377 18.39 -4.55 47.98
N THR E 378 18.77 -4.97 46.77
CA THR E 378 17.94 -4.83 45.59
C THR E 378 17.09 -6.07 45.38
N GLY E 379 16.10 -5.93 44.50
CA GLY E 379 15.22 -7.04 44.18
C GLY E 379 15.09 -7.27 42.68
N ASN E 380 16.18 -7.07 41.96
CA ASN E 380 16.18 -7.21 40.51
C ASN E 380 17.55 -7.68 40.05
N SER E 381 17.68 -7.89 38.74
CA SER E 381 18.90 -8.33 38.10
C SER E 381 19.37 -7.31 37.06
N SER E 382 19.43 -6.04 37.47
CA SER E 382 19.76 -4.91 36.60
C SER E 382 20.88 -5.22 35.62
N PHE E 383 20.63 -4.97 34.34
CA PHE E 383 21.54 -5.32 33.26
C PHE E 383 22.09 -4.06 32.63
N GLU E 384 23.42 -4.01 32.47
CA GLU E 384 24.08 -2.85 31.88
C GLU E 384 24.96 -3.31 30.73
N GLU E 385 24.74 -2.71 29.56
CA GLU E 385 25.49 -3.05 28.36
C GLU E 385 26.19 -1.80 27.83
N ILE E 386 27.49 -1.92 27.58
CA ILE E 386 28.30 -0.84 27.03
C ILE E 386 28.82 -1.32 25.68
N ARG E 387 28.38 -0.68 24.60
CA ARG E 387 28.76 -1.11 23.25
C ARG E 387 29.44 0.03 22.51
N LEU E 388 30.45 -0.34 21.71
CA LEU E 388 31.18 0.59 20.87
C LEU E 388 31.22 0.05 19.45
N GLN E 389 30.89 0.88 18.47
CA GLN E 389 31.00 0.47 17.08
C GLN E 389 32.45 0.60 16.63
N MET E 390 33.12 -0.53 16.47
CA MET E 390 34.53 -0.56 16.12
C MET E 390 34.72 -0.71 14.62
N LYS E 391 35.94 -0.46 14.19
CA LYS E 391 36.34 -0.65 12.80
C LYS E 391 37.45 -1.70 12.74
N ALA E 392 37.35 -2.60 11.75
CA ALA E 392 38.26 -3.73 11.68
C ALA E 392 39.71 -3.30 11.57
N LYS E 393 39.97 -2.10 11.06
CA LYS E 393 41.34 -1.62 10.96
C LYS E 393 41.94 -1.36 12.34
N PHE E 394 41.15 -0.82 13.27
CA PHE E 394 41.65 -0.36 14.55
C PHE E 394 41.53 -1.39 15.67
N ILE E 395 40.88 -2.53 15.42
CA ILE E 395 40.57 -3.46 16.51
C ILE E 395 41.85 -4.06 17.10
N ASN E 396 42.80 -4.42 16.23
CA ASN E 396 44.03 -5.03 16.71
C ASN E 396 44.77 -4.11 17.67
N ASN E 397 44.97 -2.86 17.28
CA ASN E 397 45.65 -1.92 18.16
C ASN E 397 44.81 -1.56 19.38
N PHE E 398 43.49 -1.54 19.24
CA PHE E 398 42.63 -1.20 20.36
C PHE E 398 42.69 -2.26 21.46
N ILE E 399 42.70 -3.55 21.08
CA ILE E 399 42.58 -4.62 22.05
C ILE E 399 43.90 -5.32 22.37
N PHE E 400 44.97 -5.03 21.65
CA PHE E 400 46.26 -5.68 21.88
C PHE E 400 47.36 -4.70 22.28
N LYS E 401 47.52 -3.62 21.52
CA LYS E 401 48.60 -2.67 21.76
C LYS E 401 48.25 -1.57 22.75
N ASN E 402 47.01 -1.57 23.26
CA ASN E 402 46.54 -0.52 24.18
C ASN E 402 46.73 0.86 23.55
N ASP E 403 46.31 1.00 22.29
CA ASP E 403 46.49 2.24 21.55
C ASP E 403 45.22 3.06 21.64
N PRO E 404 45.22 4.21 22.33
CA PRO E 404 44.03 5.08 22.41
C PRO E 404 43.91 6.02 21.22
N SER E 405 44.07 5.48 20.01
CA SER E 405 43.96 6.28 18.79
C SER E 405 42.57 6.17 18.17
N TYR E 406 41.96 4.99 18.24
CA TYR E 406 40.62 4.84 17.71
C TYR E 406 39.60 5.67 18.48
N LYS E 407 39.82 5.83 19.80
CA LYS E 407 38.94 6.70 20.58
C LYS E 407 38.93 8.12 20.03
N ASN E 408 40.13 8.69 19.85
CA ASN E 408 40.23 10.04 19.31
C ASN E 408 39.67 10.12 17.90
N TYR E 409 39.96 9.12 17.07
CA TYR E 409 39.47 9.12 15.70
C TYR E 409 37.95 9.13 15.65
N LEU E 410 37.31 8.24 16.41
CA LEU E 410 35.85 8.16 16.40
C LEU E 410 35.23 9.41 17.01
N ILE E 411 35.83 9.93 18.09
CA ILE E 411 35.28 11.13 18.71
C ILE E 411 35.34 12.31 17.75
N ASN E 412 36.47 12.47 17.05
CA ASN E 412 36.58 13.56 16.09
C ASN E 412 35.61 13.38 14.93
N GLN E 413 35.47 12.15 14.44
CA GLN E 413 34.53 11.90 13.34
C GLN E 413 33.11 12.23 13.74
N LEU E 414 32.68 11.77 14.91
CA LEU E 414 31.31 12.03 15.36
C LEU E 414 31.09 13.50 15.68
N ARG E 415 32.10 14.18 16.22
CA ARG E 415 32.00 15.62 16.44
C ARG E 415 31.83 16.37 15.12
N GLU E 416 32.58 15.95 14.09
CA GLU E 416 32.39 16.55 12.77
C GLU E 416 31.02 16.24 12.21
N ARG E 417 30.45 15.09 12.56
CA ARG E 417 29.07 14.80 12.15
C ARG E 417 28.04 15.60 12.93
N GLY E 418 28.45 16.30 13.97
CA GLY E 418 27.53 17.12 14.74
C GLY E 418 27.02 16.51 16.02
N THR E 419 27.54 15.34 16.42
CA THR E 419 27.07 14.69 17.62
C THR E 419 27.28 15.58 18.85
N GLN E 420 26.29 15.59 19.73
CA GLN E 420 26.29 16.51 20.87
C GLN E 420 27.41 16.17 21.85
N LYS E 421 27.77 17.16 22.66
CA LYS E 421 28.91 17.00 23.57
C LYS E 421 28.66 15.94 24.63
N GLU E 422 27.42 15.85 25.12
CA GLU E 422 27.12 14.84 26.15
C GLU E 422 27.27 13.43 25.60
N GLU E 423 26.86 13.21 24.35
CA GLU E 423 27.03 11.90 23.74
C GLU E 423 28.51 11.57 23.56
N LEU E 424 29.31 12.56 23.17
CA LEU E 424 30.75 12.33 23.02
C LEU E 424 31.40 12.04 24.36
N GLU E 425 30.96 12.73 25.42
CA GLU E 425 31.49 12.44 26.75
C GLU E 425 31.16 11.02 27.18
N LYS E 426 29.91 10.59 26.94
CA LYS E 426 29.53 9.21 27.26
C LYS E 426 30.35 8.22 26.44
N LEU E 427 30.56 8.50 25.16
CA LEU E 427 31.34 7.60 24.31
C LEU E 427 32.78 7.51 24.80
N SER E 428 33.38 8.63 25.18
CA SER E 428 34.74 8.61 25.69
C SER E 428 34.82 7.83 27.00
N ARG E 429 33.82 8.00 27.87
CA ARG E 429 33.79 7.23 29.11
C ARG E 429 33.69 5.74 28.83
N ASP E 430 32.85 5.35 27.87
CA ASP E 430 32.73 3.95 27.50
C ASP E 430 34.04 3.40 26.94
N PHE E 431 34.70 4.18 26.08
CA PHE E 431 35.98 3.76 25.52
C PHE E 431 37.00 3.54 26.62
N ASP E 432 37.11 4.50 27.55
CA ASP E 432 38.07 4.36 28.64
C ASP E 432 37.75 3.16 29.51
N ASN E 433 36.46 2.95 29.82
CA ASN E 433 36.07 1.84 30.67
C ASN E 433 36.44 0.50 30.04
N ILE E 434 36.07 0.32 28.77
CA ILE E 434 36.34 -0.96 28.12
C ILE E 434 37.84 -1.17 27.92
N GLN E 435 38.57 -0.11 27.56
CA GLN E 435 40.01 -0.24 27.38
C GLN E 435 40.69 -0.62 28.68
N ASN E 436 40.32 0.03 29.78
CA ASN E 436 40.91 -0.30 31.08
C ASN E 436 40.54 -1.70 31.50
N PHE E 437 39.31 -2.12 31.24
CA PHE E 437 38.87 -3.48 31.58
C PHE E 437 39.72 -4.51 30.83
N ILE E 438 39.92 -4.30 29.53
CA ILE E 438 40.72 -5.22 28.74
C ILE E 438 42.17 -5.24 29.23
N VAL E 439 42.73 -4.06 29.49
CA VAL E 439 44.14 -3.97 29.88
C VAL E 439 44.37 -4.63 31.22
N GLU E 440 43.50 -4.37 32.20
CA GLU E 440 43.69 -4.92 33.54
C GLU E 440 43.42 -6.42 33.57
N GLU E 441 42.36 -6.86 32.90
CA GLU E 441 42.03 -8.28 32.93
C GLU E 441 42.82 -9.09 31.90
N LYS E 442 43.62 -8.43 31.06
CA LYS E 442 44.44 -9.11 30.06
C LYS E 442 43.60 -10.01 29.17
N LEU E 443 42.52 -9.46 28.64
CA LEU E 443 41.58 -10.21 27.83
C LEU E 443 42.03 -10.29 26.39
N GLN E 444 41.56 -11.34 25.70
CA GLN E 444 41.83 -11.55 24.30
C GLN E 444 40.75 -12.46 23.75
N PRO E 445 40.47 -12.40 22.44
CA PRO E 445 39.42 -13.26 21.88
C PRO E 445 39.67 -14.74 22.19
N VAL E 446 38.61 -15.43 22.60
CA VAL E 446 38.74 -16.81 23.04
C VAL E 446 37.88 -17.74 22.20
N LEU E 447 36.60 -17.43 22.03
CA LEU E 447 35.80 -18.37 21.25
C LEU E 447 34.71 -17.66 20.47
N ARG E 448 34.41 -18.20 19.29
CA ARG E 448 33.39 -17.64 18.41
C ARG E 448 32.12 -18.48 18.53
N ALA E 449 30.96 -17.81 18.52
CA ALA E 449 29.67 -18.48 18.54
C ALA E 449 28.80 -17.86 17.47
N THR E 450 28.31 -18.69 16.54
CA THR E 450 27.47 -18.23 15.44
C THR E 450 26.10 -18.89 15.56
N TYR E 451 25.06 -18.10 15.32
CA TYR E 451 23.70 -18.61 15.44
C TYR E 451 22.75 -17.72 14.64
N ASN E 452 21.50 -18.16 14.57
CA ASN E 452 20.42 -17.40 13.94
C ASN E 452 19.40 -17.04 15.00
N ARG E 453 19.00 -15.77 15.03
CA ARG E 453 18.17 -15.23 16.10
C ARG E 453 16.80 -14.85 15.55
N THR E 454 15.75 -15.34 16.21
CA THR E 454 14.37 -14.98 15.92
C THR E 454 13.76 -14.34 17.16
N ALA E 455 13.18 -13.16 16.99
CA ALA E 455 12.69 -12.38 18.12
C ALA E 455 11.19 -12.13 17.98
N PHE E 456 10.49 -12.20 19.11
CA PHE E 456 9.08 -11.88 19.21
C PHE E 456 8.88 -10.85 20.30
N GLN E 457 8.27 -9.72 19.94
CA GLN E 457 8.03 -8.63 20.87
C GLN E 457 7.09 -7.63 20.22
N ILE E 458 6.22 -7.04 21.04
CA ILE E 458 5.32 -5.98 20.60
C ILE E 458 6.08 -4.67 20.56
N PRO E 459 6.06 -3.94 19.44
CA PRO E 459 6.79 -2.67 19.37
C PRO E 459 6.32 -1.68 20.43
N GLY E 460 7.27 -1.03 21.08
CA GLY E 460 6.97 -0.09 22.12
C GLY E 460 6.53 -0.70 23.44
N ASP E 461 6.46 -2.02 23.52
CA ASP E 461 6.04 -2.73 24.73
C ASP E 461 7.17 -3.65 25.15
N GLN E 462 7.82 -3.32 26.26
CA GLN E 462 8.93 -4.11 26.78
C GLN E 462 8.48 -5.21 27.74
N SER E 463 7.18 -5.38 27.93
CA SER E 463 6.68 -6.28 28.97
C SER E 463 7.16 -7.71 28.75
N ILE E 464 7.09 -8.19 27.52
CA ILE E 464 7.43 -9.58 27.20
C ILE E 464 8.32 -9.58 25.97
N ARG E 465 9.42 -10.32 26.02
CA ARG E 465 10.25 -10.54 24.84
C ARG E 465 10.66 -12.01 24.78
N VAL E 466 10.61 -12.58 23.58
CA VAL E 466 11.02 -13.97 23.36
C VAL E 466 12.11 -13.99 22.31
N THR E 467 13.18 -14.74 22.57
CA THR E 467 14.31 -14.80 21.66
C THR E 467 14.76 -16.24 21.50
N ILE E 468 14.79 -16.73 20.26
CA ILE E 468 15.17 -18.11 19.96
C ILE E 468 16.44 -18.08 19.12
N ASP E 469 17.49 -18.71 19.62
CA ASP E 469 18.76 -18.84 18.91
C ASP E 469 18.91 -20.28 18.44
N SER E 470 19.07 -20.45 17.13
CA SER E 470 19.19 -21.75 16.51
C SER E 470 20.51 -21.85 15.76
N ASN E 471 20.85 -23.07 15.35
CA ASN E 471 22.06 -23.33 14.58
C ASN E 471 23.31 -22.82 15.31
N ILE E 472 23.36 -23.03 16.62
CA ILE E 472 24.46 -22.53 17.42
C ILE E 472 25.70 -23.38 17.16
N MET E 473 26.80 -22.71 16.81
CA MET E 473 28.07 -23.38 16.54
C MET E 473 29.18 -22.61 17.22
N TYR E 474 30.04 -23.33 17.95
CA TYR E 474 31.16 -22.75 18.66
C TYR E 474 32.45 -23.16 17.96
N ILE E 475 33.33 -22.18 17.75
CA ILE E 475 34.62 -22.36 17.10
C ILE E 475 35.70 -21.85 18.03
N ARG E 476 36.75 -22.66 18.21
CA ARG E 476 37.83 -22.32 19.13
C ARG E 476 38.74 -21.27 18.47
N GLU E 477 38.86 -20.11 19.12
CA GLU E 477 39.65 -19.00 18.62
C GLU E 477 40.65 -18.53 19.67
N ASP E 478 41.16 -19.46 20.47
CA ASP E 478 42.07 -19.14 21.55
C ASP E 478 43.52 -19.24 21.10
N SER E 479 44.38 -18.46 21.75
CA SER E 479 45.82 -18.48 21.47
C SER E 479 46.60 -19.04 22.65
N LEU E 480 45.98 -19.93 23.43
CA LEU E 480 46.64 -20.46 24.63
C LEU E 480 47.72 -21.48 24.27
N ASP E 481 47.57 -22.16 23.14
CA ASP E 481 48.59 -23.12 22.69
C ASP E 481 49.80 -22.34 22.19
N LYS E 482 50.82 -22.23 23.04
CA LYS E 482 51.96 -21.40 22.71
C LYS E 482 52.73 -21.96 21.51
N ASN E 483 52.87 -23.28 21.44
CA ASN E 483 53.61 -23.88 20.33
C ASN E 483 52.87 -23.68 19.00
N ARG E 484 51.58 -24.00 18.97
CA ARG E 484 50.76 -23.88 17.76
C ARG E 484 49.49 -23.13 18.09
N PRO E 485 49.54 -21.80 18.15
CA PRO E 485 48.32 -21.03 18.42
C PRO E 485 47.28 -21.23 17.33
N ILE E 486 46.01 -21.26 17.75
CA ILE E 486 44.92 -21.39 16.79
C ILE E 486 44.83 -20.16 15.91
N ARG E 487 44.98 -18.98 16.51
CA ARG E 487 45.04 -17.72 15.78
C ARG E 487 46.29 -16.97 16.19
N ASN E 488 46.75 -16.09 15.31
CA ASN E 488 47.93 -15.28 15.63
C ASN E 488 47.62 -14.38 16.82
N PRO E 489 48.46 -14.39 17.86
CA PRO E 489 48.17 -13.58 19.06
C PRO E 489 48.13 -12.09 18.78
N GLU E 490 48.66 -11.63 17.65
CA GLU E 490 48.60 -10.22 17.28
C GLU E 490 47.44 -9.92 16.33
N ASN E 491 46.57 -10.89 16.09
CA ASN E 491 45.39 -10.71 15.25
C ASN E 491 44.14 -10.97 16.10
N TRP E 492 43.07 -10.23 15.81
CA TRP E 492 41.87 -10.31 16.64
C TRP E 492 40.89 -11.39 16.19
N HIS E 493 41.15 -12.06 15.07
CA HIS E 493 40.26 -13.11 14.60
C HIS E 493 41.05 -14.10 13.76
N ARG E 494 40.47 -15.29 13.60
CA ARG E 494 41.11 -16.35 12.84
C ARG E 494 41.01 -16.04 11.35
N ASP E 495 42.14 -16.09 10.65
CA ASP E 495 42.13 -15.92 9.21
C ASP E 495 41.72 -17.20 8.48
N ASP E 496 41.71 -18.34 9.17
CA ASP E 496 41.35 -19.60 8.52
C ASP E 496 39.91 -19.61 8.06
N ILE E 497 38.98 -19.16 8.90
CA ILE E 497 37.55 -19.27 8.64
C ILE E 497 36.97 -17.97 8.10
N ASP E 498 37.81 -17.02 7.70
CA ASP E 498 37.36 -15.73 7.19
C ASP E 498 37.98 -15.44 5.84
N SER E 499 38.06 -16.46 4.98
CA SER E 499 38.62 -16.32 3.66
C SER E 499 37.53 -16.39 2.60
N ASN E 500 37.93 -16.22 1.34
CA ASN E 500 36.99 -16.23 0.23
C ASN E 500 36.63 -17.64 -0.23
N ILE E 501 37.28 -18.66 0.31
CA ILE E 501 36.93 -20.05 0.00
C ILE E 501 35.50 -20.30 0.47
N PRO E 502 34.61 -20.88 -0.35
CA PRO E 502 33.20 -20.92 0.03
C PRO E 502 32.77 -22.03 1.00
N ASN E 503 33.69 -22.86 1.50
CA ASN E 503 33.45 -23.70 2.67
C ASN E 503 34.66 -23.61 3.60
N PRO E 504 34.83 -22.46 4.27
CA PRO E 504 35.98 -22.32 5.18
C PRO E 504 35.90 -23.26 6.38
N LEU E 505 34.71 -23.76 6.69
CA LEU E 505 34.53 -24.62 7.85
C LEU E 505 35.28 -25.94 7.75
N ARG E 506 35.77 -26.30 6.56
CA ARG E 506 36.60 -27.49 6.44
C ARG E 506 37.93 -27.30 7.15
N PHE E 507 38.39 -26.06 7.29
CA PHE E 507 39.64 -25.75 7.99
C PHE E 507 39.65 -26.25 9.44
N LEU E 508 38.48 -26.38 10.06
CA LEU E 508 38.41 -26.87 11.44
C LEU E 508 38.80 -28.34 11.51
N ARG E 509 39.51 -28.69 12.58
CA ARG E 509 39.86 -30.07 12.88
C ARG E 509 39.11 -30.53 14.12
N ALA E 510 39.33 -31.78 14.50
CA ALA E 510 38.67 -32.33 15.68
C ALA E 510 39.06 -31.55 16.93
N GLY E 511 38.07 -31.20 17.73
CA GLY E 511 38.28 -30.45 18.96
C GLY E 511 38.28 -28.95 18.81
N GLU E 512 38.19 -28.43 17.58
CA GLU E 512 38.19 -26.99 17.35
C GLU E 512 36.79 -26.43 17.13
N TYR E 513 35.75 -27.26 17.16
CA TYR E 513 34.40 -26.79 16.93
C TYR E 513 33.41 -27.73 17.60
N SER E 514 32.19 -27.20 17.82
CA SER E 514 31.15 -27.96 18.49
C SER E 514 29.79 -27.37 18.14
N LYS E 515 28.83 -28.22 17.80
CA LYS E 515 27.49 -27.77 17.47
C LYS E 515 26.53 -28.05 18.62
N PHE E 516 25.74 -27.05 18.98
CA PHE E 516 24.77 -27.20 20.05
C PHE E 516 23.48 -27.80 19.49
N PRO E 517 23.01 -28.94 20.01
CA PRO E 517 21.94 -29.67 19.32
C PRO E 517 20.55 -29.03 19.45
N TYR E 518 20.32 -28.19 20.46
CA TYR E 518 18.99 -27.68 20.74
C TYR E 518 18.93 -26.18 20.51
N SER E 519 17.73 -25.67 20.21
CA SER E 519 17.53 -24.24 20.14
C SER E 519 17.45 -23.68 21.55
N VAL E 520 17.96 -22.47 21.73
CA VAL E 520 17.99 -21.82 23.05
C VAL E 520 16.97 -20.69 23.05
N MET E 521 16.01 -20.76 23.96
CA MET E 521 14.97 -19.75 24.09
C MET E 521 15.18 -18.96 25.37
N GLU E 522 15.06 -17.64 25.26
CA GLU E 522 15.09 -16.75 26.41
C GLU E 522 13.83 -15.90 26.41
N ILE E 523 13.10 -15.94 27.52
CA ILE E 523 11.91 -15.12 27.73
C ILE E 523 12.22 -14.09 28.81
N LYS E 524 12.13 -12.83 28.44
CA LYS E 524 12.33 -11.71 29.37
C LYS E 524 10.99 -11.10 29.71
N VAL E 525 10.71 -10.98 31.01
CA VAL E 525 9.50 -10.34 31.50
C VAL E 525 9.93 -9.16 32.36
N ILE E 526 9.62 -7.95 31.90
CA ILE E 526 9.98 -6.72 32.60
C ILE E 526 8.80 -6.37 33.51
N ASN E 527 8.83 -6.86 34.74
CA ASN E 527 7.79 -6.59 35.73
C ASN E 527 8.13 -5.27 36.43
N GLN E 528 7.79 -4.16 35.76
CA GLN E 528 8.05 -2.85 36.33
C GLN E 528 7.25 -2.65 37.61
N ASP E 529 5.99 -3.05 37.61
CA ASP E 529 5.15 -2.93 38.79
C ASP E 529 5.56 -3.96 39.85
N ASN E 530 5.26 -3.64 41.11
CA ASN E 530 5.56 -4.53 42.21
C ASN E 530 4.51 -5.61 42.41
N SER E 531 3.42 -5.58 41.64
CA SER E 531 2.36 -6.57 41.77
C SER E 531 2.80 -7.90 41.13
N GLN E 532 1.87 -8.83 41.05
CA GLN E 532 2.15 -10.15 40.49
C GLN E 532 2.13 -10.08 38.97
N MET E 533 2.14 -11.25 38.35
CA MET E 533 2.25 -11.35 36.89
C MET E 533 0.93 -10.94 36.26
N PRO E 534 0.88 -9.87 35.46
CA PRO E 534 -0.40 -9.37 34.91
C PRO E 534 -0.90 -10.09 33.66
N ASN E 535 -1.54 -11.24 33.90
CA ASN E 535 -2.16 -12.05 32.86
C ASN E 535 -1.15 -12.42 31.77
N TYR E 536 -0.14 -13.17 32.19
CA TYR E 536 0.83 -13.79 31.30
C TYR E 536 0.80 -15.30 31.45
N GLU E 537 -0.41 -15.86 31.48
CA GLU E 537 -0.58 -17.29 31.70
C GLU E 537 -0.01 -18.13 30.56
N TRP E 538 0.19 -17.55 29.38
CA TRP E 538 0.73 -18.32 28.27
C TRP E 538 2.22 -18.62 28.50
N ILE E 539 2.94 -17.69 29.12
CA ILE E 539 4.32 -17.98 29.53
C ILE E 539 4.34 -19.11 30.56
N LYS E 540 3.40 -19.06 31.51
CA LYS E 540 3.30 -20.12 32.51
C LYS E 540 2.97 -21.46 31.87
N ASP E 541 2.19 -21.43 30.78
CA ASP E 541 1.90 -22.67 30.06
C ASP E 541 3.14 -23.19 29.33
N LEU E 542 3.85 -22.30 28.64
CA LEU E 542 5.03 -22.72 27.89
C LEU E 542 6.11 -23.26 28.82
N THR E 543 6.34 -22.59 29.96
CA THR E 543 7.41 -23.01 30.86
C THR E 543 7.18 -24.41 31.40
N ASN E 544 5.93 -24.73 31.75
CA ASN E 544 5.58 -26.04 32.27
C ASN E 544 5.15 -27.02 31.19
N SER E 545 5.23 -26.61 29.92
CA SER E 545 4.81 -27.46 28.82
C SER E 545 5.83 -28.56 28.56
N HIS E 546 5.41 -29.54 27.75
CA HIS E 546 6.31 -30.60 27.30
C HIS E 546 7.20 -30.16 26.15
N LEU E 547 6.96 -28.97 25.60
CA LEU E 547 7.68 -28.53 24.42
C LEU E 547 9.05 -27.93 24.73
N VAL E 548 9.32 -27.60 25.99
CA VAL E 548 10.56 -26.93 26.35
C VAL E 548 11.22 -27.68 27.50
N ASN E 549 12.48 -27.33 27.76
CA ASN E 549 13.26 -27.88 28.86
C ASN E 549 13.99 -26.71 29.52
N GLU E 550 13.47 -26.26 30.67
CA GLU E 550 14.04 -25.10 31.33
C GLU E 550 15.41 -25.40 31.89
N VAL E 551 16.38 -24.56 31.55
CA VAL E 551 17.74 -24.66 32.07
C VAL E 551 18.08 -23.36 32.79
N PRO E 552 17.97 -23.32 34.11
CA PRO E 552 18.25 -22.06 34.83
C PRO E 552 19.68 -21.61 34.66
N LYS E 553 19.87 -20.30 34.59
CA LYS E 553 21.17 -19.65 34.50
C LYS E 553 22.00 -20.14 33.31
N PHE E 554 21.34 -20.51 32.22
CA PHE E 554 22.06 -20.93 31.02
C PHE E 554 22.72 -19.72 30.35
N SER E 555 23.75 -19.99 29.56
CA SER E 555 24.44 -18.95 28.82
C SER E 555 25.19 -19.55 27.65
N LEU E 556 25.15 -18.87 26.51
CA LEU E 556 25.87 -19.35 25.34
C LEU E 556 27.38 -19.38 25.59
N TYR E 557 27.90 -18.35 26.26
CA TYR E 557 29.33 -18.29 26.53
C TYR E 557 29.78 -19.42 27.44
N LEU E 558 29.03 -19.68 28.51
CA LEU E 558 29.39 -20.75 29.43
C LEU E 558 29.34 -22.11 28.75
N GLN E 559 28.30 -22.35 27.95
CA GLN E 559 28.21 -23.61 27.23
C GLN E 559 29.35 -23.76 26.23
N GLY E 560 29.71 -22.67 25.54
CA GLY E 560 30.83 -22.73 24.61
C GLY E 560 32.14 -23.05 25.31
N VAL E 561 32.39 -22.41 26.45
CA VAL E 561 33.61 -22.70 27.21
C VAL E 561 33.62 -24.14 27.67
N ALA E 562 32.49 -24.64 28.17
CA ALA E 562 32.43 -26.01 28.66
C ALA E 562 32.65 -27.01 27.53
N SER E 563 32.05 -26.76 26.36
CA SER E 563 32.12 -27.71 25.27
C SER E 563 33.48 -27.70 24.58
N LEU E 564 34.13 -26.53 24.47
CA LEU E 564 35.40 -26.43 23.77
C LEU E 564 36.61 -26.59 24.69
N PHE E 565 36.58 -25.97 25.86
CA PHE E 565 37.74 -25.97 26.76
C PHE E 565 37.52 -26.78 28.03
N GLY E 566 36.33 -27.31 28.25
CA GLY E 566 36.04 -28.03 29.49
C GLY E 566 36.83 -29.31 29.66
N GLU E 567 37.06 -30.05 28.57
CA GLU E 567 37.76 -31.32 28.65
C GLU E 567 39.25 -31.16 28.92
N ASP E 568 39.79 -29.96 28.87
CA ASP E 568 41.21 -29.70 29.11
C ASP E 568 41.37 -29.18 30.53
N ASP E 569 42.13 -29.91 31.36
CA ASP E 569 42.31 -29.51 32.74
C ASP E 569 43.25 -28.31 32.86
N LYS E 570 44.00 -28.00 31.79
CA LYS E 570 44.96 -26.91 31.87
C LYS E 570 44.28 -25.55 31.88
N TYR E 571 43.07 -25.46 31.31
CA TYR E 571 42.38 -24.18 31.18
C TYR E 571 41.16 -24.08 32.09
N VAL E 572 40.24 -25.02 32.02
CA VAL E 572 38.96 -24.94 32.71
C VAL E 572 38.93 -25.96 33.84
N ASN E 573 38.62 -25.49 35.04
CA ASN E 573 38.55 -26.34 36.23
C ASN E 573 37.19 -26.33 36.89
N ILE E 574 36.16 -25.84 36.20
CA ILE E 574 34.80 -25.81 36.75
C ILE E 574 33.82 -25.91 35.58
N LEU E 575 32.75 -26.68 35.78
CA LEU E 575 31.85 -26.98 34.68
C LEU E 575 30.41 -26.69 35.07
N PRO E 576 29.58 -26.28 34.11
CA PRO E 576 28.17 -26.01 34.41
C PRO E 576 27.43 -27.28 34.78
N PHE E 577 26.40 -27.11 35.62
CA PHE E 577 25.64 -28.25 36.11
C PHE E 577 24.72 -28.84 35.05
N TRP E 578 24.47 -28.13 33.96
CA TRP E 578 23.59 -28.61 32.91
C TRP E 578 24.29 -29.46 31.87
N LEU E 579 25.59 -29.70 32.02
CA LEU E 579 26.31 -30.52 31.05
C LEU E 579 25.73 -31.93 30.91
N PRO E 580 25.42 -32.67 32.01
CA PRO E 580 24.81 -34.00 31.86
C PRO E 580 23.31 -33.93 31.55
N ASP E 581 22.95 -33.08 30.60
CA ASP E 581 21.59 -33.05 30.05
C ASP E 581 21.55 -33.00 28.53
N LEU E 582 22.67 -32.65 27.87
CA LEU E 582 22.69 -32.61 26.41
C LEU E 582 22.62 -34.00 25.80
N GLU E 583 23.22 -35.00 26.47
CA GLU E 583 23.29 -36.34 25.90
C GLU E 583 21.93 -37.03 25.86
N THR E 584 21.05 -36.73 26.81
CA THR E 584 19.74 -37.36 26.86
C THR E 584 18.76 -36.67 25.93
N ASP E 585 17.63 -37.34 25.69
CA ASP E 585 16.56 -36.81 24.86
C ASP E 585 15.67 -35.93 25.73
N ILE E 586 15.71 -34.62 25.51
CA ILE E 586 14.91 -33.69 26.30
C ILE E 586 13.44 -33.70 25.91
N ARG E 587 13.07 -34.44 24.87
CA ARG E 587 11.67 -34.51 24.46
C ARG E 587 10.83 -35.24 25.50
N LYS E 588 9.55 -34.89 25.54
CA LYS E 588 8.60 -35.47 26.48
C LYS E 588 7.36 -35.93 25.73
N ASN E 589 6.67 -36.91 26.33
CA ASN E 589 5.50 -37.52 25.70
C ASN E 589 4.30 -36.60 25.85
N PRO E 590 3.66 -36.17 24.75
CA PRO E 590 2.51 -35.26 24.86
C PRO E 590 1.38 -35.81 25.72
N GLN E 591 1.09 -37.11 25.64
CA GLN E 591 0.09 -37.69 26.53
C GLN E 591 0.59 -37.68 27.98
N GLU E 592 1.88 -37.96 28.16
CA GLU E 592 2.49 -37.91 29.49
C GLU E 592 2.68 -36.49 29.99
N ALA E 593 2.39 -35.48 29.17
CA ALA E 593 2.41 -34.11 29.66
C ALA E 593 1.51 -33.96 30.88
N TYR E 594 0.40 -34.69 30.91
CA TYR E 594 -0.45 -34.79 32.08
C TYR E 594 -0.48 -36.22 32.64
N GLU E 595 0.60 -36.97 32.44
CA GLU E 595 0.79 -38.24 33.13
C GLU E 595 2.13 -38.31 33.84
N GLU E 596 3.19 -37.78 33.24
CA GLU E 596 4.51 -37.72 33.84
C GLU E 596 5.10 -36.32 33.86
N GLU E 597 4.80 -35.50 32.86
CA GLU E 597 5.20 -34.10 32.93
C GLU E 597 4.30 -33.32 33.89
N LYS E 598 3.03 -33.71 34.01
CA LYS E 598 2.24 -33.13 35.08
C LYS E 598 2.70 -33.59 36.45
N LYS E 599 3.46 -34.69 36.54
CA LYS E 599 4.02 -35.06 37.83
C LYS E 599 4.91 -33.95 38.36
N THR E 600 5.89 -33.53 37.54
CA THR E 600 6.73 -32.40 37.92
C THR E 600 5.93 -31.10 37.98
N LEU E 601 5.03 -30.89 37.02
CA LEU E 601 4.23 -29.67 36.99
C LEU E 601 3.46 -29.49 38.29
N GLN E 602 2.70 -30.51 38.69
CA GLN E 602 1.86 -30.42 39.88
C GLN E 602 2.67 -30.52 41.15
N LYS E 603 3.82 -31.19 41.13
CA LYS E 603 4.71 -31.15 42.29
C LYS E 603 5.19 -29.73 42.54
N GLN E 604 5.67 -29.06 41.49
CA GLN E 604 6.09 -27.66 41.63
C GLN E 604 4.90 -26.77 41.97
N LYS E 605 3.72 -27.07 41.43
CA LYS E 605 2.54 -26.28 41.76
C LYS E 605 2.17 -26.41 43.24
N SER E 606 2.15 -27.64 43.76
CA SER E 606 1.90 -27.83 45.18
C SER E 606 2.97 -27.11 46.00
N ILE E 607 4.21 -27.13 45.52
CA ILE E 607 5.29 -26.42 46.21
C ILE E 607 4.98 -24.93 46.26
N HIS E 608 4.61 -24.33 45.13
CA HIS E 608 4.39 -22.88 45.10
C HIS E 608 3.18 -22.47 45.94
N ASP E 609 2.06 -23.20 45.84
CA ASP E 609 0.91 -22.88 46.68
C ASP E 609 1.20 -23.11 48.16
N LYS E 610 1.95 -24.15 48.52
CA LYS E 610 2.28 -24.33 49.93
C LYS E 610 3.21 -23.22 50.42
N LEU E 611 4.11 -22.75 49.55
CA LEU E 611 4.97 -21.62 49.92
C LEU E 611 4.14 -20.37 50.14
N ASP E 612 3.23 -20.07 49.22
CA ASP E 612 2.38 -18.89 49.39
C ASP E 612 1.53 -19.02 50.65
N ASN E 613 1.04 -20.23 50.93
CA ASN E 613 0.21 -20.45 52.11
C ASN E 613 1.00 -20.23 53.39
N MET E 614 2.23 -20.74 53.45
CA MET E 614 2.98 -20.59 54.71
C MET E 614 3.41 -19.15 54.89
N ARG E 615 3.73 -18.46 53.79
CA ARG E 615 4.07 -17.04 53.88
C ARG E 615 2.88 -16.23 54.37
N ARG E 616 1.68 -16.54 53.88
CA ARG E 616 0.48 -15.85 54.37
C ARG E 616 0.23 -16.18 55.84
N LEU E 617 0.46 -17.43 56.24
CA LEU E 617 0.30 -17.80 57.64
C LEU E 617 1.31 -17.06 58.51
N SER E 618 2.53 -16.89 58.03
CA SER E 618 3.57 -16.18 58.77
C SER E 618 3.20 -14.71 58.96
N VAL E 722 -7.67 -0.55 -21.06
CA VAL E 722 -8.55 -0.64 -19.90
C VAL E 722 -9.89 0.01 -20.20
N LYS E 723 -10.74 0.12 -19.17
CA LYS E 723 -12.04 0.75 -19.34
C LYS E 723 -11.89 2.23 -19.71
N VAL E 724 -10.95 2.92 -19.07
CA VAL E 724 -10.73 4.34 -19.35
C VAL E 724 -10.32 4.53 -20.81
N GLU E 725 -9.39 3.69 -21.28
CA GLU E 725 -8.93 3.80 -22.66
C GLU E 725 -10.06 3.58 -23.65
N ALA E 726 -10.90 2.57 -23.40
CA ALA E 726 -12.02 2.31 -24.30
C ALA E 726 -13.03 3.46 -24.29
N LYS E 727 -13.35 3.98 -23.11
CA LYS E 727 -14.28 5.10 -23.04
C LYS E 727 -13.76 6.32 -23.79
N VAL E 728 -12.48 6.64 -23.59
CA VAL E 728 -11.90 7.82 -24.24
C VAL E 728 -11.79 7.59 -25.75
N TRP E 729 -11.50 6.37 -26.17
CA TRP E 729 -11.46 6.05 -27.59
C TRP E 729 -12.84 6.25 -28.23
N LEU E 730 -13.89 5.77 -27.57
CA LEU E 730 -15.24 6.00 -28.06
C LEU E 730 -15.57 7.48 -28.11
N ALA E 731 -15.15 8.23 -27.08
CA ALA E 731 -15.40 9.67 -27.07
C ALA E 731 -14.74 10.35 -28.25
N ASN E 732 -13.52 9.94 -28.58
CA ASN E 732 -12.84 10.51 -29.76
C ASN E 732 -13.60 10.18 -31.03
N GLU E 733 -14.09 8.94 -31.16
CA GLU E 733 -14.93 8.58 -32.30
C GLU E 733 -16.13 9.52 -32.43
N ARG E 734 -16.88 9.69 -31.32
CA ARG E 734 -18.08 10.52 -31.40
C ARG E 734 -17.74 11.98 -31.68
N THR E 735 -16.64 12.49 -31.12
CA THR E 735 -16.25 13.87 -31.40
C THR E 735 -15.93 14.06 -32.86
N PHE E 736 -15.26 13.09 -33.49
CA PHE E 736 -15.03 13.17 -34.91
C PHE E 736 -16.35 13.14 -35.69
N ASN E 737 -17.30 12.34 -35.22
CA ASN E 737 -18.61 12.31 -35.87
C ASN E 737 -19.29 13.67 -35.83
N ARG E 738 -19.24 14.35 -34.68
CA ARG E 738 -19.87 15.67 -34.57
C ARG E 738 -19.13 16.71 -35.41
N TRP E 739 -17.80 16.60 -35.50
CA TRP E 739 -17.07 17.49 -36.41
C TRP E 739 -17.51 17.28 -37.84
N LEU E 740 -17.72 16.02 -38.24
CA LEU E 740 -18.24 15.74 -39.58
C LEU E 740 -19.64 16.30 -39.77
N SER E 741 -20.46 16.27 -38.72
CA SER E 741 -21.79 16.85 -38.80
C SER E 741 -21.74 18.35 -39.05
N VAL E 742 -20.87 19.05 -38.32
CA VAL E 742 -20.70 20.48 -38.54
C VAL E 742 -20.19 20.75 -39.95
N THR E 743 -19.25 19.91 -40.42
CA THR E 743 -18.75 20.05 -41.78
C THR E 743 -19.87 19.89 -42.80
N THR E 744 -20.75 18.90 -42.61
CA THR E 744 -21.86 18.68 -43.53
C THR E 744 -22.82 19.86 -43.52
N LEU E 745 -23.10 20.42 -42.35
CA LEU E 745 -23.98 21.58 -42.28
C LEU E 745 -23.40 22.77 -43.02
N LEU E 746 -22.10 23.02 -42.82
CA LEU E 746 -21.44 24.11 -43.53
C LEU E 746 -21.44 23.87 -45.04
N SER E 747 -21.24 22.61 -45.45
CA SER E 747 -21.29 22.30 -46.88
C SER E 747 -22.67 22.55 -47.45
N VAL E 748 -23.72 22.19 -46.72
CA VAL E 748 -25.08 22.43 -47.19
C VAL E 748 -25.32 23.92 -47.37
N LEU E 749 -24.93 24.72 -46.38
CA LEU E 749 -25.07 26.18 -46.51
C LEU E 749 -24.30 26.70 -47.72
N THR E 750 -23.04 26.24 -47.87
CA THR E 750 -22.19 26.67 -48.96
C THR E 750 -22.83 26.42 -50.31
N PHE E 751 -23.27 25.19 -50.55
CA PHE E 751 -23.78 24.86 -51.87
C PHE E 751 -25.17 25.43 -52.11
N SER E 752 -25.96 25.59 -51.05
CA SER E 752 -27.24 26.26 -51.19
C SER E 752 -27.07 27.69 -51.67
N ILE E 753 -26.11 28.41 -51.11
CA ILE E 753 -25.92 29.79 -51.60
C ILE E 753 -25.18 29.80 -52.93
N TYR E 754 -24.29 28.83 -53.18
CA TYR E 754 -23.51 28.83 -54.40
C TYR E 754 -24.38 28.55 -55.62
N ASN E 755 -25.36 27.64 -55.50
CA ASN E 755 -26.21 27.31 -56.62
C ASN E 755 -27.34 28.32 -56.82
N SER E 756 -27.46 29.31 -55.94
CA SER E 756 -28.48 30.34 -56.08
C SER E 756 -27.91 31.75 -56.13
N VAL E 757 -26.59 31.90 -56.14
CA VAL E 757 -25.92 33.20 -56.27
C VAL E 757 -26.55 34.07 -57.35
N GLN E 758 -26.94 33.46 -58.48
CA GLN E 758 -27.54 34.24 -59.56
C GLN E 758 -28.88 34.83 -59.14
N LYS E 759 -29.68 34.06 -58.40
CA LYS E 759 -30.98 34.52 -57.95
C LYS E 759 -30.91 35.42 -56.72
N ALA E 760 -29.75 35.54 -56.09
CA ALA E 760 -29.61 36.42 -54.95
C ALA E 760 -29.76 37.87 -55.38
N GLU E 761 -30.23 38.70 -54.45
CA GLU E 761 -30.39 40.12 -54.74
C GLU E 761 -29.04 40.78 -55.00
N PHE E 762 -27.95 40.23 -54.46
CA PHE E 762 -26.61 40.80 -54.57
C PHE E 762 -25.65 39.66 -54.89
N PRO E 763 -25.50 39.32 -56.18
CA PRO E 763 -24.71 38.13 -56.53
C PRO E 763 -23.25 38.19 -56.11
N GLN E 764 -22.63 39.36 -56.09
CA GLN E 764 -21.23 39.45 -55.68
C GLN E 764 -21.05 39.00 -54.23
N LEU E 765 -21.92 39.51 -53.35
CA LEU E 765 -21.86 39.13 -51.95
C LEU E 765 -22.16 37.64 -51.78
N ALA E 766 -23.12 37.11 -52.54
CA ALA E 766 -23.45 35.69 -52.43
C ALA E 766 -22.27 34.82 -52.86
N ASP E 767 -21.58 35.22 -53.93
CA ASP E 767 -20.41 34.46 -54.37
C ASP E 767 -19.29 34.53 -53.34
N LEU E 768 -19.06 35.70 -52.74
CA LEU E 768 -18.06 35.80 -51.69
C LEU E 768 -18.42 34.94 -50.49
N LEU E 769 -19.69 34.92 -50.11
CA LEU E 769 -20.14 34.07 -49.01
C LEU E 769 -19.94 32.61 -49.33
N ALA E 770 -20.24 32.21 -50.57
CA ALA E 770 -20.03 30.82 -50.98
C ALA E 770 -18.56 30.45 -50.92
N TYR E 771 -17.67 31.34 -51.36
CA TYR E 771 -16.24 31.07 -51.29
C TYR E 771 -15.79 30.89 -49.85
N VAL E 772 -16.22 31.79 -48.97
CA VAL E 772 -15.81 31.73 -47.57
C VAL E 772 -16.30 30.45 -46.92
N TYR E 773 -17.56 30.08 -47.18
CA TYR E 773 -18.11 28.87 -46.56
C TYR E 773 -17.51 27.61 -47.16
N PHE E 774 -17.14 27.63 -48.44
CA PHE E 774 -16.45 26.47 -49.02
C PHE E 774 -15.10 26.25 -48.36
N PHE E 775 -14.35 27.34 -48.16
CA PHE E 775 -13.07 27.21 -47.46
C PHE E 775 -13.27 26.78 -46.01
N LEU E 776 -14.35 27.27 -45.37
CA LEU E 776 -14.67 26.83 -44.02
C LEU E 776 -14.95 25.33 -43.97
N THR E 777 -15.73 24.82 -44.93
CA THR E 777 -16.05 23.40 -44.97
C THR E 777 -14.79 22.57 -45.18
N LEU E 778 -13.93 23.00 -46.11
CA LEU E 778 -12.68 22.27 -46.34
C LEU E 778 -11.82 22.25 -45.10
N PHE E 779 -11.66 23.40 -44.43
CA PHE E 779 -10.86 23.45 -43.22
C PHE E 779 -11.46 22.58 -42.13
N CYS E 780 -12.79 22.60 -41.99
CA CYS E 780 -13.43 21.80 -40.96
C CYS E 780 -13.17 20.33 -41.18
N GLY E 781 -13.31 19.86 -42.42
CA GLY E 781 -13.04 18.46 -42.70
C GLY E 781 -11.60 18.08 -42.43
N VAL E 782 -10.65 18.86 -42.94
CA VAL E 782 -9.25 18.48 -42.81
C VAL E 782 -8.80 18.56 -41.35
N TRP E 783 -9.24 19.59 -40.62
CA TRP E 783 -8.87 19.74 -39.23
C TRP E 783 -9.52 18.66 -38.37
N ALA E 784 -10.77 18.30 -38.67
CA ALA E 784 -11.41 17.21 -37.96
C ALA E 784 -10.63 15.92 -38.11
N TYR E 785 -10.26 15.57 -39.35
CA TYR E 785 -9.50 14.35 -39.55
C TYR E 785 -8.12 14.43 -38.88
N ARG E 786 -7.45 15.58 -39.00
CA ARG E 786 -6.12 15.73 -38.43
C ARG E 786 -6.14 15.55 -36.91
N THR E 787 -7.08 16.23 -36.23
CA THR E 787 -7.13 16.10 -34.78
C THR E 787 -7.65 14.75 -34.34
N TYR E 788 -8.50 14.11 -35.15
CA TYR E 788 -8.89 12.74 -34.87
C TYR E 788 -7.67 11.82 -34.88
N LEU E 789 -6.82 11.95 -35.89
CA LEU E 789 -5.60 11.14 -35.94
C LEU E 789 -4.67 11.45 -34.77
N LYS E 790 -4.49 12.75 -34.46
CA LYS E 790 -3.59 13.13 -33.38
C LYS E 790 -4.07 12.59 -32.04
N ARG E 791 -5.37 12.73 -31.77
CA ARG E 791 -5.90 12.21 -30.52
C ARG E 791 -5.88 10.69 -30.48
N LEU E 792 -6.09 10.03 -31.62
CA LEU E 792 -5.97 8.58 -31.65
C LEU E 792 -4.55 8.14 -31.29
N THR E 793 -3.56 8.82 -31.84
CA THR E 793 -2.17 8.54 -31.50
C THR E 793 -1.93 8.76 -30.00
N LEU E 794 -2.51 9.83 -29.46
CA LEU E 794 -2.36 10.08 -28.03
C LEU E 794 -3.00 8.98 -27.17
N ILE E 795 -4.17 8.48 -27.57
CA ILE E 795 -4.83 7.46 -26.76
C ILE E 795 -4.09 6.12 -26.85
N LYS E 796 -3.69 5.71 -28.05
CA LYS E 796 -2.97 4.44 -28.14
C LYS E 796 -1.56 4.58 -27.55
N GLY E 797 -0.87 5.66 -27.89
CA GLY E 797 0.38 6.02 -27.25
C GLY E 797 0.14 6.81 -25.98
N ARG E 798 -0.19 6.13 -24.89
CA ARG E 798 -0.82 6.79 -23.75
C ARG E 798 0.12 7.77 -23.07
N SER E 799 0.42 8.87 -23.75
CA SER E 799 1.25 9.94 -23.22
C SER E 799 0.78 11.25 -23.82
N GLY E 800 0.71 12.28 -22.98
CA GLY E 800 0.21 13.57 -23.41
C GLY E 800 -0.53 14.28 -22.30
N LYS E 801 -0.25 15.57 -22.10
CA LYS E 801 -0.81 16.29 -20.97
C LYS E 801 -2.32 16.46 -21.10
N HIS E 802 -2.79 16.87 -22.27
CA HIS E 802 -4.19 17.18 -22.49
C HIS E 802 -4.66 16.57 -23.80
N LEU E 803 -5.97 16.32 -23.88
CA LEU E 803 -6.61 15.82 -25.08
C LEU E 803 -7.52 16.85 -25.73
N ASP E 804 -7.12 18.11 -25.67
CA ASP E 804 -7.88 19.21 -26.25
C ASP E 804 -7.16 19.79 -27.45
N ALA E 805 -7.89 20.62 -28.20
CA ALA E 805 -7.34 21.30 -29.37
C ALA E 805 -8.20 22.51 -29.69
N PRO E 806 -8.03 23.62 -28.95
CA PRO E 806 -8.96 24.76 -29.11
C PRO E 806 -8.70 25.61 -30.34
N VAL E 807 -7.57 25.41 -31.04
CA VAL E 807 -7.21 26.31 -32.14
C VAL E 807 -8.25 26.24 -33.25
N GLY E 808 -8.64 25.03 -33.65
CA GLY E 808 -9.59 24.83 -34.71
C GLY E 808 -10.98 25.37 -34.39
N PRO E 809 -11.52 24.98 -33.24
CA PRO E 809 -12.81 25.56 -32.83
C PRO E 809 -12.80 27.08 -32.76
N ILE E 810 -11.76 27.65 -32.16
CA ILE E 810 -11.70 29.10 -32.02
C ILE E 810 -11.64 29.77 -33.39
N LEU E 811 -10.82 29.24 -34.30
CA LEU E 811 -10.68 29.87 -35.61
C LEU E 811 -11.94 29.72 -36.43
N VAL E 812 -12.59 28.55 -36.36
CA VAL E 812 -13.86 28.36 -37.06
C VAL E 812 -14.89 29.35 -36.57
N ALA E 813 -15.00 29.51 -35.24
CA ALA E 813 -16.02 30.39 -34.69
C ALA E 813 -15.74 31.85 -35.03
N VAL E 814 -14.49 32.29 -34.93
CA VAL E 814 -14.18 33.68 -35.24
C VAL E 814 -14.36 33.95 -36.73
N VAL E 815 -14.07 32.97 -37.58
CA VAL E 815 -14.27 33.13 -39.00
C VAL E 815 -15.75 33.24 -39.32
N LEU E 816 -16.58 32.44 -38.64
CA LEU E 816 -18.03 32.55 -38.82
C LEU E 816 -18.53 33.91 -38.38
N ILE E 817 -18.04 34.41 -37.25
CA ILE E 817 -18.47 35.73 -36.76
C ILE E 817 -18.09 36.80 -37.78
N VAL E 818 -16.85 36.76 -38.27
CA VAL E 818 -16.38 37.75 -39.23
C VAL E 818 -17.18 37.66 -40.52
N THR E 819 -17.48 36.44 -40.98
CA THR E 819 -18.24 36.27 -42.20
C THR E 819 -19.65 36.84 -42.07
N LEU E 820 -20.32 36.55 -40.94
CA LEU E 820 -21.66 37.08 -40.73
C LEU E 820 -21.64 38.61 -40.65
N VAL E 821 -20.66 39.17 -39.95
CA VAL E 821 -20.58 40.63 -39.83
C VAL E 821 -20.32 41.26 -41.19
N VAL E 822 -19.43 40.68 -41.99
CA VAL E 822 -19.14 41.21 -43.32
C VAL E 822 -20.37 41.13 -44.20
N ASN E 823 -21.11 40.02 -44.12
CA ASN E 823 -22.34 39.89 -44.90
C ASN E 823 -23.34 40.98 -44.52
N PHE E 824 -23.52 41.21 -43.22
CA PHE E 824 -24.44 42.24 -42.77
C PHE E 824 -24.00 43.61 -43.26
N SER E 825 -22.70 43.90 -43.13
CA SER E 825 -22.19 45.20 -43.55
C SER E 825 -22.43 45.44 -45.04
N VAL E 826 -22.06 44.46 -45.88
CA VAL E 826 -22.25 44.61 -47.32
C VAL E 826 -23.73 44.71 -47.64
N ALA E 827 -24.59 44.01 -46.90
CA ALA E 827 -26.03 44.12 -47.14
C ALA E 827 -26.60 45.44 -46.65
N PHE E 828 -25.85 46.22 -45.86
CA PHE E 828 -26.32 47.52 -45.43
C PHE E 828 -25.30 48.64 -45.68
N LYS E 829 -24.39 48.46 -46.64
CA LYS E 829 -23.42 49.49 -46.98
C LYS E 829 -23.28 49.52 -48.51
N GLU E 830 -22.20 50.14 -48.99
CA GLU E 830 -22.02 50.61 -50.36
C GLU E 830 -22.70 49.75 -51.43
N ALA E 831 -22.55 48.43 -51.34
CA ALA E 831 -23.19 47.54 -52.30
C ALA E 831 -24.71 47.57 -52.17
N ALA E 832 -25.22 47.78 -50.96
CA ALA E 832 -26.65 47.78 -50.69
C ALA E 832 -27.02 48.98 -49.81
N ARG E 833 -26.54 50.16 -50.21
CA ARG E 833 -26.64 51.35 -49.35
C ARG E 833 -28.09 51.70 -49.04
N ARG E 834 -28.51 51.45 -47.81
CA ARG E 834 -29.82 51.85 -47.32
C ARG E 834 -29.81 52.49 -45.94
N GLU E 835 -28.78 52.26 -45.12
CA GLU E 835 -28.78 52.73 -43.74
C GLU E 835 -27.33 52.94 -43.32
N ARG E 836 -26.89 54.19 -43.31
CA ARG E 836 -25.53 54.51 -42.85
C ARG E 836 -25.42 54.40 -41.34
N GLY E 837 -26.33 55.06 -40.62
CA GLY E 837 -26.40 54.94 -39.17
C GLY E 837 -27.67 54.26 -38.72
N LEU E 838 -28.63 55.05 -38.27
CA LEU E 838 -29.97 54.57 -37.92
C LEU E 838 -30.96 55.27 -38.85
N VAL E 839 -31.31 54.61 -39.96
CA VAL E 839 -32.10 55.20 -41.03
C VAL E 839 -33.43 54.48 -41.19
N ASN E 840 -33.41 53.16 -41.23
CA ASN E 840 -34.63 52.41 -41.53
C ASN E 840 -35.64 52.52 -40.39
N VAL E 841 -36.89 52.83 -40.76
CA VAL E 841 -37.98 53.03 -39.83
C VAL E 841 -39.18 52.20 -40.29
N SER E 842 -40.28 52.33 -39.57
CA SER E 842 -41.50 51.58 -39.89
C SER E 842 -42.29 52.27 -40.99
N SER E 843 -41.66 52.48 -42.15
CA SER E 843 -42.33 53.08 -43.30
C SER E 843 -42.02 52.37 -44.62
N GLN E 844 -41.25 51.29 -44.60
CA GLN E 844 -40.91 50.52 -45.79
C GLN E 844 -40.30 51.38 -46.88
C1 IHP F . -11.12 -15.01 26.13
C2 IHP F . -12.42 -15.48 25.45
C3 IHP F . -13.31 -16.41 26.27
C4 IHP F . -12.79 -16.88 27.65
C5 IHP F . -11.27 -16.91 27.88
C6 IHP F . -10.40 -16.10 26.91
O11 IHP F . -10.22 -14.57 25.13
P1 IHP F . -10.50 -13.20 24.27
O21 IHP F . -11.57 -13.43 23.23
O31 IHP F . -10.94 -12.08 25.19
O41 IHP F . -9.23 -12.79 23.57
O12 IHP F . -12.07 -16.14 24.24
P2 IHP F . -13.22 -16.26 23.07
O22 IHP F . -12.61 -16.00 21.72
O32 IHP F . -13.81 -17.66 23.10
O42 IHP F . -14.32 -15.26 23.33
O13 IHP F . -14.52 -15.74 26.51
P3 IHP F . -15.95 -16.57 26.35
O23 IHP F . -16.25 -16.78 24.89
O33 IHP F . -15.82 -17.91 27.02
O43 IHP F . -17.06 -15.78 26.99
O14 IHP F . -13.37 -16.11 28.67
P4 IHP F . -14.16 -16.90 29.87
O24 IHP F . -13.73 -18.35 29.89
O34 IHP F . -13.83 -16.27 31.21
O44 IHP F . -15.65 -16.83 29.64
O15 IHP F . -11.03 -16.44 29.19
P5 IHP F . -10.11 -17.35 30.20
O25 IHP F . -10.48 -17.03 31.64
O35 IHP F . -10.37 -18.81 29.94
O45 IHP F . -8.65 -17.05 29.97
O16 IHP F . -9.78 -16.98 25.99
P6 IHP F . -8.34 -17.67 26.41
O26 IHP F . -8.53 -18.60 27.58
O36 IHP F . -7.37 -16.57 26.79
O46 IHP F . -7.79 -18.44 25.23
C1 IHP G . 6.19 10.57 -0.16
C2 IHP G . 5.34 9.99 -1.29
C3 IHP G . 5.73 8.50 -1.45
C4 IHP G . 5.25 7.81 -0.17
C5 IHP G . 6.09 8.40 0.97
C6 IHP G . 5.70 9.88 1.12
O11 IHP G . 7.52 10.18 -0.40
P1 IHP G . 8.81 10.85 0.39
O21 IHP G . 8.70 12.35 0.37
O31 IHP G . 8.87 10.35 1.81
O41 IHP G . 10.06 10.42 -0.31
O12 IHP G . 5.46 10.75 -2.47
P2 IHP G . 4.28 11.88 -2.68
O22 IHP G . 4.83 13.25 -2.35
O32 IHP G . 3.79 11.86 -4.11
O42 IHP G . 3.13 11.58 -1.75
O13 IHP G . 5.19 7.88 -2.59
P3 IHP G . 5.75 6.37 -2.98
O23 IHP G . 5.10 5.30 -2.12
O33 IHP G . 5.45 6.08 -4.43
O43 IHP G . 7.24 6.30 -2.74
O14 IHP G . 3.92 8.19 0.09
P4 IHP G . 2.65 7.84 -0.92
O24 IHP G . 2.59 8.78 -2.09
O34 IHP G . 1.37 8.00 -0.13
O44 IHP G . 2.77 6.43 -1.43
O15 IHP G . 5.94 7.65 2.16
P5 IHP G . 7.21 6.71 2.58
O25 IHP G . 7.87 6.16 1.33
O35 IHP G . 8.22 7.52 3.34
O45 IHP G . 6.73 5.55 3.43
O16 IHP G . 6.24 10.51 2.25
P6 IHP G . 5.45 11.82 2.86
O26 IHP G . 4.95 12.71 1.75
O36 IHP G . 6.40 12.61 3.73
O46 IHP G . 4.27 11.36 3.70
O12 PC1 H . -39.30 36.36 -52.90
P PC1 H . -38.14 35.99 -53.78
O14 PC1 H . -38.65 35.70 -55.18
O13 PC1 H . -37.06 37.23 -53.84
C11 PC1 H . -37.50 38.50 -54.21
C12 PC1 H . -36.35 39.25 -54.90
N PC1 H . -36.59 39.37 -56.32
C13 PC1 H . -36.87 38.07 -56.92
C14 PC1 H . -37.73 40.25 -56.55
C15 PC1 H . -35.42 39.94 -56.96
O11 PC1 H . -37.39 34.65 -53.19
C1 PC1 H . -36.16 34.30 -53.75
C2 PC1 H . -35.84 32.85 -53.42
O21 PC1 H . -36.22 32.58 -52.10
C21 PC1 H . -37.02 31.44 -51.98
O22 PC1 H . -37.82 31.18 -52.81
C22 PC1 H . -36.87 30.52 -50.76
C23 PC1 H . -35.78 31.08 -49.84
C24 PC1 H . -35.92 30.51 -48.43
C25 PC1 H . -36.10 28.99 -48.51
C26 PC1 H . -37.30 28.59 -47.66
C27 PC1 H . -36.83 28.05 -46.31
C28 PC1 H . -37.50 26.71 -46.04
C29 PC1 H . -36.74 25.98 -44.94
C2A PC1 H . -36.24 24.64 -45.47
C2B PC1 H . -35.14 24.87 -46.50
C2C PC1 H . -33.80 25.06 -45.80
C2D PC1 H . -32.79 25.69 -46.77
C2E PC1 H . -33.04 27.20 -46.86
C2F PC1 H . -32.92 27.82 -45.47
C2G PC1 H . -33.47 29.24 -45.49
C2H PC1 H . -33.86 29.66 -44.08
C2I PC1 H . -34.76 30.89 -44.13
C3 PC1 H . -34.34 32.60 -53.54
O31 PC1 H . -33.90 32.08 -52.31
C31 PC1 H . -32.96 31.06 -52.42
O32 PC1 H . -32.50 30.77 -53.48
C32 PC1 H . -32.50 30.32 -51.17
C33 PC1 H . -31.25 29.50 -51.48
C34 PC1 H . -30.63 29.02 -50.18
C35 PC1 H . -30.47 30.22 -49.24
C36 PC1 H . -29.39 29.91 -48.19
C37 PC1 H . -29.66 28.56 -47.54
C38 PC1 H . -29.23 28.61 -46.08
C39 PC1 H . -28.71 27.24 -45.67
C3A PC1 H . -28.44 27.24 -44.17
C3B PC1 H . -27.82 25.91 -43.75
C3C PC1 H . -28.73 25.21 -42.76
C3D PC1 H . -30.05 24.86 -43.44
C3E PC1 H . -31.21 25.11 -42.49
C3F PC1 H . -31.19 26.55 -41.99
C3G PC1 H . -32.62 27.07 -41.89
C3H PC1 H . -33.38 26.27 -40.84
C3I PC1 H . -32.89 26.67 -39.45
C1 IHP I . 37.09 4.84 2.18
C2 IHP I . 37.24 3.44 2.83
C3 IHP I . 38.04 3.43 4.13
C4 IHP I . 37.47 4.49 5.08
C5 IHP I . 37.82 5.84 4.47
C6 IHP I . 37.08 6.06 3.14
O11 IHP I . 37.98 5.07 1.10
P1 IHP I . 39.64 4.95 1.16
O21 IHP I . 40.17 5.30 2.53
O31 IHP I . 40.07 3.56 0.80
O41 IHP I . 40.22 5.91 0.15
O12 IHP I . 37.82 2.54 1.90
P2 IHP I . 37.02 1.15 1.54
O22 IHP I . 38.01 0.05 1.26
O32 IHP I . 36.14 0.75 2.71
O42 IHP I . 36.15 1.38 0.33
O13 IHP I . 37.96 2.16 4.73
P3 IHP I . 39.34 1.26 4.78
O23 IHP I . 39.09 -0.02 5.54
O33 IHP I . 39.78 0.94 3.38
O43 IHP I . 40.42 2.05 5.48
O14 IHP I . 36.06 4.35 5.11
P4 IHP I . 35.18 4.78 6.43
O24 IHP I . 35.72 4.10 7.66
O34 IHP I . 33.74 4.37 6.22
O44 IHP I . 35.23 6.28 6.63
O15 IHP I . 37.53 6.89 5.36
P5 IHP I . 38.58 7.19 6.59
O25 IHP I . 39.84 6.37 6.39
O35 IHP I . 38.93 8.65 6.62
O45 IHP I . 37.94 6.79 7.90
O16 IHP I . 37.63 7.18 2.49
P6 IHP I . 36.61 8.17 1.66
O26 IHP I . 35.19 7.92 2.11
O36 IHP I . 36.74 7.90 0.18
O46 IHP I . 36.99 9.60 1.94
P PO4 J . -20.77 6.85 -19.36
O1 PO4 J . -22.22 7.18 -19.57
O2 PO4 J . -20.15 6.44 -20.68
O3 PO4 J . -20.04 8.05 -18.82
O4 PO4 J . -20.66 5.70 -18.38
P PO4 K . -22.28 9.25 -22.60
O1 PO4 K . -23.77 9.47 -22.69
O2 PO4 K . -22.00 7.77 -22.62
O3 PO4 K . -21.76 9.84 -21.31
O4 PO4 K . -21.60 9.92 -23.76
O12 PC1 L . -36.67 30.43 -59.29
P PC1 L . -36.33 29.06 -58.74
O14 PC1 L . -37.58 28.44 -58.17
O13 PC1 L . -35.73 28.11 -59.93
C11 PC1 L . -36.42 28.02 -61.14
C12 PC1 L . -36.10 26.68 -61.80
N PC1 L . -37.24 25.77 -61.73
C13 PC1 L . -37.72 25.65 -60.37
C14 PC1 L . -38.31 26.28 -62.58
C15 PC1 L . -36.83 24.47 -62.20
O11 PC1 L . -35.21 29.22 -57.54
C1 PC1 L . -34.00 28.53 -57.67
C2 PC1 L . -33.35 28.32 -56.32
O21 PC1 L . -33.06 26.95 -56.16
C21 PC1 L . -31.84 26.66 -55.53
O22 PC1 L . -30.85 26.63 -56.18
C22 PC1 L . -31.79 26.37 -54.04
C23 PC1 L . -30.66 25.40 -53.75
C24 PC1 L . -31.21 24.13 -53.11
C25 PC1 L . -31.55 24.41 -51.65
C26 PC1 L . -31.48 23.10 -50.86
C27 PC1 L . -31.54 23.39 -49.37
C28 PC1 L . -31.39 22.09 -48.58
C29 PC1 L . -31.11 22.43 -47.11
C2A PC1 L . -31.04 21.15 -46.26
C2B PC1 L . -30.45 21.50 -44.90
C2C PC1 L . -31.27 20.85 -43.78
C2D PC1 L . -30.79 21.43 -42.44
C2E PC1 L . -31.93 21.45 -41.43
C2F PC1 L . -33.17 22.11 -42.06
C2G PC1 L . -34.39 21.82 -41.19
C2H PC1 L . -35.65 22.24 -41.93
C2I PC1 L . -35.75 23.76 -41.96
C3 PC1 L . -34.31 28.78 -55.22
O31 PC1 L . -35.19 27.75 -54.89
C31 PC1 L . -35.95 27.98 -53.74
O32 PC1 L . -36.97 28.59 -53.82
C32 PC1 L . -35.47 27.48 -52.39
C33 PC1 L . -35.98 26.06 -52.19
C34 PC1 L . -36.77 25.96 -50.89
C35 PC1 L . -36.10 24.96 -49.95
C36 PC1 L . -36.06 23.59 -50.62
C37 PC1 L . -35.79 22.52 -49.57
C38 PC1 L . -35.59 21.17 -50.26
C39 PC1 L . -35.70 20.06 -49.23
C3A PC1 L . -35.76 18.71 -49.96
C3B PC1 L . -36.30 17.64 -49.03
C3C PC1 L . -35.24 16.57 -48.85
C3D PC1 L . -35.68 15.56 -47.79
C3E PC1 L . -34.51 14.62 -47.48
C3F PC1 L . -33.98 14.02 -48.78
C3G PC1 L . -33.88 12.50 -48.65
C3H PC1 L . -32.85 12.14 -47.58
C3I PC1 L . -32.26 10.77 -47.89
#